data_7L88
#
_entry.id   7L88
#
loop_
_entity.id
_entity.type
_entity.pdbx_description
1 polymer 'BG505 SOSIP MD39 - gp120'
2 polymer 'BG505 SOSIP MD39 - gp41'
3 polymer 'Rh.32034 pAbC-3 - Heavy Chain'
4 polymer 'Rh.32034 pAbC-3 - Light Chain'
5 branched 2-acetamido-2-deoxy-beta-D-glucopyranose-(1-4)-2-acetamido-2-deoxy-beta-D-glucopyranose
6 branched alpha-D-mannopyranose-(1-3)-[alpha-D-mannopyranose-(1-6)]beta-D-mannopyranose-(1-4)-2-acetamido-2-deoxy-beta-D-glucopyranose-(1-4)-2-acetamido-2-deoxy-beta-D-glucopyranose
7 branched alpha-D-mannopyranose-(1-3)-beta-D-mannopyranose-(1-4)-2-acetamido-2-deoxy-beta-D-glucopyranose-(1-4)-2-acetamido-2-deoxy-beta-D-glucopyranose
8 non-polymer 2-acetamido-2-deoxy-beta-D-glucopyranose
#
loop_
_entity_poly.entity_id
_entity_poly.type
_entity_poly.pdbx_seq_one_letter_code
_entity_poly.pdbx_strand_id
1 'polypeptide(L)'
;MGILPSPGMPALLSLVSLLMGCVAETGAENLWVTVYYGVPVWKDAETTLFCASDAKAYETKKHNVWATHCCVPTDPNPQE
IHLENVTEEFNMWKNNMVEQMHEDIISLWDQSLKPCVKLTPLCVTLQCTNVTNNITDDMRGELKNCSFNMTTELRDKKQK
VYSLFYRLDVVQINENQGNRSNNSNKEYRLINCNTSAITQACPKVSFEPIPIHYCAPAGFAILKCKDKKFNGTGPCPSVS
TVQCTHGIKPVVSTQLLLNGSLAEEEVIIRSENITNNAKNILVQLNTPVQINCTRPNNNTVKSIRIGPGQWFYYTGDIIG
DIRQAHCNVSKATWNETLGKVVKQLRKHFGNNTIIRFAQSSGGDLEVTTHSFNCGGEFFYCNTSGLFNSTWISNTSVQGS
NSTGSNDSITLPCRIKQIINMWQRIGQAMYAPPIQGVIRCVSNITGLILTRDGGSTNSTTETFRPGGGDMRDNWRSELYK
YKVVKIEPLGVAPTRCKR
;
D,A,C
2 'polypeptide(L)'
;SLGFLGAAGSTMGAASMTLTVQARNLLSGIVQQQSNLLRAPECQQHLLKLTHWGIKQLQARVLAVEHYLRDQQLLGIWGC
SGKLICCTNVPWNSSWSNRNLSEIWDNMTWLQWDKEISNYTQIIYGLLEESQNQQEKNEQDLLALD
;
F,B,E
3 'polypeptide(L)'
;(UNK)(UNK)(UNK)(UNK)(UNK)(UNK)(UNK)(UNK)(UNK)(UNK)(UNK)(UNK)(UNK)(UNK)(UNK)(UNK)
(UNK)(UNK)(UNK)(UNK)(UNK)(UNK)(UNK)(UNK)(UNK)(UNK)(UNK)(UNK)(UNK)(UNK)(UNK)(UNK)
(UNK)(UNK)(UNK)(UNK)(UNK)(UNK)(UNK)(UNK)(UNK)(UNK)(UNK)(UNK)(UNK)(UNK)(UNK)(UNK)
(UNK)(UNK)(UNK)(UNK)(UNK)(UNK)(UNK)(UNK)(UNK)(UNK)(UNK)(UNK)(UNK)(UNK)(UNK)(UNK)
(UNK)(UNK)(UNK)(UNK)(UNK)(UNK)(UNK)(UNK)(UNK)(UNK)(UNK)(UNK)(UNK)(UNK)(UNK)(UNK)
(UNK)(UNK)(UNK)(UNK)(UNK)(UNK)(UNK)(UNK)(UNK)(UNK)(UNK)(UNK)(UNK)(UNK)(UNK)(UNK)
(UNK)(UNK)(UNK)(UNK)(UNK)(UNK)(UNK)(UNK)(UNK)(UNK)(UNK)(UNK)(UNK)(UNK)(UNK)(UNK)
(UNK)(UNK)
;
H
4 'polypeptide(L)'
;(UNK)(UNK)(UNK)(UNK)(UNK)(UNK)(UNK)(UNK)(UNK)(UNK)(UNK)(UNK)(UNK)(UNK)(UNK)(UNK)
(UNK)(UNK)(UNK)(UNK)(UNK)(UNK)(UNK)(UNK)(UNK)(UNK)(UNK)(UNK)(UNK)(UNK)(UNK)(UNK)
(UNK)(UNK)(UNK)(UNK)(UNK)(UNK)(UNK)(UNK)(UNK)(UNK)(UNK)(UNK)(UNK)(UNK)(UNK)(UNK)
(UNK)(UNK)(UNK)(UNK)(UNK)(UNK)(UNK)(UNK)(UNK)(UNK)(UNK)(UNK)(UNK)(UNK)(UNK)(UNK)
(UNK)(UNK)(UNK)(UNK)(UNK)(UNK)(UNK)(UNK)(UNK)(UNK)(UNK)(UNK)(UNK)(UNK)(UNK)(UNK)
(UNK)(UNK)(UNK)(UNK)(UNK)(UNK)(UNK)(UNK)(UNK)(UNK)(UNK)(UNK)(UNK)(UNK)(UNK)(UNK)
(UNK)(UNK)(UNK)(UNK)(UNK)(UNK)(UNK)(UNK)(UNK)(UNK)(UNK)
;
L
#
# COMPACT_ATOMS: atom_id res chain seq x y z
N ASN A 30 -4.20 34.98 37.08
CA ASN A 30 -4.53 33.81 37.89
C ASN A 30 -5.13 32.61 37.09
N LEU A 31 -5.05 32.65 35.75
CA LEU A 31 -5.56 31.63 34.82
C LEU A 31 -4.43 30.87 34.19
N TRP A 32 -4.71 29.63 33.83
CA TRP A 32 -3.75 28.70 33.26
C TRP A 32 -4.23 28.11 31.95
N VAL A 33 -3.28 27.75 31.10
CA VAL A 33 -3.63 27.14 29.83
C VAL A 33 -4.10 25.71 30.04
N THR A 34 -5.25 25.36 29.47
CA THR A 34 -5.71 23.99 29.48
C THR A 34 -5.89 23.51 28.06
N VAL A 35 -5.34 22.35 27.80
CA VAL A 35 -5.36 21.75 26.50
C VAL A 35 -6.53 20.80 26.39
N TYR A 36 -7.29 20.92 25.31
CA TYR A 36 -8.41 20.03 25.08
C TYR A 36 -8.28 19.32 23.75
N TYR A 37 -8.57 18.03 23.75
CA TYR A 37 -8.52 17.25 22.53
C TYR A 37 -9.86 16.63 22.24
N GLY A 38 -10.35 16.85 21.03
CA GLY A 38 -11.66 16.39 20.61
C GLY A 38 -12.61 17.58 20.52
N VAL A 39 -12.04 18.76 20.35
CA VAL A 39 -12.78 20.00 20.25
C VAL A 39 -13.53 20.06 18.92
N PRO A 40 -14.85 20.34 18.89
CA PRO A 40 -15.67 20.34 17.70
C PRO A 40 -15.52 21.55 16.79
N VAL A 41 -14.33 21.70 16.21
CA VAL A 41 -14.04 22.79 15.29
C VAL A 41 -13.45 22.31 14.00
N TRP A 42 -13.49 23.16 12.99
CA TRP A 42 -12.98 22.84 11.68
C TRP A 42 -12.52 24.03 10.89
N LYS A 43 -11.80 23.73 9.80
CA LYS A 43 -11.33 24.72 8.84
C LYS A 43 -11.62 24.33 7.40
N ASP A 44 -11.78 25.32 6.54
CA ASP A 44 -11.96 24.98 5.13
C ASP A 44 -10.76 24.21 4.67
N ALA A 45 -10.96 23.15 3.89
CA ALA A 45 -9.80 22.40 3.45
C ALA A 45 -10.03 21.70 2.15
N GLU A 46 -8.95 21.40 1.46
CA GLU A 46 -9.07 20.67 0.22
C GLU A 46 -8.39 19.34 0.34
N THR A 47 -9.16 18.29 0.18
CA THR A 47 -8.60 16.95 0.24
C THR A 47 -9.19 16.15 -0.86
N THR A 48 -8.72 14.93 -1.01
CA THR A 48 -9.21 14.03 -2.02
C THR A 48 -10.37 13.22 -1.50
N LEU A 49 -11.46 13.20 -2.24
CA LEU A 49 -12.63 12.44 -1.84
C LEU A 49 -12.63 11.13 -2.57
N PHE A 50 -13.32 10.14 -2.05
CA PHE A 50 -13.40 8.87 -2.75
C PHE A 50 -14.85 8.58 -3.06
N CYS A 51 -15.13 7.71 -4.07
CA CYS A 51 -16.48 7.35 -4.47
C CYS A 51 -16.93 6.08 -3.76
N ALA A 52 -18.23 6.03 -3.47
CA ALA A 52 -18.82 4.88 -2.85
C ALA A 52 -19.90 4.14 -3.68
N SER A 53 -20.33 4.66 -4.81
CA SER A 53 -21.36 3.95 -5.58
C SER A 53 -22.60 3.50 -4.71
N ASP A 54 -22.98 2.19 -4.74
CA ASP A 54 -24.10 1.58 -4.02
C ASP A 54 -23.91 0.06 -4.02
N HIS A 63 -22.18 -4.28 -16.84
CA HIS A 63 -21.02 -3.39 -16.94
C HIS A 63 -21.47 -1.97 -17.26
N ASN A 64 -20.67 -0.96 -16.82
CA ASN A 64 -20.94 0.47 -17.02
C ASN A 64 -19.68 1.27 -17.23
N VAL A 65 -19.87 2.40 -17.87
CA VAL A 65 -18.85 3.35 -18.24
C VAL A 65 -18.27 4.11 -17.04
N TRP A 66 -18.87 3.99 -15.87
CA TRP A 66 -18.36 4.75 -14.74
C TRP A 66 -17.52 3.83 -13.90
N ALA A 67 -17.36 2.58 -14.33
CA ALA A 67 -16.55 1.62 -13.61
C ALA A 67 -16.88 1.64 -12.14
N THR A 68 -18.16 1.52 -11.81
CA THR A 68 -18.59 1.64 -10.42
C THR A 68 -18.08 0.55 -9.51
N HIS A 69 -17.55 -0.53 -10.07
CA HIS A 69 -16.99 -1.62 -9.30
C HIS A 69 -15.71 -1.19 -8.61
N CYS A 70 -15.16 -0.05 -9.03
CA CYS A 70 -13.94 0.52 -8.45
C CYS A 70 -14.19 1.32 -7.14
N CYS A 71 -15.47 1.56 -6.75
CA CYS A 71 -15.91 2.36 -5.61
C CYS A 71 -16.15 1.49 -4.36
N VAL A 72 -16.11 2.15 -3.21
CA VAL A 72 -16.36 1.48 -1.93
C VAL A 72 -17.85 1.48 -1.61
N PRO A 73 -18.55 0.34 -1.52
CA PRO A 73 -19.99 0.28 -1.31
C PRO A 73 -20.40 1.08 -0.09
N THR A 74 -21.56 1.73 -0.22
CA THR A 74 -22.09 2.61 0.81
C THR A 74 -22.70 1.92 2.00
N ASP A 75 -22.87 2.72 3.03
CA ASP A 75 -23.48 2.36 4.28
C ASP A 75 -25.01 2.46 4.12
N PRO A 76 -25.78 1.37 4.28
CA PRO A 76 -27.24 1.33 4.17
C PRO A 76 -27.94 2.29 5.13
N ASN A 77 -27.26 2.71 6.20
CA ASN A 77 -27.84 3.59 7.18
C ASN A 77 -26.94 4.79 7.48
N PRO A 78 -26.82 5.75 6.55
CA PRO A 78 -25.98 6.91 6.65
C PRO A 78 -26.57 7.84 7.69
N GLN A 79 -25.75 8.69 8.28
CA GLN A 79 -26.27 9.64 9.24
C GLN A 79 -26.06 11.07 8.81
N GLU A 80 -26.96 11.91 9.26
CA GLU A 80 -26.88 13.34 9.09
C GLU A 80 -27.02 13.99 10.44
N ILE A 81 -26.04 14.77 10.84
CA ILE A 81 -26.10 15.38 12.15
C ILE A 81 -26.40 16.86 12.04
N HIS A 82 -27.56 17.29 12.49
CA HIS A 82 -27.86 18.71 12.34
C HIS A 82 -27.02 19.54 13.30
N LEU A 83 -26.50 20.69 12.85
CA LEU A 83 -25.71 21.50 13.75
C LEU A 83 -26.47 22.73 14.18
N GLU A 84 -27.05 22.66 15.36
CA GLU A 84 -27.87 23.76 15.78
C GLU A 84 -26.95 24.94 16.08
N ASN A 85 -27.35 26.17 15.70
CA ASN A 85 -26.65 27.44 15.90
C ASN A 85 -25.29 27.56 15.17
N VAL A 86 -25.09 26.82 14.05
CA VAL A 86 -23.88 26.95 13.22
C VAL A 86 -24.19 27.58 11.88
N THR A 87 -23.58 28.73 11.61
CA THR A 87 -23.79 29.40 10.34
C THR A 87 -22.48 29.39 9.60
N GLU A 88 -22.50 28.86 8.39
CA GLU A 88 -21.28 28.73 7.60
C GLU A 88 -21.34 29.44 6.29
N GLU A 89 -20.18 29.86 5.80
CA GLU A 89 -20.11 30.47 4.49
C GLU A 89 -19.83 29.44 3.41
N PHE A 90 -20.66 29.43 2.39
CA PHE A 90 -20.51 28.52 1.27
C PHE A 90 -20.20 29.30 0.03
N ASN A 91 -19.43 28.71 -0.87
CA ASN A 91 -19.19 29.36 -2.14
C ASN A 91 -19.07 28.30 -3.21
N MET A 92 -20.17 28.07 -3.90
CA MET A 92 -20.26 27.02 -4.89
C MET A 92 -19.32 27.22 -6.08
N TRP A 93 -18.87 28.44 -6.28
CA TRP A 93 -18.06 28.74 -7.45
C TRP A 93 -16.59 28.53 -7.20
N LYS A 94 -16.22 28.28 -5.95
CA LYS A 94 -14.83 28.12 -5.58
C LYS A 94 -14.65 26.74 -4.96
N ASN A 95 -15.66 25.94 -5.17
CA ASN A 95 -15.79 24.59 -4.65
C ASN A 95 -14.95 23.63 -5.47
N ASN A 96 -13.99 22.94 -4.85
CA ASN A 96 -13.12 22.06 -5.62
C ASN A 96 -13.65 20.64 -5.71
N MET A 97 -14.85 20.43 -5.18
CA MET A 97 -15.45 19.10 -5.26
C MET A 97 -15.87 18.92 -6.69
N VAL A 98 -16.14 20.04 -7.35
CA VAL A 98 -16.57 20.09 -8.73
C VAL A 98 -15.40 19.69 -9.59
N GLU A 99 -14.23 20.21 -9.27
CA GLU A 99 -13.06 19.90 -10.05
C GLU A 99 -12.72 18.45 -9.91
N GLN A 100 -12.88 17.87 -8.71
CA GLN A 100 -12.59 16.46 -8.62
C GLN A 100 -13.61 15.65 -9.38
N MET A 101 -14.88 16.03 -9.33
CA MET A 101 -15.83 15.22 -10.05
C MET A 101 -15.48 15.26 -11.52
N HIS A 102 -15.05 16.39 -12.04
CA HIS A 102 -14.69 16.49 -13.43
C HIS A 102 -13.53 15.56 -13.74
N GLU A 103 -12.49 15.60 -12.93
CA GLU A 103 -11.32 14.75 -13.19
C GLU A 103 -11.64 13.27 -13.11
N ASP A 104 -12.50 12.86 -12.18
CA ASP A 104 -12.79 11.44 -12.10
C ASP A 104 -13.76 11.00 -13.16
N ILE A 105 -14.72 11.83 -13.54
CA ILE A 105 -15.60 11.36 -14.58
C ILE A 105 -14.80 11.17 -15.86
N ILE A 106 -13.91 12.09 -16.17
CA ILE A 106 -13.13 11.90 -17.38
C ILE A 106 -12.25 10.68 -17.25
N SER A 107 -11.59 10.50 -16.11
CA SER A 107 -10.72 9.37 -15.98
C SER A 107 -11.46 8.05 -16.08
N LEU A 108 -12.63 7.95 -15.49
CA LEU A 108 -13.40 6.71 -15.55
C LEU A 108 -13.81 6.44 -16.98
N TRP A 109 -14.19 7.51 -17.67
CA TRP A 109 -14.62 7.41 -19.03
C TRP A 109 -13.50 6.84 -19.87
N ASP A 110 -12.31 7.39 -19.76
CA ASP A 110 -11.22 6.90 -20.57
C ASP A 110 -10.81 5.50 -20.22
N GLN A 111 -10.86 5.13 -18.96
CA GLN A 111 -10.45 3.79 -18.60
C GLN A 111 -11.37 2.76 -19.22
N SER A 112 -12.65 3.10 -19.38
CA SER A 112 -13.61 2.15 -19.92
C SER A 112 -13.32 1.82 -21.38
N LEU A 113 -12.53 2.63 -22.08
CA LEU A 113 -12.24 2.35 -23.48
C LEU A 113 -10.93 1.61 -23.66
N LYS A 114 -10.17 1.41 -22.59
CA LYS A 114 -8.88 0.81 -22.76
C LYS A 114 -8.89 -0.55 -23.44
N PRO A 115 -9.80 -1.49 -23.09
CA PRO A 115 -9.86 -2.79 -23.70
C PRO A 115 -10.70 -2.93 -24.97
N CYS A 116 -11.20 -1.81 -25.57
CA CYS A 116 -12.15 -1.85 -26.67
C CYS A 116 -11.45 -1.84 -28.02
N VAL A 117 -12.17 -2.33 -29.02
CA VAL A 117 -11.72 -2.44 -30.40
C VAL A 117 -11.30 -1.13 -31.01
N LYS A 118 -10.13 -1.11 -31.63
CA LYS A 118 -9.63 0.09 -32.29
C LYS A 118 -10.20 0.08 -33.70
N LEU A 119 -10.62 1.24 -34.19
CA LEU A 119 -11.20 1.29 -35.52
C LEU A 119 -10.32 1.91 -36.57
N THR A 120 -9.02 1.89 -36.37
CA THR A 120 -8.09 2.41 -37.35
C THR A 120 -8.41 1.94 -38.79
N PRO A 121 -8.74 0.65 -39.06
CA PRO A 121 -9.05 0.12 -40.38
C PRO A 121 -10.20 0.82 -41.09
N LEU A 122 -11.04 1.59 -40.39
CA LEU A 122 -12.12 2.30 -41.07
C LEU A 122 -11.72 3.59 -41.76
N CYS A 123 -10.50 4.13 -41.53
CA CYS A 123 -10.08 5.40 -42.11
C CYS A 123 -9.54 5.12 -43.53
N VAL A 124 -10.50 4.85 -44.39
CA VAL A 124 -10.34 4.50 -45.78
C VAL A 124 -11.21 5.39 -46.62
N THR A 125 -11.01 5.39 -47.92
CA THR A 125 -11.87 6.19 -48.77
C THR A 125 -13.22 5.52 -48.80
N LEU A 126 -14.28 6.27 -48.61
CA LEU A 126 -15.60 5.72 -48.69
C LEU A 126 -16.22 6.13 -50.00
N GLN A 127 -17.00 5.25 -50.61
CA GLN A 127 -17.75 5.59 -51.80
C GLN A 127 -19.18 5.76 -51.34
N CYS A 128 -19.77 6.99 -51.37
CA CYS A 128 -21.09 7.21 -50.76
C CYS A 128 -22.11 7.81 -51.73
N THR A 129 -23.32 7.30 -51.60
CA THR A 129 -24.47 7.80 -52.31
C THR A 129 -25.54 8.12 -51.27
N ASN A 130 -26.58 8.89 -51.66
CA ASN A 130 -27.68 9.29 -50.79
C ASN A 130 -28.64 8.13 -50.52
N VAL A 131 -29.24 8.09 -49.29
CA VAL A 131 -30.31 7.14 -48.97
C VAL A 131 -31.57 7.89 -49.38
N THR A 132 -32.25 7.34 -50.38
CA THR A 132 -33.43 7.98 -50.96
C THR A 132 -34.70 7.14 -50.94
N ASN A 133 -34.63 5.90 -50.51
CA ASN A 133 -35.79 5.02 -50.69
C ASN A 133 -37.07 5.36 -49.92
N ASN A 134 -36.96 5.81 -48.67
CA ASN A 134 -38.17 6.09 -47.91
C ASN A 134 -37.98 7.35 -47.10
N ILE A 135 -37.89 8.47 -47.75
CA ILE A 135 -37.51 9.70 -47.06
C ILE A 135 -38.71 10.64 -46.99
N THR A 136 -38.90 11.27 -45.84
CA THR A 136 -40.01 12.19 -45.57
C THR A 136 -39.73 13.62 -46.00
N ASP A 137 -38.54 13.82 -46.51
CA ASP A 137 -37.95 15.08 -46.93
C ASP A 137 -37.59 15.97 -45.75
N ASP A 138 -37.67 15.43 -44.53
CA ASP A 138 -37.20 16.25 -43.42
C ASP A 138 -35.72 15.95 -43.39
N MET A 139 -35.43 14.66 -43.57
CA MET A 139 -34.07 14.17 -43.57
C MET A 139 -33.55 14.15 -44.97
N ARG A 140 -33.44 15.30 -45.59
CA ARG A 140 -32.97 15.27 -46.95
C ARG A 140 -31.46 15.30 -46.96
N GLY A 141 -30.87 14.18 -47.35
CA GLY A 141 -29.43 14.01 -47.41
C GLY A 141 -28.80 13.62 -46.08
N GLU A 142 -29.59 13.43 -45.03
CA GLU A 142 -28.98 13.11 -43.75
C GLU A 142 -28.33 11.76 -43.71
N LEU A 143 -28.88 10.78 -44.41
CA LEU A 143 -28.24 9.49 -44.37
C LEU A 143 -27.52 9.25 -45.64
N LYS A 144 -26.39 8.60 -45.50
CA LYS A 144 -25.60 8.20 -46.62
C LYS A 144 -25.26 6.73 -46.58
N ASN A 145 -25.37 6.07 -47.74
CA ASN A 145 -25.07 4.67 -47.98
C ASN A 145 -23.66 4.57 -48.54
N CYS A 146 -22.70 4.15 -47.69
CA CYS A 146 -21.29 4.14 -48.00
C CYS A 146 -20.80 2.71 -48.12
N SER A 147 -19.85 2.52 -49.01
CA SER A 147 -19.22 1.24 -49.13
C SER A 147 -17.74 1.42 -49.13
N PHE A 148 -17.05 0.44 -48.59
CA PHE A 148 -15.62 0.51 -48.50
C PHE A 148 -14.91 -0.84 -48.39
N ASN A 149 -13.59 -0.84 -48.66
CA ASN A 149 -12.68 -1.98 -48.53
C ASN A 149 -12.04 -2.00 -47.15
N MET A 150 -12.35 -3.02 -46.32
CA MET A 150 -11.84 -3.18 -44.95
C MET A 150 -11.34 -4.59 -44.75
N THR A 151 -10.43 -4.76 -43.80
CA THR A 151 -9.77 -6.00 -43.52
C THR A 151 -10.64 -7.04 -42.87
N THR A 152 -10.13 -8.26 -42.86
CA THR A 152 -10.76 -9.47 -42.32
C THR A 152 -9.84 -10.11 -41.29
N GLU A 153 -10.21 -11.30 -40.77
CA GLU A 153 -9.38 -11.95 -39.76
C GLU A 153 -7.98 -12.20 -40.28
N LEU A 154 -7.86 -12.53 -41.56
CA LEU A 154 -6.56 -12.82 -42.12
C LEU A 154 -6.03 -11.56 -42.76
N ARG A 155 -4.74 -11.37 -42.65
CA ARG A 155 -4.10 -10.18 -43.19
C ARG A 155 -4.01 -10.12 -44.70
N ASP A 156 -4.17 -11.25 -45.36
CA ASP A 156 -4.10 -11.28 -46.80
C ASP A 156 -5.48 -11.20 -47.47
N LYS A 157 -6.54 -10.96 -46.68
CA LYS A 157 -7.87 -10.91 -47.27
C LYS A 157 -8.66 -9.67 -46.86
N LYS A 158 -9.44 -9.14 -47.81
CA LYS A 158 -10.32 -8.00 -47.59
C LYS A 158 -11.76 -8.34 -47.88
N GLN A 159 -12.67 -7.54 -47.34
CA GLN A 159 -14.10 -7.69 -47.57
C GLN A 159 -14.71 -6.34 -47.91
N LYS A 160 -15.78 -6.36 -48.69
CA LYS A 160 -16.48 -5.13 -49.00
C LYS A 160 -17.60 -4.96 -48.00
N VAL A 161 -17.64 -3.81 -47.36
CA VAL A 161 -18.58 -3.50 -46.32
C VAL A 161 -19.50 -2.39 -46.73
N TYR A 162 -20.78 -2.54 -46.44
CA TYR A 162 -21.75 -1.50 -46.72
C TYR A 162 -22.27 -1.04 -45.38
N SER A 163 -22.44 0.26 -45.19
CA SER A 163 -22.98 0.78 -43.93
C SER A 163 -23.62 2.14 -44.04
N LEU A 164 -24.42 2.51 -43.04
CA LEU A 164 -25.00 3.85 -43.07
C LEU A 164 -24.37 4.84 -42.09
N PHE A 165 -24.21 6.06 -42.58
CA PHE A 165 -23.67 7.18 -41.84
C PHE A 165 -24.68 8.31 -41.79
N TYR A 166 -24.51 9.26 -40.85
CA TYR A 166 -25.49 10.34 -40.65
C TYR A 166 -25.12 11.72 -41.13
N ARG A 167 -24.14 11.82 -42.03
CA ARG A 167 -23.65 13.08 -42.60
C ARG A 167 -22.82 13.90 -41.64
N LEU A 168 -23.28 14.10 -40.41
CA LEU A 168 -22.49 14.87 -39.47
C LEU A 168 -21.15 14.22 -39.22
N ASP A 169 -21.10 12.89 -39.29
CA ASP A 169 -19.91 12.13 -39.04
C ASP A 169 -19.06 11.76 -40.29
N VAL A 170 -19.42 12.29 -41.47
CA VAL A 170 -18.68 12.03 -42.72
C VAL A 170 -18.35 13.32 -43.47
N VAL A 171 -17.10 13.49 -43.90
CA VAL A 171 -16.72 14.69 -44.62
C VAL A 171 -16.20 14.37 -46.01
N GLN A 172 -16.62 15.17 -46.98
CA GLN A 172 -16.21 14.94 -48.36
C GLN A 172 -14.75 15.24 -48.58
N ILE A 173 -14.09 14.38 -49.36
CA ILE A 173 -12.66 14.57 -49.67
C ILE A 173 -12.39 15.62 -50.74
N ASN A 174 -13.10 15.56 -51.89
CA ASN A 174 -12.96 16.47 -53.03
C ASN A 174 -14.06 17.54 -52.96
N LYS A 186 -18.01 11.75 -55.16
CA LYS A 186 -18.61 10.76 -54.25
C LYS A 186 -17.59 10.12 -53.25
N GLU A 187 -16.37 10.68 -53.11
CA GLU A 187 -15.31 10.20 -52.20
C GLU A 187 -15.34 10.96 -50.89
N TYR A 188 -15.51 10.19 -49.82
CA TYR A 188 -15.64 10.67 -48.45
C TYR A 188 -14.69 10.00 -47.47
N ARG A 189 -14.45 10.66 -46.36
CA ARG A 189 -13.66 10.10 -45.29
C ARG A 189 -14.36 10.37 -43.99
N LEU A 190 -14.02 9.66 -42.94
CA LEU A 190 -14.65 9.94 -41.67
C LEU A 190 -14.06 11.21 -41.10
N ILE A 191 -14.86 11.94 -40.33
CA ILE A 191 -14.38 13.21 -39.79
C ILE A 191 -13.18 13.13 -38.88
N ASN A 192 -12.96 12.02 -38.23
CA ASN A 192 -11.81 11.88 -37.34
C ASN A 192 -10.45 11.61 -38.01
N CYS A 193 -10.40 11.31 -39.34
CA CYS A 193 -9.17 10.90 -40.02
C CYS A 193 -8.03 11.90 -39.98
N ASN A 194 -8.29 13.19 -39.91
CA ASN A 194 -7.17 14.11 -39.88
C ASN A 194 -6.86 14.69 -38.49
N THR A 195 -7.57 14.27 -37.39
CA THR A 195 -7.33 14.81 -36.03
C THR A 195 -7.18 13.79 -34.92
N SER A 196 -7.71 12.59 -35.06
CA SER A 196 -7.72 11.70 -33.91
C SER A 196 -7.75 10.22 -34.17
N ALA A 197 -7.41 9.48 -33.13
CA ALA A 197 -7.55 8.05 -33.19
C ALA A 197 -8.97 7.74 -32.82
N ILE A 198 -9.56 6.76 -33.48
CA ILE A 198 -10.93 6.38 -33.16
C ILE A 198 -11.04 5.02 -32.46
N THR A 199 -11.74 4.98 -31.34
CA THR A 199 -11.96 3.73 -30.59
C THR A 199 -13.44 3.39 -30.51
N GLN A 200 -13.82 2.14 -30.77
CA GLN A 200 -15.21 1.74 -30.69
C GLN A 200 -15.59 1.56 -29.26
N ALA A 201 -16.71 2.10 -28.84
CA ALA A 201 -17.14 1.85 -27.48
C ALA A 201 -17.54 0.39 -27.39
N CYS A 202 -17.26 -0.29 -26.26
CA CYS A 202 -17.64 -1.68 -26.03
C CYS A 202 -19.18 -1.77 -25.93
N PRO A 203 -19.84 -2.64 -26.71
CA PRO A 203 -21.28 -2.79 -26.81
C PRO A 203 -21.92 -3.33 -25.55
N LYS A 204 -21.12 -3.92 -24.68
CA LYS A 204 -21.59 -4.51 -23.45
C LYS A 204 -21.58 -3.53 -22.30
N VAL A 205 -21.06 -2.33 -22.51
CA VAL A 205 -20.93 -1.38 -21.42
C VAL A 205 -21.96 -0.27 -21.48
N SER A 206 -22.77 -0.15 -20.44
CA SER A 206 -23.82 0.86 -20.39
C SER A 206 -23.32 2.27 -20.12
N PHE A 207 -23.96 3.24 -20.77
CA PHE A 207 -23.63 4.64 -20.52
C PHE A 207 -24.64 5.30 -19.60
N GLU A 208 -25.56 4.52 -19.07
CA GLU A 208 -26.59 5.08 -18.20
C GLU A 208 -25.93 5.58 -16.92
N PRO A 209 -26.20 6.81 -16.45
CA PRO A 209 -25.71 7.36 -15.22
C PRO A 209 -26.11 6.51 -14.03
N ILE A 210 -25.17 6.28 -13.13
CA ILE A 210 -25.39 5.57 -11.89
C ILE A 210 -25.04 6.52 -10.78
N PRO A 211 -25.88 6.75 -9.76
CA PRO A 211 -25.60 7.66 -8.70
C PRO A 211 -24.29 7.35 -8.03
N ILE A 212 -23.50 8.37 -7.81
CA ILE A 212 -22.23 8.25 -7.13
C ILE A 212 -22.26 9.06 -5.88
N HIS A 213 -21.86 8.46 -4.78
CA HIS A 213 -21.80 9.19 -3.54
C HIS A 213 -20.35 9.51 -3.25
N TYR A 214 -20.03 10.77 -3.00
CA TYR A 214 -18.66 11.11 -2.64
C TYR A 214 -18.56 11.16 -1.14
N CYS A 215 -17.49 10.55 -0.58
CA CYS A 215 -17.28 10.44 0.85
C CYS A 215 -15.96 11.05 1.27
N ALA A 216 -15.99 11.77 2.38
CA ALA A 216 -14.79 12.35 2.91
C ALA A 216 -14.00 11.27 3.60
N PRO A 217 -12.68 11.35 3.60
CA PRO A 217 -11.80 10.48 4.30
C PRO A 217 -11.84 10.78 5.76
N ALA A 218 -11.41 9.83 6.57
CA ALA A 218 -11.38 10.07 7.98
C ALA A 218 -10.55 11.29 8.30
N GLY A 219 -11.03 12.09 9.23
CA GLY A 219 -10.36 13.33 9.65
C GLY A 219 -11.00 14.56 9.02
N PHE A 220 -11.87 14.32 8.04
CA PHE A 220 -12.59 15.33 7.30
C PHE A 220 -14.09 15.07 7.37
N ALA A 221 -14.85 16.11 7.11
CA ALA A 221 -16.29 16.00 7.10
C ALA A 221 -16.87 16.89 6.05
N ILE A 222 -18.09 16.59 5.61
CA ILE A 222 -18.71 17.44 4.61
C ILE A 222 -19.88 18.17 5.23
N LEU A 223 -19.88 19.47 5.08
CA LEU A 223 -21.00 20.20 5.62
C LEU A 223 -21.97 20.43 4.50
N LYS A 224 -23.23 20.20 4.79
CA LYS A 224 -24.31 20.36 3.83
C LYS A 224 -25.17 21.54 4.22
N CYS A 225 -25.59 22.36 3.22
CA CYS A 225 -26.49 23.50 3.40
C CYS A 225 -27.93 23.05 3.21
N LYS A 226 -28.76 23.26 4.23
CA LYS A 226 -30.14 22.85 4.20
C LYS A 226 -31.12 23.97 3.92
N ASP A 227 -30.63 25.17 3.75
CA ASP A 227 -31.52 26.29 3.56
C ASP A 227 -32.18 26.34 2.21
N LYS A 228 -33.44 26.71 2.27
CA LYS A 228 -34.23 26.88 1.09
C LYS A 228 -33.91 28.25 0.55
N LYS A 229 -34.08 28.43 -0.73
CA LYS A 229 -33.79 29.71 -1.36
C LYS A 229 -32.34 30.10 -1.15
N PHE A 230 -31.45 29.12 -1.20
CA PHE A 230 -30.05 29.39 -1.03
C PHE A 230 -29.41 29.45 -2.42
N ASN A 231 -28.73 30.57 -2.73
CA ASN A 231 -28.13 30.83 -4.05
C ASN A 231 -26.68 30.34 -4.21
N GLY A 232 -26.08 29.68 -3.19
CA GLY A 232 -24.74 29.10 -3.21
C GLY A 232 -23.58 29.99 -2.77
N THR A 233 -23.77 31.30 -2.54
CA THR A 233 -22.60 32.11 -2.15
C THR A 233 -22.65 32.82 -0.81
N GLY A 234 -23.80 32.89 -0.18
CA GLY A 234 -23.89 33.60 1.07
C GLY A 234 -23.72 32.65 2.26
N PRO A 235 -23.92 33.15 3.49
CA PRO A 235 -23.94 32.41 4.71
C PRO A 235 -25.14 31.50 4.62
N CYS A 236 -25.08 30.32 5.24
CA CYS A 236 -26.12 29.32 5.31
C CYS A 236 -26.45 29.07 6.80
N PRO A 237 -27.55 29.65 7.32
CA PRO A 237 -28.06 29.52 8.68
C PRO A 237 -28.39 28.10 9.16
N SER A 238 -28.68 27.17 8.27
CA SER A 238 -28.99 25.82 8.74
C SER A 238 -28.16 24.80 7.98
N VAL A 239 -27.25 24.18 8.70
CA VAL A 239 -26.34 23.20 8.11
C VAL A 239 -26.34 21.93 8.90
N SER A 240 -25.84 20.89 8.28
CA SER A 240 -25.68 19.61 8.92
C SER A 240 -24.42 18.93 8.46
N THR A 241 -23.94 17.99 9.25
CA THR A 241 -22.75 17.26 8.87
C THR A 241 -23.05 15.88 8.36
N VAL A 242 -22.47 15.55 7.23
CA VAL A 242 -22.62 14.25 6.65
C VAL A 242 -21.24 13.71 6.35
N GLN A 243 -21.11 12.41 6.20
CA GLN A 243 -19.81 11.90 5.77
C GLN A 243 -19.74 11.72 4.23
N CYS A 244 -20.90 11.38 3.61
CA CYS A 244 -21.08 11.11 2.19
C CYS A 244 -22.17 12.03 1.67
N THR A 245 -22.04 12.42 0.42
CA THR A 245 -22.99 13.27 -0.26
C THR A 245 -24.18 12.49 -0.76
N HIS A 246 -25.17 13.24 -1.21
CA HIS A 246 -26.36 12.75 -1.84
C HIS A 246 -25.87 12.06 -3.07
N GLY A 247 -26.47 10.98 -3.49
CA GLY A 247 -25.90 10.40 -4.70
C GLY A 247 -26.13 11.36 -5.85
N ILE A 248 -25.13 11.51 -6.69
CA ILE A 248 -25.25 12.37 -7.85
C ILE A 248 -25.11 11.59 -9.11
N LYS A 249 -26.06 11.72 -9.99
CA LYS A 249 -25.95 11.01 -11.23
C LYS A 249 -25.12 11.83 -12.19
N PRO A 250 -24.10 11.29 -12.83
CA PRO A 250 -23.25 11.96 -13.78
C PRO A 250 -23.96 12.07 -15.12
N VAL A 251 -25.01 12.87 -15.15
CA VAL A 251 -25.79 13.06 -16.35
C VAL A 251 -25.08 14.08 -17.19
N VAL A 252 -24.87 13.76 -18.44
CA VAL A 252 -24.16 14.67 -19.30
C VAL A 252 -25.05 15.31 -20.31
N SER A 253 -25.07 16.64 -20.32
CA SER A 253 -25.88 17.37 -21.27
C SER A 253 -25.40 18.80 -21.47
N THR A 254 -25.93 19.41 -22.51
CA THR A 254 -25.69 20.84 -22.76
C THR A 254 -27.01 21.53 -22.93
N GLN A 255 -27.02 22.87 -22.78
CA GLN A 255 -28.19 23.77 -22.93
C GLN A 255 -29.18 23.63 -21.74
N LEU A 256 -29.74 22.43 -21.56
CA LEU A 256 -30.66 22.16 -20.46
C LEU A 256 -30.16 20.99 -19.64
N LEU A 257 -30.32 21.09 -18.33
CA LEU A 257 -29.89 20.07 -17.40
C LEU A 257 -30.97 19.05 -17.22
N LEU A 258 -30.60 17.79 -17.21
CA LEU A 258 -31.57 16.73 -17.02
C LEU A 258 -31.32 15.94 -15.76
N ASN A 259 -32.42 15.40 -15.18
CA ASN A 259 -32.49 14.43 -14.07
C ASN A 259 -31.69 14.86 -12.81
N GLY A 260 -31.72 16.16 -12.45
CA GLY A 260 -31.07 16.71 -11.27
C GLY A 260 -32.06 16.93 -10.16
N SER A 261 -31.63 17.67 -9.16
CA SER A 261 -32.48 17.96 -8.04
C SER A 261 -33.39 19.16 -8.33
N LEU A 262 -34.46 19.28 -7.59
CA LEU A 262 -35.38 20.40 -7.73
C LEU A 262 -35.27 21.37 -6.59
N ALA A 263 -35.58 22.64 -6.88
CA ALA A 263 -35.58 23.69 -5.88
C ALA A 263 -36.72 23.42 -4.94
N GLU A 264 -36.55 23.72 -3.66
CA GLU A 264 -37.63 23.42 -2.73
C GLU A 264 -38.90 24.26 -2.87
N GLU A 265 -38.77 25.57 -3.09
CA GLU A 265 -39.96 26.42 -3.14
C GLU A 265 -40.18 27.25 -4.40
N GLU A 266 -39.11 27.73 -5.00
CA GLU A 266 -39.21 28.63 -6.13
C GLU A 266 -38.01 28.48 -7.00
N VAL A 267 -38.07 28.99 -8.21
CA VAL A 267 -36.92 28.92 -9.07
C VAL A 267 -35.77 29.71 -8.48
N ILE A 268 -34.59 29.11 -8.43
CA ILE A 268 -33.45 29.81 -7.87
C ILE A 268 -32.44 30.11 -8.93
N ILE A 269 -32.06 31.38 -9.04
CA ILE A 269 -31.10 31.75 -10.05
C ILE A 269 -29.73 31.97 -9.44
N ARG A 270 -28.76 31.18 -9.87
CA ARG A 270 -27.44 31.25 -9.28
C ARG A 270 -26.39 31.67 -10.29
N SER A 271 -25.51 32.57 -9.89
CA SER A 271 -24.45 32.98 -10.78
C SER A 271 -23.26 33.44 -9.96
N GLU A 272 -22.07 33.36 -10.52
CA GLU A 272 -20.89 33.89 -9.81
C GLU A 272 -20.98 35.42 -9.61
N ASN A 273 -21.43 36.12 -10.67
CA ASN A 273 -21.66 37.56 -10.74
C ASN A 273 -22.79 37.80 -11.75
N ILE A 274 -24.00 38.14 -11.26
CA ILE A 274 -25.20 38.30 -12.08
C ILE A 274 -25.11 39.48 -13.04
N THR A 275 -24.28 40.48 -12.73
CA THR A 275 -24.21 41.62 -13.61
C THR A 275 -23.11 41.48 -14.63
N ASN A 276 -22.39 40.37 -14.60
CA ASN A 276 -21.34 40.11 -15.54
C ASN A 276 -21.94 39.26 -16.65
N ASN A 277 -22.08 39.82 -17.83
CA ASN A 277 -22.77 39.12 -18.91
C ASN A 277 -22.00 37.91 -19.41
N ALA A 278 -20.73 37.83 -19.06
CA ALA A 278 -19.87 36.75 -19.50
C ALA A 278 -20.02 35.50 -18.65
N LYS A 279 -20.77 35.57 -17.56
CA LYS A 279 -20.93 34.41 -16.70
C LYS A 279 -22.14 33.60 -17.12
N ASN A 280 -22.11 32.30 -16.87
CA ASN A 280 -23.28 31.50 -17.10
C ASN A 280 -24.19 31.63 -15.91
N ILE A 281 -25.48 31.54 -16.15
CA ILE A 281 -26.48 31.57 -15.12
C ILE A 281 -27.09 30.21 -14.98
N LEU A 282 -27.06 29.67 -13.79
CA LEU A 282 -27.61 28.35 -13.57
C LEU A 282 -28.97 28.51 -12.91
N VAL A 283 -30.00 28.10 -13.60
CA VAL A 283 -31.34 28.27 -13.08
C VAL A 283 -31.89 26.94 -12.64
N GLN A 284 -32.21 26.82 -11.37
CA GLN A 284 -32.74 25.56 -10.88
C GLN A 284 -34.25 25.62 -10.83
N LEU A 285 -34.90 24.64 -11.44
CA LEU A 285 -36.34 24.70 -11.48
C LEU A 285 -36.98 24.11 -10.25
N ASN A 286 -38.15 24.62 -9.93
CA ASN A 286 -38.97 24.13 -8.82
C ASN A 286 -39.70 22.84 -9.17
N THR A 287 -40.20 22.74 -10.38
CA THR A 287 -40.89 21.52 -10.80
C THR A 287 -40.21 21.12 -12.08
N PRO A 288 -40.21 19.84 -12.45
CA PRO A 288 -39.61 19.34 -13.65
C PRO A 288 -40.46 19.64 -14.85
N VAL A 289 -39.84 19.69 -16.00
CA VAL A 289 -40.57 19.74 -17.25
C VAL A 289 -40.32 18.43 -17.95
N GLN A 290 -41.38 17.71 -18.30
CA GLN A 290 -41.13 16.42 -18.91
C GLN A 290 -40.81 16.54 -20.37
N ILE A 291 -39.76 15.84 -20.79
CA ILE A 291 -39.36 15.79 -22.19
C ILE A 291 -39.26 14.32 -22.68
N ASN A 292 -39.92 14.02 -23.82
CA ASN A 292 -39.97 12.69 -24.45
C ASN A 292 -39.19 12.70 -25.78
N CYS A 293 -38.03 12.00 -25.84
CA CYS A 293 -37.13 12.00 -27.00
C CYS A 293 -37.09 10.66 -27.70
N THR A 294 -36.96 10.71 -29.02
CA THR A 294 -36.93 9.49 -29.79
C THR A 294 -36.16 9.52 -31.10
N ARG A 295 -35.73 8.32 -31.48
CA ARG A 295 -35.18 8.00 -32.77
C ARG A 295 -36.11 6.95 -33.34
N PRO A 296 -37.18 7.37 -34.03
CA PRO A 296 -38.31 6.57 -34.45
C PRO A 296 -38.03 5.76 -35.71
N ASN A 297 -37.00 4.96 -35.68
CA ASN A 297 -36.60 4.16 -36.83
C ASN A 297 -36.19 2.81 -36.31
N ASN A 298 -36.58 1.72 -37.00
CA ASN A 298 -36.24 0.35 -36.65
C ASN A 298 -34.94 -0.05 -37.37
N ASN A 299 -33.79 0.12 -36.68
CA ASN A 299 -32.47 -0.11 -37.26
C ASN A 299 -32.05 -1.56 -37.14
N THR A 300 -31.45 -2.06 -38.19
CA THR A 300 -30.89 -3.39 -38.17
C THR A 300 -29.42 -3.24 -38.09
N VAL A 301 -28.84 -3.76 -37.02
CA VAL A 301 -27.43 -3.65 -36.75
C VAL A 301 -26.70 -4.92 -37.09
N LYS A 302 -25.64 -4.77 -37.86
CA LYS A 302 -24.84 -5.88 -38.32
C LYS A 302 -23.42 -5.74 -37.83
N SER A 303 -22.69 -6.83 -37.81
CA SER A 303 -21.30 -6.70 -37.42
C SER A 303 -20.44 -7.62 -38.23
N ILE A 304 -19.18 -7.20 -38.37
CA ILE A 304 -18.19 -7.96 -39.09
C ILE A 304 -16.85 -8.04 -38.38
N ARG A 305 -16.10 -9.09 -38.68
CA ARG A 305 -14.78 -9.17 -38.10
C ARG A 305 -13.86 -8.25 -38.84
N ILE A 306 -12.99 -7.57 -38.12
CA ILE A 306 -12.02 -6.70 -38.77
C ILE A 306 -10.58 -7.16 -38.55
N GLY A 307 -10.40 -8.08 -37.61
CA GLY A 307 -9.09 -8.64 -37.34
C GLY A 307 -9.27 -9.65 -36.25
N PRO A 308 -8.25 -10.41 -35.88
CA PRO A 308 -8.37 -11.43 -34.87
C PRO A 308 -8.88 -10.87 -33.59
N GLY A 309 -9.97 -11.43 -33.12
CA GLY A 309 -10.56 -11.05 -31.84
C GLY A 309 -11.34 -9.74 -31.88
N GLN A 310 -11.49 -9.13 -33.05
CA GLN A 310 -12.15 -7.84 -33.10
C GLN A 310 -13.24 -7.75 -34.13
N TRP A 311 -14.31 -7.04 -33.74
CA TRP A 311 -15.43 -6.82 -34.63
C TRP A 311 -15.97 -5.42 -34.53
N PHE A 312 -16.46 -4.97 -35.65
CA PHE A 312 -17.07 -3.68 -35.86
C PHE A 312 -18.56 -3.74 -36.03
N TYR A 313 -19.26 -2.81 -35.38
CA TYR A 313 -20.71 -2.74 -35.49
C TYR A 313 -21.15 -1.55 -36.30
N TYR A 314 -22.14 -1.74 -37.14
CA TYR A 314 -22.65 -0.67 -37.97
C TYR A 314 -24.12 -0.84 -38.31
N THR A 315 -24.78 0.22 -38.75
CA THR A 315 -26.15 0.08 -39.16
C THR A 315 -26.15 -0.49 -40.54
N GLY A 316 -26.87 -1.58 -40.69
CA GLY A 316 -26.96 -2.31 -41.93
C GLY A 316 -28.03 -1.69 -42.79
N ASP A 317 -29.22 -1.61 -42.23
CA ASP A 317 -30.34 -1.03 -42.96
C ASP A 317 -31.39 -0.49 -42.00
N ILE A 318 -32.43 0.12 -42.55
CA ILE A 318 -33.55 0.64 -41.78
C ILE A 318 -34.85 0.04 -42.30
N ILE A 319 -35.63 -0.50 -41.39
CA ILE A 319 -36.89 -1.10 -41.73
C ILE A 319 -38.00 -0.07 -41.70
N GLY A 320 -38.69 0.06 -42.81
CA GLY A 320 -39.78 1.01 -42.92
C GLY A 320 -39.27 2.39 -43.24
N ASP A 321 -40.14 3.37 -43.05
CA ASP A 321 -39.85 4.75 -43.38
C ASP A 321 -38.75 5.32 -42.54
N ILE A 322 -37.99 6.23 -43.12
CA ILE A 322 -36.94 6.92 -42.41
C ILE A 322 -37.43 8.27 -41.94
N ARG A 323 -37.46 8.45 -40.63
CA ARG A 323 -38.00 9.66 -40.01
C ARG A 323 -37.01 10.39 -39.12
N GLN A 324 -37.19 11.70 -39.01
CA GLN A 324 -36.30 12.52 -38.20
C GLN A 324 -36.48 12.31 -36.71
N ALA A 325 -35.36 12.25 -36.00
CA ALA A 325 -35.34 12.14 -34.55
C ALA A 325 -35.88 13.43 -33.96
N HIS A 326 -36.55 13.36 -32.83
CA HIS A 326 -37.11 14.56 -32.24
C HIS A 326 -37.41 14.44 -30.74
N CYS A 327 -37.66 15.59 -30.06
CA CYS A 327 -38.09 15.67 -28.65
C CYS A 327 -39.39 16.49 -28.50
N ASN A 328 -40.27 16.00 -27.62
CA ASN A 328 -41.53 16.64 -27.30
C ASN A 328 -41.55 17.23 -25.88
N VAL A 329 -41.84 18.55 -25.78
CA VAL A 329 -41.98 19.30 -24.51
C VAL A 329 -43.38 19.93 -24.46
N SER A 330 -44.16 19.71 -23.40
CA SER A 330 -45.53 20.28 -23.42
C SER A 330 -45.51 21.80 -23.49
N LYS A 331 -46.33 22.42 -24.35
CA LYS A 331 -46.29 23.88 -24.44
C LYS A 331 -46.72 24.59 -23.18
N ALA A 332 -47.78 24.11 -22.54
CA ALA A 332 -48.24 24.83 -21.37
C ALA A 332 -47.22 24.76 -20.25
N THR A 333 -46.62 23.60 -20.08
CA THR A 333 -45.70 23.44 -18.99
C THR A 333 -44.50 24.32 -19.23
N TRP A 334 -43.99 24.28 -20.46
CA TRP A 334 -42.83 25.08 -20.78
C TRP A 334 -43.08 26.58 -20.62
N ASN A 335 -44.26 27.12 -21.08
CA ASN A 335 -44.58 28.53 -20.97
C ASN A 335 -44.71 28.98 -19.50
N GLU A 336 -45.28 28.11 -18.60
CA GLU A 336 -45.39 28.40 -17.16
C GLU A 336 -44.00 28.45 -16.53
N THR A 337 -43.14 27.54 -16.98
CA THR A 337 -41.79 27.46 -16.49
C THR A 337 -41.05 28.73 -16.81
N LEU A 338 -41.18 29.22 -18.05
CA LEU A 338 -40.47 30.44 -18.34
C LEU A 338 -41.07 31.58 -17.55
N GLY A 339 -42.38 31.60 -17.36
CA GLY A 339 -42.92 32.73 -16.61
C GLY A 339 -42.28 32.80 -15.22
N LYS A 340 -42.07 31.64 -14.58
CA LYS A 340 -41.45 31.62 -13.26
C LYS A 340 -40.01 32.11 -13.32
N VAL A 341 -39.30 31.73 -14.38
CA VAL A 341 -37.91 32.14 -14.54
C VAL A 341 -37.82 33.65 -14.74
N VAL A 342 -38.71 34.20 -15.56
CA VAL A 342 -38.71 35.62 -15.84
C VAL A 342 -39.00 36.40 -14.59
N LYS A 343 -39.97 35.97 -13.79
CA LYS A 343 -40.26 36.68 -12.56
C LYS A 343 -39.01 36.79 -11.69
N GLN A 344 -38.29 35.68 -11.56
CA GLN A 344 -37.12 35.71 -10.73
C GLN A 344 -36.00 36.54 -11.36
N LEU A 345 -35.88 36.53 -12.68
CA LEU A 345 -34.87 37.37 -13.31
C LEU A 345 -35.19 38.84 -13.08
N ARG A 346 -36.46 39.23 -13.10
CA ARG A 346 -36.82 40.63 -12.91
C ARG A 346 -36.34 41.15 -11.56
N LYS A 347 -36.27 40.27 -10.56
CA LYS A 347 -35.76 40.71 -9.27
C LYS A 347 -34.33 41.28 -9.36
N HIS A 348 -33.58 40.91 -10.39
CA HIS A 348 -32.24 41.41 -10.59
C HIS A 348 -32.18 42.43 -11.73
N PHE A 349 -33.04 42.25 -12.73
CA PHE A 349 -32.98 43.08 -13.93
C PHE A 349 -34.07 44.14 -14.15
N GLY A 350 -35.03 44.25 -13.21
CA GLY A 350 -36.08 45.26 -13.25
C GLY A 350 -37.50 44.94 -13.67
N ASN A 351 -38.50 45.42 -12.93
CA ASN A 351 -39.89 45.13 -13.35
C ASN A 351 -40.22 45.91 -14.59
N ASN A 352 -39.75 47.14 -14.64
CA ASN A 352 -40.05 48.00 -15.78
C ASN A 352 -39.16 47.77 -16.98
N THR A 353 -38.62 46.56 -17.09
CA THR A 353 -37.75 46.17 -18.18
C THR A 353 -38.27 44.92 -18.86
N ILE A 354 -37.67 44.60 -19.99
CA ILE A 354 -38.12 43.47 -20.78
C ILE A 354 -37.14 42.34 -20.87
N ILE A 355 -37.64 41.13 -20.65
CA ILE A 355 -36.80 39.95 -20.78
C ILE A 355 -37.14 39.13 -22.00
N ARG A 356 -36.15 38.97 -22.87
CA ARG A 356 -36.36 38.23 -24.09
C ARG A 356 -35.49 37.00 -24.19
N PHE A 357 -36.09 35.92 -24.63
CA PHE A 357 -35.36 34.70 -24.84
C PHE A 357 -35.06 34.52 -26.30
N ALA A 358 -33.85 34.05 -26.57
CA ALA A 358 -33.35 33.83 -27.91
C ALA A 358 -32.45 32.61 -27.98
N GLN A 359 -32.20 32.16 -29.19
CA GLN A 359 -31.37 31.01 -29.51
C GLN A 359 -29.90 31.27 -29.37
N SER A 360 -29.10 30.23 -29.18
CA SER A 360 -27.67 30.46 -29.12
C SER A 360 -27.22 31.16 -30.37
N SER A 361 -26.30 32.09 -30.18
CA SER A 361 -25.79 32.94 -31.23
C SER A 361 -25.00 32.21 -32.29
N GLY A 362 -24.53 31.01 -32.00
CA GLY A 362 -23.77 30.27 -32.98
C GLY A 362 -22.62 29.53 -32.36
N GLY A 363 -21.82 28.87 -33.20
CA GLY A 363 -20.72 28.06 -32.74
C GLY A 363 -20.96 26.60 -33.01
N ASP A 364 -20.10 25.76 -32.46
CA ASP A 364 -20.09 24.32 -32.69
C ASP A 364 -21.39 23.68 -32.22
N LEU A 365 -21.83 22.66 -32.94
CA LEU A 365 -23.08 21.96 -32.63
C LEU A 365 -23.10 21.43 -31.21
N GLU A 366 -21.97 20.98 -30.73
CA GLU A 366 -21.85 20.41 -29.40
C GLU A 366 -22.18 21.42 -28.30
N VAL A 367 -22.16 22.70 -28.64
CA VAL A 367 -22.44 23.79 -27.73
C VAL A 367 -23.81 24.41 -27.97
N THR A 368 -24.16 24.62 -29.24
CA THR A 368 -25.35 25.36 -29.61
C THR A 368 -26.64 24.58 -29.61
N THR A 369 -26.59 23.26 -29.62
CA THR A 369 -27.86 22.59 -29.62
C THR A 369 -27.91 21.76 -28.35
N HIS A 370 -29.06 21.19 -28.01
CA HIS A 370 -29.16 20.39 -26.80
C HIS A 370 -28.51 19.07 -26.98
N SER A 371 -27.81 18.57 -25.99
CA SER A 371 -27.25 17.26 -26.24
C SER A 371 -27.39 16.35 -25.08
N PHE A 372 -27.59 15.08 -25.42
CA PHE A 372 -27.74 14.01 -24.43
C PHE A 372 -27.51 12.60 -24.99
N ASN A 373 -27.29 11.66 -24.08
CA ASN A 373 -27.16 10.24 -24.38
C ASN A 373 -28.49 9.50 -24.06
N CYS A 374 -29.23 9.04 -25.11
CA CYS A 374 -30.56 8.42 -25.03
C CYS A 374 -30.53 6.98 -25.52
N GLY A 375 -30.48 6.07 -24.59
CA GLY A 375 -30.45 4.66 -24.92
C GLY A 375 -29.08 4.20 -25.37
N GLY A 376 -28.14 5.12 -25.36
CA GLY A 376 -26.79 4.90 -25.85
C GLY A 376 -26.53 5.70 -27.14
N GLU A 377 -27.56 6.29 -27.75
CA GLU A 377 -27.34 7.10 -28.95
C GLU A 377 -27.06 8.53 -28.54
N PHE A 378 -26.32 9.25 -29.36
CA PHE A 378 -26.06 10.65 -29.08
C PHE A 378 -26.85 11.60 -29.94
N PHE A 379 -27.69 12.35 -29.25
CA PHE A 379 -28.63 13.31 -29.81
C PHE A 379 -28.15 14.74 -29.71
N TYR A 380 -28.44 15.49 -30.78
CA TYR A 380 -28.19 16.91 -30.97
C TYR A 380 -29.50 17.64 -31.35
N CYS A 381 -30.28 18.09 -30.34
CA CYS A 381 -31.66 18.58 -30.47
C CYS A 381 -31.78 20.09 -30.39
N ASN A 382 -32.36 20.65 -31.41
CA ASN A 382 -32.51 22.09 -31.53
C ASN A 382 -33.43 22.64 -30.42
N THR A 383 -33.05 23.78 -29.79
CA THR A 383 -33.77 24.45 -28.70
C THR A 383 -34.45 25.73 -29.18
N SER A 384 -34.51 25.94 -30.48
CA SER A 384 -35.10 27.16 -31.01
C SER A 384 -36.55 27.34 -30.71
N GLY A 385 -37.28 26.25 -30.50
CA GLY A 385 -38.68 26.34 -30.17
C GLY A 385 -38.90 26.55 -28.68
N LEU A 386 -37.83 26.50 -27.90
CA LEU A 386 -37.94 26.67 -26.47
C LEU A 386 -37.61 28.09 -26.06
N PHE A 387 -36.66 28.70 -26.75
CA PHE A 387 -36.24 30.05 -26.37
C PHE A 387 -36.45 31.07 -27.46
N ASN A 388 -37.74 31.40 -27.70
CA ASN A 388 -38.23 32.35 -28.70
C ASN A 388 -39.46 33.08 -28.13
N SER A 389 -39.21 34.06 -27.23
CA SER A 389 -40.30 34.78 -26.52
C SER A 389 -39.92 36.09 -25.87
N THR A 390 -40.79 37.08 -25.96
CA THR A 390 -40.52 38.34 -25.27
C THR A 390 -41.53 38.54 -24.16
N TRP A 391 -41.02 38.68 -22.94
CA TRP A 391 -41.85 38.83 -21.77
C TRP A 391 -41.84 40.26 -21.24
N ILE A 392 -42.98 40.92 -21.34
CA ILE A 392 -43.08 42.33 -20.99
C ILE A 392 -43.95 42.53 -19.74
N SER A 393 -43.43 43.25 -18.73
CA SER A 393 -44.11 43.55 -17.45
C SER A 393 -45.35 44.42 -17.68
N SER A 405 -53.08 22.91 -23.19
CA SER A 405 -53.82 22.82 -24.43
C SER A 405 -53.59 21.49 -25.11
N ASN A 406 -52.91 20.58 -24.41
CA ASN A 406 -52.58 19.25 -24.93
C ASN A 406 -51.83 19.32 -26.27
N ASP A 407 -50.87 20.23 -26.34
CA ASP A 407 -50.06 20.40 -27.54
C ASP A 407 -48.62 20.39 -27.12
N SER A 408 -47.71 19.92 -27.97
CA SER A 408 -46.30 19.93 -27.60
C SER A 408 -45.42 20.66 -28.60
N ILE A 409 -44.29 21.11 -28.10
CA ILE A 409 -43.26 21.75 -28.86
C ILE A 409 -42.42 20.66 -29.45
N THR A 410 -42.21 20.66 -30.75
CA THR A 410 -41.41 19.57 -31.31
C THR A 410 -40.07 20.12 -31.71
N LEU A 411 -39.04 19.50 -31.16
CA LEU A 411 -37.67 19.89 -31.42
C LEU A 411 -37.02 18.88 -32.36
N PRO A 412 -36.52 19.27 -33.54
CA PRO A 412 -35.85 18.37 -34.46
C PRO A 412 -34.50 18.01 -33.85
N CYS A 413 -34.04 16.75 -34.05
CA CYS A 413 -32.76 16.24 -33.53
C CYS A 413 -31.93 15.56 -34.62
N ARG A 414 -30.62 15.68 -34.50
CA ARG A 414 -29.69 14.96 -35.36
C ARG A 414 -28.97 13.90 -34.54
N ILE A 415 -28.53 12.85 -35.21
CA ILE A 415 -27.79 11.75 -34.60
C ILE A 415 -26.39 11.70 -35.14
N LYS A 416 -25.40 11.53 -34.28
CA LYS A 416 -24.02 11.48 -34.73
C LYS A 416 -23.31 10.26 -34.14
N GLN A 417 -22.56 9.47 -34.93
CA GLN A 417 -21.89 8.30 -34.36
C GLN A 417 -20.47 8.56 -33.86
N ILE A 418 -19.83 9.63 -34.32
CA ILE A 418 -18.47 9.91 -33.85
C ILE A 418 -18.49 11.03 -32.86
N ILE A 419 -18.09 10.70 -31.66
CA ILE A 419 -18.21 11.57 -30.52
C ILE A 419 -16.89 12.07 -29.96
N ASN A 420 -16.82 13.37 -29.69
CA ASN A 420 -15.63 13.98 -29.10
C ASN A 420 -16.00 14.69 -27.81
N MET A 421 -15.92 13.97 -26.70
CA MET A 421 -16.34 14.46 -25.41
C MET A 421 -15.31 15.24 -24.64
N TRP A 422 -15.81 15.98 -23.67
CA TRP A 422 -15.06 16.75 -22.68
C TRP A 422 -14.21 17.84 -23.32
N GLN A 423 -14.61 18.20 -24.52
CA GLN A 423 -13.97 19.19 -25.37
C GLN A 423 -12.52 18.87 -25.65
N ARG A 424 -12.19 17.60 -25.79
CA ARG A 424 -10.82 17.23 -26.09
C ARG A 424 -10.61 16.97 -27.55
N ILE A 425 -9.36 17.04 -27.98
CA ILE A 425 -9.00 16.75 -29.35
C ILE A 425 -7.94 15.65 -29.40
N GLY A 426 -8.17 14.66 -30.26
CA GLY A 426 -7.24 13.54 -30.44
C GLY A 426 -7.78 12.22 -29.90
N GLN A 427 -8.81 12.30 -29.06
CA GLN A 427 -9.45 11.12 -28.52
C GLN A 427 -10.90 11.00 -28.97
N ALA A 428 -11.18 10.20 -30.01
CA ALA A 428 -12.54 10.12 -30.50
C ALA A 428 -13.12 8.77 -30.18
N MET A 429 -14.43 8.73 -30.01
CA MET A 429 -15.12 7.50 -29.75
C MET A 429 -16.21 7.22 -30.76
N TYR A 430 -16.34 5.98 -31.16
CA TYR A 430 -17.40 5.57 -32.07
C TYR A 430 -18.48 4.88 -31.30
N ALA A 431 -19.67 5.43 -31.36
CA ALA A 431 -20.77 4.84 -30.64
C ALA A 431 -21.45 3.88 -31.59
N PRO A 432 -21.48 2.59 -31.31
CA PRO A 432 -22.06 1.64 -32.20
C PRO A 432 -23.53 1.96 -32.15
N PRO A 433 -24.28 1.70 -33.22
CA PRO A 433 -25.70 1.90 -33.34
C PRO A 433 -26.44 0.87 -32.57
N ILE A 434 -27.67 1.22 -32.19
CA ILE A 434 -28.50 0.28 -31.47
C ILE A 434 -29.70 -0.25 -32.25
N GLN A 435 -29.81 -1.56 -32.26
CA GLN A 435 -30.86 -2.28 -32.95
C GLN A 435 -32.23 -1.93 -32.41
N GLY A 436 -33.18 -1.76 -33.30
CA GLY A 436 -34.53 -1.44 -32.89
C GLY A 436 -34.79 0.05 -32.87
N VAL A 437 -35.72 0.46 -32.01
CA VAL A 437 -36.25 1.82 -31.95
C VAL A 437 -35.99 2.38 -30.57
N ILE A 438 -35.51 3.62 -30.48
CA ILE A 438 -35.20 4.19 -29.17
C ILE A 438 -36.08 5.31 -28.72
N ARG A 439 -36.56 5.14 -27.49
CA ARG A 439 -37.37 6.11 -26.81
C ARG A 439 -36.87 6.26 -25.38
N CYS A 440 -36.79 7.51 -24.87
CA CYS A 440 -36.40 7.83 -23.49
C CYS A 440 -37.19 9.03 -22.99
N VAL A 441 -37.48 9.00 -21.70
CA VAL A 441 -38.17 10.09 -21.05
C VAL A 441 -37.36 10.62 -19.91
N SER A 442 -37.18 11.91 -19.88
CA SER A 442 -36.38 12.53 -18.84
C SER A 442 -37.01 13.80 -18.31
N ASN A 443 -36.54 14.27 -17.14
CA ASN A 443 -36.99 15.50 -16.49
C ASN A 443 -35.98 16.63 -16.72
N ILE A 444 -36.45 17.81 -17.14
CA ILE A 444 -35.65 19.03 -17.24
C ILE A 444 -35.72 19.66 -15.87
N THR A 445 -34.58 19.81 -15.23
CA THR A 445 -34.54 20.28 -13.86
C THR A 445 -33.82 21.60 -13.69
N GLY A 446 -33.34 22.15 -14.77
CA GLY A 446 -32.61 23.40 -14.72
C GLY A 446 -32.12 23.80 -16.08
N LEU A 447 -31.76 25.06 -16.20
CA LEU A 447 -31.31 25.65 -17.46
C LEU A 447 -29.95 26.34 -17.35
N ILE A 448 -29.19 26.38 -18.45
CA ILE A 448 -27.98 27.20 -18.43
C ILE A 448 -28.16 28.37 -19.41
N LEU A 449 -28.13 29.59 -18.89
CA LEU A 449 -28.34 30.80 -19.71
C LEU A 449 -27.15 31.75 -19.72
N THR A 450 -27.02 32.52 -20.79
CA THR A 450 -26.00 33.56 -20.86
C THR A 450 -26.75 34.84 -21.18
N ARG A 451 -26.09 35.98 -21.05
CA ARG A 451 -26.79 37.22 -21.35
C ARG A 451 -26.01 38.05 -22.34
N ASP A 452 -26.73 38.70 -23.26
CA ASP A 452 -26.06 39.57 -24.23
C ASP A 452 -25.46 40.79 -23.55
N GLY A 453 -24.28 41.27 -24.05
CA GLY A 453 -23.60 42.46 -23.53
C GLY A 453 -24.32 43.74 -23.95
N SER A 458 -29.70 49.53 -22.55
CA SER A 458 -31.04 49.71 -23.04
C SER A 458 -32.03 49.24 -21.94
N THR A 459 -33.27 48.87 -22.33
CA THR A 459 -34.36 48.40 -21.47
C THR A 459 -34.67 46.92 -21.65
N THR A 460 -34.12 46.31 -22.70
CA THR A 460 -34.41 44.91 -22.96
C THR A 460 -33.15 44.08 -22.85
N GLU A 461 -33.24 43.04 -22.05
CA GLU A 461 -32.15 42.10 -21.85
C GLU A 461 -32.46 40.85 -22.66
N THR A 462 -31.44 40.27 -23.25
CA THR A 462 -31.64 39.03 -23.99
C THR A 462 -30.83 37.91 -23.38
N PHE A 463 -31.53 36.81 -23.15
CA PHE A 463 -30.94 35.62 -22.58
C PHE A 463 -30.93 34.51 -23.61
N ARG A 464 -29.84 33.77 -23.65
CA ARG A 464 -29.70 32.69 -24.61
C ARG A 464 -29.22 31.45 -23.89
N PRO A 465 -29.54 30.25 -24.34
CA PRO A 465 -28.98 29.02 -23.84
C PRO A 465 -27.47 28.99 -23.99
N GLY A 466 -26.80 28.47 -22.97
CA GLY A 466 -25.35 28.35 -22.98
C GLY A 466 -24.85 27.05 -22.37
N GLY A 467 -23.66 27.10 -21.81
CA GLY A 467 -23.05 25.92 -21.24
C GLY A 467 -22.03 25.32 -22.19
N GLY A 468 -21.82 24.02 -22.07
CA GLY A 468 -20.80 23.28 -22.80
C GLY A 468 -19.63 22.95 -21.90
N ASP A 469 -19.53 23.68 -20.79
CA ASP A 469 -18.51 23.45 -19.79
C ASP A 469 -19.14 22.57 -18.75
N MET A 470 -18.71 21.33 -18.71
CA MET A 470 -19.32 20.32 -17.88
C MET A 470 -19.26 20.58 -16.40
N ARG A 471 -18.35 21.44 -15.97
CA ARG A 471 -18.25 21.70 -14.57
C ARG A 471 -19.49 22.38 -14.05
N ASP A 472 -20.27 22.99 -14.94
CA ASP A 472 -21.48 23.66 -14.52
C ASP A 472 -22.57 22.66 -14.21
N ASN A 473 -22.55 21.47 -14.81
CA ASN A 473 -23.65 20.59 -14.52
C ASN A 473 -23.44 20.04 -13.13
N TRP A 474 -22.19 19.71 -12.87
CA TRP A 474 -21.83 19.18 -11.60
C TRP A 474 -22.03 20.26 -10.59
N ARG A 475 -21.57 21.49 -10.85
CA ARG A 475 -21.62 22.54 -9.88
C ARG A 475 -23.05 22.71 -9.42
N SER A 476 -24.00 22.55 -10.33
CA SER A 476 -25.39 22.68 -9.97
C SER A 476 -25.78 21.65 -8.92
N GLU A 477 -25.35 20.40 -9.07
CA GLU A 477 -25.68 19.37 -8.06
C GLU A 477 -24.91 19.46 -6.72
N LEU A 478 -23.67 19.91 -6.76
CA LEU A 478 -22.79 20.00 -5.59
C LEU A 478 -22.82 21.32 -4.83
N TYR A 479 -23.70 22.22 -5.19
CA TYR A 479 -23.74 23.55 -4.57
C TYR A 479 -23.98 23.51 -3.07
N LYS A 480 -24.57 22.46 -2.56
CA LYS A 480 -24.88 22.36 -1.15
C LYS A 480 -23.74 21.87 -0.29
N TYR A 481 -22.61 21.47 -0.86
CA TYR A 481 -21.59 20.89 0.01
C TYR A 481 -20.26 21.58 0.05
N LYS A 482 -19.62 21.53 1.22
CA LYS A 482 -18.24 21.98 1.34
C LYS A 482 -17.44 21.03 2.21
N VAL A 483 -16.15 20.90 1.94
CA VAL A 483 -15.30 20.01 2.72
C VAL A 483 -14.50 20.73 3.78
N VAL A 484 -14.56 20.24 5.01
CA VAL A 484 -13.79 20.86 6.06
C VAL A 484 -12.92 19.86 6.78
N LYS A 485 -11.78 20.31 7.26
CA LYS A 485 -10.85 19.52 8.03
C LYS A 485 -11.17 19.65 9.47
N ILE A 486 -11.17 18.56 10.20
CA ILE A 486 -11.46 18.64 11.60
C ILE A 486 -10.18 18.94 12.33
N GLU A 487 -10.23 19.91 13.22
CA GLU A 487 -9.07 20.34 13.99
C GLU A 487 -9.32 20.15 15.47
N PRO A 488 -9.17 18.94 16.01
CA PRO A 488 -9.56 18.54 17.34
C PRO A 488 -8.73 19.09 18.46
N LEU A 489 -7.57 19.65 18.16
CA LEU A 489 -6.72 20.08 19.25
C LEU A 489 -6.75 21.59 19.44
N GLY A 490 -6.92 22.05 20.66
CA GLY A 490 -6.91 23.49 20.92
C GLY A 490 -6.78 23.83 22.40
N VAL A 491 -6.67 25.11 22.71
CA VAL A 491 -6.48 25.54 24.08
C VAL A 491 -7.43 26.64 24.50
N ALA A 492 -7.61 26.80 25.82
CA ALA A 492 -8.39 27.87 26.41
C ALA A 492 -7.96 28.07 27.87
N PRO A 493 -8.07 29.27 28.48
CA PRO A 493 -7.79 29.50 29.89
C PRO A 493 -8.81 28.92 30.83
N THR A 494 -8.34 28.36 31.94
CA THR A 494 -9.18 27.85 33.01
C THR A 494 -8.53 28.16 34.33
N ARG A 495 -9.19 27.75 35.40
CA ARG A 495 -8.63 27.89 36.76
C ARG A 495 -7.81 26.65 37.26
N CYS A 496 -7.62 25.63 36.39
CA CYS A 496 -6.96 24.36 36.65
C CYS A 496 -5.47 24.41 36.29
N LYS A 497 -4.61 24.05 37.24
CA LYS A 497 -3.14 24.11 37.04
C LYS A 497 -2.34 22.93 37.57
N ARG A 498 -1.46 22.33 36.72
CA ARG A 498 -0.59 21.16 36.96
C ARG A 498 -0.03 20.67 35.63
N SER B 1 -27.02 10.47 22.12
CA SER B 1 -26.51 11.83 22.09
C SER B 1 -26.45 12.31 20.61
N LEU B 2 -25.56 13.27 20.29
CA LEU B 2 -25.34 13.83 18.96
C LEU B 2 -24.07 13.20 18.39
N GLY B 3 -24.23 12.47 17.30
CA GLY B 3 -23.16 11.66 16.73
C GLY B 3 -21.83 12.28 16.33
N PHE B 4 -21.79 13.50 15.82
CA PHE B 4 -20.48 14.03 15.44
C PHE B 4 -20.53 15.52 15.21
N LEU B 5 -19.78 16.31 15.99
CA LEU B 5 -19.79 17.76 15.91
C LEU B 5 -21.15 18.31 16.26
N GLY B 6 -21.97 17.52 16.92
CA GLY B 6 -23.28 17.96 17.29
C GLY B 6 -23.24 19.14 18.23
N ALA B 7 -22.18 19.22 19.01
CA ALA B 7 -22.01 20.30 19.95
C ALA B 7 -21.49 21.55 19.28
N ALA B 8 -21.13 21.50 18.01
CA ALA B 8 -20.62 22.71 17.42
C ALA B 8 -21.71 23.73 17.51
N GLY B 9 -21.38 24.93 17.91
CA GLY B 9 -22.37 25.99 18.02
C GLY B 9 -22.88 26.13 19.46
N SER B 10 -22.65 25.11 20.30
CA SER B 10 -23.07 25.16 21.70
C SER B 10 -21.96 25.88 22.41
N THR B 11 -22.13 26.24 23.66
CA THR B 11 -21.05 26.99 24.26
C THR B 11 -19.85 26.13 24.51
N MET B 12 -18.70 26.78 24.73
CA MET B 12 -17.48 26.04 24.99
C MET B 12 -17.61 25.15 26.17
N GLY B 13 -18.30 25.62 27.20
CA GLY B 13 -18.52 24.83 28.38
C GLY B 13 -19.35 23.60 28.03
N ALA B 14 -20.48 23.79 27.38
CA ALA B 14 -21.36 22.66 27.06
C ALA B 14 -20.69 21.60 26.21
N ALA B 15 -19.86 22.04 25.29
CA ALA B 15 -19.20 21.18 24.34
C ALA B 15 -18.07 20.38 24.95
N SER B 16 -17.67 20.69 26.17
CA SER B 16 -16.54 20.00 26.75
C SER B 16 -16.89 18.56 27.07
N MET B 17 -18.18 18.24 27.10
CA MET B 17 -18.56 16.89 27.45
C MET B 17 -18.69 15.98 26.24
N THR B 18 -18.36 16.47 25.05
CA THR B 18 -18.47 15.63 23.87
C THR B 18 -17.11 15.39 23.25
N LEU B 19 -16.04 15.65 23.99
CA LEU B 19 -14.71 15.49 23.41
C LEU B 19 -14.52 14.06 22.95
N THR B 20 -15.09 13.13 23.67
CA THR B 20 -15.02 11.72 23.34
C THR B 20 -15.62 11.44 21.98
N VAL B 21 -16.73 12.10 21.68
CA VAL B 21 -17.45 11.85 20.44
C VAL B 21 -16.62 12.28 19.27
N GLN B 22 -15.97 13.41 19.34
CA GLN B 22 -15.17 13.75 18.19
C GLN B 22 -13.89 12.93 18.14
N ALA B 23 -13.24 12.70 19.29
CA ALA B 23 -11.98 11.99 19.26
C ALA B 23 -12.12 10.59 18.70
N ARG B 24 -13.21 9.90 19.02
CA ARG B 24 -13.37 8.52 18.60
C ARG B 24 -13.76 8.39 17.15
N ASN B 25 -14.06 9.51 16.50
CA ASN B 25 -14.42 9.47 15.10
C ASN B 25 -13.29 10.00 14.24
N LEU B 26 -12.11 10.18 14.81
CA LEU B 26 -10.99 10.57 14.00
C LEU B 26 -10.41 9.27 13.54
N LEU B 27 -9.80 9.24 12.39
CA LEU B 27 -9.21 7.99 11.91
C LEU B 27 -10.25 6.82 11.83
N SER B 28 -11.54 7.13 11.51
CA SER B 28 -12.63 6.16 11.36
C SER B 28 -13.68 6.74 10.43
N THR B 51 -6.37 0.31 -12.73
CA THR B 51 -7.11 0.94 -11.65
C THR B 51 -6.16 1.57 -10.66
N HIS B 52 -5.92 2.87 -10.79
CA HIS B 52 -5.06 3.56 -9.84
C HIS B 52 -5.91 4.27 -8.77
N TRP B 53 -7.22 4.03 -8.81
CA TRP B 53 -8.14 4.57 -7.80
C TRP B 53 -7.83 3.90 -6.49
N GLY B 54 -6.83 3.04 -6.57
CA GLY B 54 -6.25 2.35 -5.44
C GLY B 54 -5.28 3.30 -4.74
N ILE B 55 -4.62 4.19 -5.50
CA ILE B 55 -3.69 5.12 -4.93
C ILE B 55 -4.47 6.18 -4.23
N LYS B 56 -5.52 6.69 -4.85
CA LYS B 56 -6.25 7.71 -4.12
C LYS B 56 -6.74 7.18 -2.78
N GLN B 57 -7.18 5.92 -2.74
CA GLN B 57 -7.63 5.36 -1.48
C GLN B 57 -6.47 5.24 -0.51
N LEU B 58 -5.29 4.79 -0.96
CA LEU B 58 -4.17 4.73 -0.04
C LEU B 58 -3.73 6.07 0.45
N GLN B 59 -3.75 7.08 -0.39
CA GLN B 59 -3.31 8.38 0.07
C GLN B 59 -4.23 8.89 1.13
N ALA B 60 -5.53 8.69 0.95
CA ALA B 60 -6.48 9.15 1.91
C ALA B 60 -6.31 8.44 3.25
N ARG B 61 -6.05 7.15 3.20
CA ARG B 61 -5.87 6.36 4.41
C ARG B 61 -4.61 6.78 5.12
N VAL B 62 -3.56 7.07 4.37
CA VAL B 62 -2.34 7.51 4.98
C VAL B 62 -2.53 8.86 5.63
N LEU B 63 -3.21 9.80 4.99
CA LEU B 63 -3.37 11.11 5.61
C LEU B 63 -4.16 10.99 6.89
N ALA B 64 -5.13 10.10 6.94
CA ALA B 64 -5.90 9.91 8.14
C ALA B 64 -5.00 9.52 9.31
N VAL B 65 -3.89 8.86 9.02
CA VAL B 65 -2.94 8.42 10.00
C VAL B 65 -1.92 9.48 10.31
N GLU B 66 -1.40 10.19 9.29
CA GLU B 66 -0.40 11.21 9.55
C GLU B 66 -0.99 12.36 10.37
N HIS B 67 -2.22 12.76 10.05
CA HIS B 67 -2.88 13.76 10.86
C HIS B 67 -3.23 12.89 12.01
N TYR B 68 -3.82 13.33 13.07
CA TYR B 68 -4.02 12.41 14.21
C TYR B 68 -2.70 12.03 14.84
N LEU B 69 -1.84 11.25 14.20
CA LEU B 69 -0.59 10.84 14.79
C LEU B 69 0.25 12.07 15.12
N ARG B 70 0.18 13.10 14.28
CA ARG B 70 0.89 14.34 14.52
C ARG B 70 0.35 15.07 15.76
N ASP B 71 -0.93 14.94 16.06
CA ASP B 71 -1.48 15.66 17.18
C ASP B 71 -1.14 14.86 18.42
N GLN B 72 -1.03 13.55 18.25
CA GLN B 72 -0.71 12.74 19.39
C GLN B 72 0.70 13.08 19.80
N GLN B 73 1.58 13.35 18.83
CA GLN B 73 2.92 13.70 19.21
C GLN B 73 2.93 15.00 19.97
N LEU B 74 2.14 15.99 19.58
CA LEU B 74 2.18 17.22 20.35
C LEU B 74 1.72 16.97 21.77
N LEU B 75 0.70 16.14 21.94
CA LEU B 75 0.25 15.88 23.28
C LEU B 75 1.33 15.17 24.05
N GLY B 76 2.08 14.31 23.38
CA GLY B 76 3.15 13.60 24.03
C GLY B 76 4.20 14.56 24.55
N ILE B 77 4.63 15.47 23.69
CA ILE B 77 5.66 16.41 24.02
C ILE B 77 5.25 17.32 25.15
N TRP B 78 4.00 17.74 25.16
CA TRP B 78 3.48 18.64 26.18
C TRP B 78 3.15 17.94 27.51
N GLY B 79 3.26 16.61 27.58
CA GLY B 79 2.89 15.86 28.78
C GLY B 79 1.39 15.54 28.97
N CYS B 80 0.60 15.53 27.87
CA CYS B 80 -0.83 15.33 27.82
C CYS B 80 -1.15 14.08 26.99
N SER B 81 -0.22 13.15 26.94
CA SER B 81 -0.35 11.99 26.06
C SER B 81 -1.53 11.08 26.28
N GLY B 82 -2.01 10.98 27.49
CA GLY B 82 -3.14 10.10 27.76
C GLY B 82 -4.42 10.80 28.09
N LYS B 83 -4.53 12.12 27.86
CA LYS B 83 -5.74 12.79 28.32
C LYS B 83 -6.48 13.63 27.31
N LEU B 84 -7.81 13.66 27.43
CA LEU B 84 -8.60 14.53 26.58
C LEU B 84 -8.58 15.94 27.16
N ILE B 85 -8.51 16.06 28.47
CA ILE B 85 -8.42 17.34 29.15
C ILE B 85 -7.11 17.34 29.93
N CYS B 86 -6.20 18.30 29.68
CA CYS B 86 -4.88 18.35 30.32
C CYS B 86 -4.55 19.74 30.82
N CYS B 87 -4.30 19.83 32.12
CA CYS B 87 -4.01 21.09 32.74
C CYS B 87 -2.51 21.25 32.83
N THR B 88 -1.97 22.38 32.39
CA THR B 88 -0.54 22.56 32.45
C THR B 88 -0.11 23.66 33.42
N ASN B 89 1.19 23.97 33.42
CA ASN B 89 1.79 24.97 34.30
C ASN B 89 2.16 26.27 33.59
N VAL B 90 1.61 26.50 32.42
CA VAL B 90 1.84 27.71 31.66
C VAL B 90 0.69 28.64 31.96
N PRO B 91 0.93 29.85 32.48
CA PRO B 91 -0.07 30.83 32.83
C PRO B 91 -0.65 31.42 31.57
N TRP B 92 -1.87 31.89 31.66
CA TRP B 92 -2.52 32.56 30.56
C TRP B 92 -2.14 34.04 30.51
N ASN B 93 -1.77 34.54 29.32
CA ASN B 93 -1.43 35.93 29.04
C ASN B 93 -2.65 36.66 28.47
N SER B 94 -3.02 37.80 29.11
CA SER B 94 -4.17 38.63 28.71
C SER B 94 -3.95 39.28 27.34
N SER B 95 -2.70 39.28 26.89
CA SER B 95 -2.37 39.81 25.58
C SER B 95 -2.84 38.87 24.48
N TRP B 96 -3.08 37.59 24.81
CA TRP B 96 -3.56 36.65 23.81
C TRP B 96 -5.04 36.85 23.76
N SER B 97 -5.63 36.95 24.94
CA SER B 97 -7.06 37.22 25.04
C SER B 97 -7.45 37.71 26.41
N ASN B 98 -7.91 38.96 26.46
CA ASN B 98 -8.31 39.61 27.69
C ASN B 98 -9.80 39.49 27.91
N ARG B 99 -10.26 38.33 28.35
CA ARG B 99 -11.69 38.09 28.47
C ARG B 99 -12.03 37.48 29.80
N ASN B 100 -13.25 37.68 30.24
CA ASN B 100 -13.73 37.08 31.47
C ASN B 100 -13.91 35.60 31.24
N LEU B 101 -13.63 34.76 32.22
CA LEU B 101 -13.89 33.34 31.98
C LEU B 101 -15.34 33.07 31.68
N SER B 102 -16.26 33.84 32.26
CA SER B 102 -17.66 33.58 32.02
C SER B 102 -18.04 33.94 30.59
N GLU B 103 -17.27 34.80 29.94
CA GLU B 103 -17.58 35.14 28.57
C GLU B 103 -17.09 34.03 27.69
N ILE B 104 -15.92 33.51 28.01
CA ILE B 104 -15.33 32.48 27.19
C ILE B 104 -16.10 31.20 27.27
N TRP B 105 -16.42 30.77 28.48
CA TRP B 105 -17.06 29.49 28.61
C TRP B 105 -18.57 29.48 28.40
N ASP B 106 -19.28 30.58 28.72
CA ASP B 106 -20.73 30.60 28.57
C ASP B 106 -21.29 31.34 27.36
N ASN B 107 -20.57 32.31 26.78
CA ASN B 107 -21.15 33.09 25.68
C ASN B 107 -20.44 32.93 24.36
N MET B 108 -19.60 31.91 24.25
CA MET B 108 -18.87 31.64 23.03
C MET B 108 -18.86 30.18 22.72
N THR B 109 -18.73 29.86 21.44
CA THR B 109 -18.53 28.47 21.03
C THR B 109 -17.07 28.29 20.68
N TRP B 110 -16.66 27.05 20.40
CA TRP B 110 -15.27 26.79 20.11
C TRP B 110 -14.80 27.33 18.78
N LEU B 111 -15.69 27.44 17.81
CA LEU B 111 -15.27 27.97 16.52
C LEU B 111 -14.87 29.42 16.68
N GLN B 112 -15.64 30.13 17.50
CA GLN B 112 -15.39 31.54 17.72
C GLN B 112 -14.13 31.76 18.51
N TRP B 113 -13.94 30.92 19.51
CA TRP B 113 -12.75 31.02 20.33
C TRP B 113 -11.51 30.78 19.53
N ASP B 114 -11.53 29.75 18.70
CA ASP B 114 -10.36 29.43 17.95
C ASP B 114 -10.02 30.56 17.01
N LYS B 115 -11.03 31.22 16.44
CA LYS B 115 -10.70 32.33 15.59
C LYS B 115 -10.09 33.48 16.39
N GLU B 116 -10.63 33.78 17.58
CA GLU B 116 -10.08 34.91 18.33
C GLU B 116 -8.63 34.76 18.71
N ILE B 117 -8.20 33.55 19.02
CA ILE B 117 -6.80 33.38 19.38
C ILE B 117 -5.96 32.65 18.35
N SER B 118 -6.39 32.59 17.10
CA SER B 118 -5.59 31.86 16.09
C SER B 118 -4.19 32.46 15.85
N ASN B 119 -3.99 33.74 16.21
CA ASN B 119 -2.75 34.52 16.10
C ASN B 119 -1.69 34.11 17.14
N TYR B 120 -2.09 33.44 18.26
CA TYR B 120 -1.20 33.15 19.38
C TYR B 120 -0.96 31.68 19.54
N THR B 121 -1.47 30.88 18.63
CA THR B 121 -1.36 29.44 18.75
C THR B 121 0.07 28.98 18.79
N GLN B 122 0.92 29.55 17.96
CA GLN B 122 2.29 29.09 17.95
C GLN B 122 3.03 29.49 19.21
N ILE B 123 2.66 30.61 19.79
CA ILE B 123 3.33 31.06 20.99
C ILE B 123 3.00 30.12 22.11
N ILE B 124 1.72 29.80 22.23
CA ILE B 124 1.29 28.96 23.30
C ILE B 124 1.91 27.60 23.15
N TYR B 125 1.93 27.06 21.94
CA TYR B 125 2.50 25.74 21.78
C TYR B 125 3.97 25.73 22.14
N GLY B 126 4.71 26.76 21.77
CA GLY B 126 6.11 26.78 22.13
C GLY B 126 6.30 26.79 23.64
N LEU B 127 5.47 27.55 24.35
CA LEU B 127 5.57 27.61 25.80
C LEU B 127 5.25 26.28 26.44
N LEU B 128 4.28 25.56 25.89
CA LEU B 128 3.93 24.29 26.46
C LEU B 128 5.09 23.33 26.35
N GLU B 129 5.81 23.35 25.22
CA GLU B 129 6.94 22.44 25.08
C GLU B 129 8.04 22.79 26.06
N GLU B 130 8.29 24.09 26.27
CA GLU B 130 9.35 24.47 27.19
C GLU B 130 9.04 24.04 28.60
N SER B 131 7.78 24.20 29.00
CA SER B 131 7.42 23.83 30.34
C SER B 131 7.57 22.36 30.57
N GLN B 132 7.13 21.52 29.64
CA GLN B 132 7.26 20.10 29.89
C GLN B 132 8.71 19.68 29.92
N ASN B 133 9.55 20.27 29.08
CA ASN B 133 10.93 19.85 29.10
C ASN B 133 11.57 20.19 30.43
N GLN B 134 11.24 21.36 30.98
CA GLN B 134 11.82 21.71 32.26
C GLN B 134 11.34 20.78 33.33
N GLN B 135 10.06 20.38 33.26
CA GLN B 135 9.53 19.50 34.27
C GLN B 135 10.18 18.13 34.24
N GLU B 136 10.47 17.60 33.06
CA GLU B 136 11.09 16.29 33.04
C GLU B 136 12.49 16.36 33.61
N LYS B 137 13.22 17.43 33.32
CA LYS B 137 14.54 17.51 33.92
C LYS B 137 14.43 17.62 35.43
N ASN B 138 13.47 18.41 35.92
CA ASN B 138 13.37 18.56 37.36
C ASN B 138 13.03 17.23 38.03
N GLU B 139 12.15 16.45 37.39
CA GLU B 139 11.79 15.17 37.97
C GLU B 139 12.98 14.26 38.05
N GLN B 140 13.80 14.23 37.00
CA GLN B 140 14.96 13.37 37.02
C GLN B 140 15.89 13.74 38.16
N ASP B 141 16.10 15.03 38.41
CA ASP B 141 16.98 15.40 39.50
C ASP B 141 16.39 15.00 40.85
N LEU B 142 15.08 15.13 41.03
CA LEU B 142 14.50 14.76 42.30
C LEU B 142 14.62 13.28 42.56
N LEU B 143 14.45 12.47 41.53
CA LEU B 143 14.55 11.05 41.72
C LEU B 143 15.97 10.69 42.10
N ALA B 144 16.94 11.37 41.49
CA ALA B 144 18.33 11.12 41.80
C ALA B 144 18.65 11.46 43.26
N LEU B 145 18.09 12.56 43.76
CA LEU B 145 18.31 12.97 45.15
C LEU B 145 17.63 12.06 46.19
N ASP B 146 16.41 11.57 45.89
CA ASP B 146 15.58 10.68 46.70
C ASP B 146 16.21 9.29 46.75
N ASN C 30 -18.53 -8.56 44.30
CA ASN C 30 -17.94 -7.23 44.17
C ASN C 30 -16.65 -7.32 43.32
N LEU C 31 -16.82 -7.59 42.01
CA LEU C 31 -15.78 -7.73 40.98
C LEU C 31 -15.77 -6.53 40.08
N TRP C 32 -14.61 -6.25 39.49
CA TRP C 32 -14.38 -5.10 38.63
C TRP C 32 -13.85 -5.47 37.26
N VAL C 33 -14.15 -4.64 36.28
CA VAL C 33 -13.66 -4.88 34.94
C VAL C 33 -12.18 -4.55 34.85
N THR C 34 -11.39 -5.48 34.30
CA THR C 34 -9.98 -5.25 34.05
C THR C 34 -9.73 -5.42 32.57
N VAL C 35 -8.99 -4.48 32.02
CA VAL C 35 -8.69 -4.47 30.60
C VAL C 35 -7.32 -5.05 30.35
N TYR C 36 -7.23 -5.99 29.45
CA TYR C 36 -5.97 -6.62 29.12
C TYR C 36 -5.63 -6.45 27.65
N TYR C 37 -4.35 -6.18 27.37
CA TYR C 37 -3.88 -6.03 26.02
C TYR C 37 -2.72 -6.98 25.78
N GLY C 38 -2.80 -7.73 24.68
CA GLY C 38 -1.81 -8.74 24.33
C GLY C 38 -2.41 -10.11 24.57
N VAL C 39 -3.72 -10.17 24.62
CA VAL C 39 -4.45 -11.40 24.85
C VAL C 39 -4.36 -12.33 23.64
N PRO C 40 -3.95 -13.60 23.79
CA PRO C 40 -3.76 -14.55 22.71
C PRO C 40 -5.02 -15.15 22.12
N VAL C 41 -5.83 -14.31 21.49
CA VAL C 41 -7.07 -14.76 20.84
C VAL C 41 -7.17 -14.29 19.40
N TRP C 42 -8.05 -14.94 18.64
CA TRP C 42 -8.23 -14.61 17.25
C TRP C 42 -9.58 -14.94 16.67
N LYS C 43 -9.84 -14.38 15.49
CA LYS C 43 -11.05 -14.63 14.69
C LYS C 43 -10.73 -15.00 13.26
N ASP C 44 -11.62 -15.75 12.62
CA ASP C 44 -11.39 -16.05 11.20
C ASP C 44 -11.37 -14.75 10.43
N ALA C 45 -10.46 -14.64 9.46
CA ALA C 45 -10.41 -13.40 8.70
C ALA C 45 -9.84 -13.56 7.33
N GLU C 46 -10.17 -12.62 6.46
CA GLU C 46 -9.61 -12.59 5.14
C GLU C 46 -8.74 -11.36 5.05
N THR C 47 -7.62 -11.49 4.38
CA THR C 47 -6.75 -10.35 4.18
C THR C 47 -5.89 -10.53 2.95
N THR C 48 -4.98 -9.61 2.78
CA THR C 48 -4.05 -9.61 1.67
C THR C 48 -2.77 -10.27 2.12
N LEU C 49 -2.35 -11.29 1.41
CA LEU C 49 -1.11 -11.97 1.72
C LEU C 49 -0.08 -11.54 0.72
N PHE C 50 1.18 -11.62 1.08
CA PHE C 50 2.24 -11.30 0.13
C PHE C 50 3.12 -12.53 -0.01
N CYS C 51 3.91 -12.61 -1.12
CA CYS C 51 4.80 -13.73 -1.38
C CYS C 51 6.21 -13.46 -0.89
N ALA C 52 6.90 -14.54 -0.52
CA ALA C 52 8.27 -14.43 -0.09
C ALA C 52 9.21 -15.28 -0.93
N SER C 53 8.82 -15.60 -2.15
CA SER C 53 9.72 -16.38 -3.00
C SER C 53 10.26 -17.62 -2.24
N ASP C 54 11.57 -17.95 -2.43
CA ASP C 54 12.36 -19.02 -1.81
C ASP C 54 13.84 -18.81 -2.18
N HIS C 63 13.52 -13.42 -15.68
CA HIS C 63 14.05 -14.74 -16.04
C HIS C 63 13.08 -15.93 -15.78
N ASN C 64 11.95 -15.70 -15.08
CA ASN C 64 10.94 -16.70 -14.73
C ASN C 64 9.58 -16.05 -14.73
N VAL C 65 8.58 -16.81 -15.14
CA VAL C 65 7.22 -16.30 -15.15
C VAL C 65 6.75 -15.87 -13.77
N TRP C 66 6.98 -16.68 -12.74
CA TRP C 66 6.54 -16.32 -11.39
C TRP C 66 7.62 -15.46 -10.85
N ALA C 67 7.56 -14.20 -11.22
CA ALA C 67 8.56 -13.24 -10.85
C ALA C 67 8.72 -13.19 -9.37
N THR C 68 9.98 -13.21 -8.96
CA THR C 68 10.37 -13.13 -7.58
C THR C 68 10.70 -11.70 -7.25
N HIS C 69 10.59 -10.86 -8.26
CA HIS C 69 10.86 -9.44 -8.20
C HIS C 69 9.72 -8.78 -7.46
N CYS C 70 8.59 -9.49 -7.46
CA CYS C 70 7.35 -9.12 -6.79
C CYS C 70 7.27 -9.56 -5.30
N CYS C 71 8.31 -10.27 -4.77
CA CYS C 71 8.37 -10.89 -3.46
C CYS C 71 9.47 -10.32 -2.58
N VAL C 72 9.47 -10.80 -1.36
CA VAL C 72 10.49 -10.48 -0.37
C VAL C 72 11.20 -11.79 -0.07
N PRO C 73 12.39 -11.83 0.52
CA PRO C 73 13.04 -13.06 0.92
C PRO C 73 12.36 -13.69 2.10
N THR C 74 12.47 -15.01 2.23
CA THR C 74 11.94 -15.72 3.39
C THR C 74 12.92 -15.62 4.53
N ASP C 75 12.44 -15.90 5.74
CA ASP C 75 13.37 -15.98 6.85
C ASP C 75 14.23 -17.22 6.63
N PRO C 76 15.55 -17.18 6.87
CA PRO C 76 16.42 -18.34 6.87
C PRO C 76 16.03 -19.33 7.98
N ASN C 77 15.34 -18.82 8.98
CA ASN C 77 14.89 -19.55 10.14
C ASN C 77 13.45 -19.21 10.45
N PRO C 78 12.47 -19.71 9.69
CA PRO C 78 11.07 -19.43 9.89
C PRO C 78 10.69 -20.10 11.18
N GLN C 79 9.72 -19.55 11.89
CA GLN C 79 9.31 -20.16 13.15
C GLN C 79 7.99 -20.89 13.05
N GLU C 80 7.81 -21.84 13.96
CA GLU C 80 6.55 -22.55 14.10
C GLU C 80 6.27 -22.82 15.56
N ILE C 81 5.09 -22.47 16.02
CA ILE C 81 4.73 -22.66 17.40
C ILE C 81 3.61 -23.63 17.63
N HIS C 82 3.88 -24.68 18.37
CA HIS C 82 2.85 -25.67 18.64
C HIS C 82 1.86 -25.14 19.66
N LEU C 83 0.56 -25.32 19.42
CA LEU C 83 -0.41 -24.83 20.40
C LEU C 83 -1.03 -25.97 21.20
N GLU C 84 -0.63 -26.11 22.44
CA GLU C 84 -1.19 -27.22 23.20
C GLU C 84 -2.62 -26.85 23.60
N ASN C 85 -3.53 -27.84 23.64
CA ASN C 85 -4.94 -27.73 24.06
C ASN C 85 -5.76 -26.72 23.22
N VAL C 86 -5.50 -26.62 21.89
CA VAL C 86 -6.23 -25.75 20.96
C VAL C 86 -6.75 -26.58 19.83
N THR C 87 -8.06 -26.54 19.60
CA THR C 87 -8.67 -27.27 18.50
C THR C 87 -9.36 -26.26 17.61
N GLU C 88 -9.05 -26.29 16.33
CA GLU C 88 -9.63 -25.32 15.42
C GLU C 88 -10.44 -25.93 14.33
N GLU C 89 -11.41 -25.20 13.82
CA GLU C 89 -12.19 -25.70 12.70
C GLU C 89 -11.61 -25.23 11.38
N PHE C 90 -11.37 -26.18 10.49
CA PHE C 90 -10.84 -25.87 9.18
C PHE C 90 -11.85 -26.22 8.14
N ASN C 91 -11.87 -25.48 7.05
CA ASN C 91 -12.73 -25.83 5.95
C ASN C 91 -12.04 -25.46 4.68
N MET C 92 -11.37 -26.42 4.08
CA MET C 92 -10.58 -26.19 2.90
C MET C 92 -11.39 -25.78 1.69
N TRP C 93 -12.69 -25.95 1.73
CA TRP C 93 -13.48 -25.64 0.58
C TRP C 93 -13.93 -24.21 0.57
N LYS C 94 -13.70 -23.51 1.68
CA LYS C 94 -14.12 -22.14 1.84
C LYS C 94 -12.92 -21.29 2.19
N ASN C 95 -11.75 -21.80 1.85
CA ASN C 95 -10.49 -21.19 2.17
C ASN C 95 -10.12 -20.13 1.15
N ASN C 96 -10.13 -18.87 1.56
CA ASN C 96 -9.91 -17.78 0.63
C ASN C 96 -8.46 -17.62 0.23
N MET C 97 -7.58 -18.41 0.81
CA MET C 97 -6.18 -18.34 0.42
C MET C 97 -6.07 -18.88 -0.98
N VAL C 98 -6.99 -19.77 -1.36
CA VAL C 98 -6.98 -20.38 -2.66
C VAL C 98 -7.37 -19.40 -3.71
N GLU C 99 -8.40 -18.63 -3.44
CA GLU C 99 -8.83 -17.65 -4.41
C GLU C 99 -7.76 -16.64 -4.62
N GLN C 100 -7.07 -16.26 -3.55
CA GLN C 100 -6.08 -15.25 -3.73
C GLN C 100 -4.88 -15.80 -4.50
N MET C 101 -4.50 -17.05 -4.25
CA MET C 101 -3.38 -17.63 -4.98
C MET C 101 -3.71 -17.71 -6.45
N HIS C 102 -4.95 -18.06 -6.76
CA HIS C 102 -5.39 -18.20 -8.13
C HIS C 102 -5.22 -16.88 -8.86
N GLU C 103 -5.69 -15.80 -8.24
CA GLU C 103 -5.56 -14.51 -8.90
C GLU C 103 -4.12 -14.08 -9.04
N ASP C 104 -3.27 -14.33 -8.05
CA ASP C 104 -1.88 -13.90 -8.20
C ASP C 104 -1.19 -14.59 -9.34
N ILE C 105 -1.47 -15.88 -9.51
CA ILE C 105 -0.83 -16.62 -10.57
C ILE C 105 -1.25 -16.12 -11.92
N ILE C 106 -2.53 -15.86 -12.10
CA ILE C 106 -2.92 -15.37 -13.39
C ILE C 106 -2.27 -14.03 -13.65
N SER C 107 -2.24 -13.15 -12.66
CA SER C 107 -1.63 -11.85 -12.90
C SER C 107 -0.15 -11.95 -13.23
N LEU C 108 0.59 -12.83 -12.55
CA LEU C 108 2.00 -12.96 -12.87
C LEU C 108 2.19 -13.49 -14.28
N TRP C 109 1.34 -14.43 -14.66
CA TRP C 109 1.40 -15.02 -15.97
C TRP C 109 1.22 -13.95 -17.01
N ASP C 110 0.17 -13.15 -16.87
CA ASP C 110 -0.08 -12.14 -17.86
C ASP C 110 1.00 -11.10 -17.92
N GLN C 111 1.58 -10.72 -16.79
CA GLN C 111 2.63 -9.73 -16.84
C GLN C 111 3.84 -10.23 -17.59
N SER C 112 4.14 -11.51 -17.49
CA SER C 112 5.33 -12.03 -18.15
C SER C 112 5.24 -11.96 -19.67
N LEU C 113 4.03 -11.80 -20.23
CA LEU C 113 3.89 -11.74 -21.68
C LEU C 113 3.79 -10.31 -22.17
N LYS C 114 3.67 -9.36 -21.26
CA LYS C 114 3.44 -7.99 -21.63
C LYS C 114 4.48 -7.42 -22.60
N PRO C 115 5.81 -7.59 -22.37
CA PRO C 115 6.85 -7.08 -23.23
C PRO C 115 7.30 -7.98 -24.39
N CYS C 116 6.60 -9.10 -24.67
CA CYS C 116 7.05 -10.11 -25.63
C CYS C 116 6.53 -9.81 -27.04
N VAL C 117 7.17 -10.43 -28.02
CA VAL C 117 6.87 -10.27 -29.44
C VAL C 117 5.46 -10.61 -29.81
N LYS C 118 4.79 -9.74 -30.53
CA LYS C 118 3.43 -10.02 -30.92
C LYS C 118 3.48 -10.77 -32.21
N LEU C 119 2.59 -11.72 -32.43
CA LEU C 119 2.58 -12.50 -33.64
C LEU C 119 1.43 -12.26 -34.59
N THR C 120 0.76 -11.12 -34.48
CA THR C 120 -0.33 -10.81 -35.39
C THR C 120 0.02 -11.07 -36.86
N PRO C 121 1.20 -10.70 -37.39
CA PRO C 121 1.61 -10.89 -38.77
C PRO C 121 1.55 -12.35 -39.25
N LEU C 122 1.48 -13.33 -38.35
CA LEU C 122 1.38 -14.74 -38.78
C LEU C 122 0.00 -15.18 -39.22
N CYS C 123 -1.06 -14.40 -38.95
CA CYS C 123 -2.43 -14.81 -39.23
C CYS C 123 -2.76 -14.50 -40.70
N VAL C 124 -2.20 -15.35 -41.54
CA VAL C 124 -2.30 -15.32 -42.99
C VAL C 124 -2.66 -16.70 -43.49
N THR C 125 -3.12 -16.80 -44.72
CA THR C 125 -3.36 -18.13 -45.25
C THR C 125 -2.07 -18.88 -45.36
N LEU C 126 -2.07 -20.11 -44.89
CA LEU C 126 -0.91 -20.97 -44.96
C LEU C 126 -1.15 -21.97 -46.07
N GLN C 127 -0.11 -22.32 -46.81
CA GLN C 127 -0.19 -23.36 -47.83
C GLN C 127 0.45 -24.61 -47.26
N CYS C 128 -0.35 -25.64 -46.88
CA CYS C 128 0.18 -26.79 -46.13
C CYS C 128 0.03 -28.11 -46.86
N THR C 129 1.03 -28.94 -46.65
CA THR C 129 1.09 -30.32 -47.08
C THR C 129 1.40 -31.13 -45.82
N ASN C 130 1.41 -32.47 -45.91
CA ASN C 130 1.67 -33.38 -44.79
C ASN C 130 3.18 -33.62 -44.61
N VAL C 131 3.63 -33.86 -43.36
CA VAL C 131 5.00 -34.30 -43.08
C VAL C 131 4.96 -35.81 -43.05
N THR C 132 5.40 -36.42 -44.15
CA THR C 132 5.32 -37.86 -44.31
C THR C 132 6.69 -38.48 -44.45
N ASN C 133 7.71 -37.66 -44.30
CA ASN C 133 9.07 -38.10 -44.56
C ASN C 133 9.63 -39.23 -43.69
N ASN C 134 9.28 -39.29 -42.39
CA ASN C 134 9.80 -40.28 -41.44
C ASN C 134 8.70 -40.71 -40.45
N ILE C 135 7.63 -41.34 -40.97
CA ILE C 135 6.42 -41.74 -40.22
C ILE C 135 6.31 -43.22 -39.94
N THR C 136 6.01 -43.51 -38.67
CA THR C 136 5.84 -44.82 -38.06
C THR C 136 4.38 -45.20 -37.93
N ASP C 137 3.55 -44.34 -38.46
CA ASP C 137 2.09 -44.35 -38.42
C ASP C 137 1.52 -44.02 -37.06
N ASP C 138 2.36 -43.61 -36.11
CA ASP C 138 1.84 -43.15 -34.83
C ASP C 138 1.58 -41.68 -34.95
N MET C 139 2.41 -41.04 -35.77
CA MET C 139 2.44 -39.62 -36.05
C MET C 139 1.85 -39.24 -37.38
N ARG C 140 1.16 -40.16 -37.99
CA ARG C 140 0.62 -39.81 -39.28
C ARG C 140 -0.47 -38.80 -39.10
N GLY C 141 -0.32 -37.68 -39.76
CA GLY C 141 -1.29 -36.61 -39.67
C GLY C 141 -1.07 -35.68 -38.48
N GLU C 142 -0.04 -35.91 -37.68
CA GLU C 142 0.21 -35.06 -36.51
C GLU C 142 1.15 -33.91 -36.80
N LEU C 143 1.66 -33.85 -38.02
CA LEU C 143 2.55 -32.77 -38.42
C LEU C 143 2.25 -32.30 -39.81
N LYS C 144 2.25 -30.98 -39.94
CA LYS C 144 2.01 -30.29 -41.18
C LYS C 144 3.23 -29.46 -41.53
N ASN C 145 3.50 -29.32 -42.84
CA ASN C 145 4.57 -28.50 -43.42
C ASN C 145 3.92 -27.33 -44.17
N CYS C 146 3.96 -26.12 -43.55
CA CYS C 146 3.22 -24.94 -44.04
C CYS C 146 4.12 -23.81 -44.50
N SER C 147 3.77 -23.24 -45.65
CA SER C 147 4.48 -22.08 -46.21
C SER C 147 3.60 -20.84 -46.20
N PHE C 148 4.22 -19.71 -45.95
CA PHE C 148 3.49 -18.44 -45.90
C PHE C 148 4.34 -17.20 -46.24
N ASN C 149 3.66 -16.08 -46.61
CA ASN C 149 4.27 -14.78 -46.89
C ASN C 149 4.29 -13.93 -45.61
N MET C 150 5.46 -13.85 -44.95
CA MET C 150 5.70 -13.21 -43.67
C MET C 150 6.27 -11.82 -43.88
N THR C 151 6.05 -10.95 -42.92
CA THR C 151 6.60 -9.61 -42.95
C THR C 151 8.07 -9.65 -42.63
N THR C 152 8.75 -8.56 -42.89
CA THR C 152 10.17 -8.36 -42.70
C THR C 152 10.47 -7.10 -41.92
N GLU C 153 11.76 -6.82 -41.65
CA GLU C 153 12.13 -5.61 -40.92
C GLU C 153 11.62 -4.37 -41.61
N LEU C 154 11.65 -4.38 -42.92
CA LEU C 154 11.19 -3.22 -43.67
C LEU C 154 9.75 -3.41 -44.08
N ARG C 155 8.98 -2.33 -43.99
CA ARG C 155 7.57 -2.27 -44.30
C ARG C 155 7.25 -2.63 -45.74
N ASP C 156 8.15 -2.33 -46.64
CA ASP C 156 7.93 -2.58 -48.04
C ASP C 156 8.49 -3.91 -48.57
N LYS C 157 8.92 -4.81 -47.68
CA LYS C 157 9.45 -6.10 -48.10
C LYS C 157 8.67 -7.29 -47.51
N LYS C 158 8.78 -8.45 -48.18
CA LYS C 158 8.16 -9.71 -47.73
C LYS C 158 9.15 -10.85 -47.84
N GLN C 159 8.95 -11.90 -47.04
CA GLN C 159 9.78 -13.09 -47.15
C GLN C 159 8.93 -14.35 -47.12
N LYS C 160 9.37 -15.38 -47.84
CA LYS C 160 8.67 -16.65 -47.82
C LYS C 160 9.31 -17.55 -46.79
N VAL C 161 8.49 -18.04 -45.89
CA VAL C 161 8.93 -18.84 -44.77
C VAL C 161 8.16 -20.13 -44.67
N TYR C 162 8.82 -21.19 -44.26
CA TYR C 162 8.04 -22.39 -44.01
C TYR C 162 8.36 -22.87 -42.61
N SER C 163 7.40 -23.54 -42.01
CA SER C 163 7.55 -24.06 -40.65
C SER C 163 6.67 -25.25 -40.38
N LEU C 164 6.93 -25.93 -39.26
CA LEU C 164 6.06 -27.06 -38.92
C LEU C 164 5.02 -26.78 -37.82
N PHE C 165 3.86 -27.36 -38.03
CA PHE C 165 2.72 -27.26 -37.14
C PHE C 165 2.22 -28.63 -36.73
N TYR C 166 1.49 -28.73 -35.62
CA TYR C 166 1.08 -30.03 -35.08
C TYR C 166 -0.35 -30.45 -35.28
N ARG C 167 -1.06 -29.81 -36.18
CA ARG C 167 -2.48 -30.10 -36.44
C ARG C 167 -3.37 -29.50 -35.37
N LEU C 168 -3.07 -29.73 -34.11
CA LEU C 168 -3.90 -29.21 -33.05
C LEU C 168 -3.95 -27.69 -33.11
N ASP C 169 -2.89 -27.04 -33.58
CA ASP C 169 -2.85 -25.61 -33.67
C ASP C 169 -3.18 -25.00 -35.05
N VAL C 170 -3.62 -25.82 -36.00
CA VAL C 170 -3.95 -25.33 -37.35
C VAL C 170 -5.34 -25.82 -37.82
N VAL C 171 -6.15 -24.90 -38.33
CA VAL C 171 -7.48 -25.25 -38.79
C VAL C 171 -7.66 -24.95 -40.26
N GLN C 172 -8.26 -25.88 -40.98
CA GLN C 172 -8.46 -25.71 -42.42
C GLN C 172 -9.50 -24.67 -42.69
N ILE C 173 -9.22 -23.81 -43.67
CA ILE C 173 -10.12 -22.73 -44.04
C ILE C 173 -11.37 -23.15 -44.83
N ASN C 174 -11.20 -23.99 -45.88
CA ASN C 174 -12.26 -24.45 -46.78
C ASN C 174 -12.64 -25.89 -46.44
N LYS C 186 -6.08 -27.30 -49.17
CA LYS C 186 -4.76 -27.14 -48.54
C LYS C 186 -4.49 -25.72 -47.94
N GLU C 187 -5.54 -24.87 -47.84
CA GLU C 187 -5.46 -23.52 -47.25
C GLU C 187 -5.86 -23.58 -45.80
N TYR C 188 -4.93 -23.20 -44.93
CA TYR C 188 -5.07 -23.26 -43.48
C TYR C 188 -4.79 -21.96 -42.78
N ARG C 189 -5.29 -21.84 -41.57
CA ARG C 189 -5.00 -20.69 -40.73
C ARG C 189 -4.72 -21.15 -39.32
N LEU C 190 -4.12 -20.32 -38.51
CA LEU C 190 -3.90 -20.73 -37.14
C LEU C 190 -5.22 -20.71 -36.40
N ILE C 191 -5.37 -21.59 -35.41
CA ILE C 191 -6.66 -21.65 -34.69
C ILE C 191 -7.07 -20.40 -33.97
N ASN C 192 -6.15 -19.56 -33.58
CA ASN C 192 -6.49 -18.33 -32.88
C ASN C 192 -7.03 -17.18 -33.74
N CYS C 193 -6.98 -17.27 -35.10
CA CYS C 193 -7.33 -16.16 -36.00
C CYS C 193 -8.76 -15.67 -35.84
N ASN C 194 -9.70 -16.52 -35.47
CA ASN C 194 -11.05 -16.02 -35.35
C ASN C 194 -11.51 -15.76 -33.89
N THR C 195 -10.60 -15.85 -32.86
CA THR C 195 -10.96 -15.63 -31.44
C THR C 195 -10.01 -14.75 -30.63
N SER C 196 -8.74 -14.69 -30.98
CA SER C 196 -7.81 -14.02 -30.09
C SER C 196 -6.55 -13.45 -30.67
N ALA C 197 -5.90 -12.62 -29.86
CA ALA C 197 -4.59 -12.12 -30.22
C ALA C 197 -3.57 -13.13 -29.78
N ILE C 198 -2.56 -13.33 -30.58
CA ILE C 198 -1.52 -14.27 -30.21
C ILE C 198 -0.21 -13.58 -29.85
N THR C 199 0.34 -13.93 -28.69
CA THR C 199 1.61 -13.37 -28.21
C THR C 199 2.66 -14.44 -28.02
N GLN C 200 3.87 -14.24 -28.51
CA GLN C 200 4.93 -15.23 -28.34
C GLN C 200 5.50 -15.15 -26.97
N ALA C 201 5.64 -16.27 -26.30
CA ALA C 201 6.27 -16.22 -25.00
C ALA C 201 7.74 -15.87 -25.21
N CYS C 202 8.34 -15.07 -24.30
CA CYS C 202 9.75 -14.69 -24.33
C CYS C 202 10.63 -15.94 -24.11
N PRO C 203 11.60 -16.23 -24.99
CA PRO C 203 12.47 -17.40 -24.95
C PRO C 203 13.41 -17.40 -23.76
N LYS C 204 13.54 -16.24 -23.14
CA LYS C 204 14.42 -16.09 -22.01
C LYS C 204 13.71 -16.27 -20.68
N VAL C 205 12.39 -16.49 -20.70
CA VAL C 205 11.65 -16.60 -19.45
C VAL C 205 11.18 -18.02 -19.19
N SER C 206 11.67 -18.60 -18.11
CA SER C 206 11.35 -19.97 -17.77
C SER C 206 9.95 -20.20 -17.19
N PHE C 207 9.40 -21.35 -17.52
CA PHE C 207 8.11 -21.78 -17.00
C PHE C 207 8.26 -22.78 -15.87
N GLU C 208 9.47 -22.92 -15.38
CA GLU C 208 9.73 -23.84 -14.29
C GLU C 208 9.18 -23.25 -13.00
N PRO C 209 8.32 -23.95 -12.24
CA PRO C 209 7.76 -23.45 -11.02
C PRO C 209 8.82 -23.28 -9.95
N ILE C 210 8.71 -22.20 -9.22
CA ILE C 210 9.55 -21.87 -8.09
C ILE C 210 8.65 -21.95 -6.90
N PRO C 211 8.96 -22.67 -5.84
CA PRO C 211 8.08 -22.76 -4.72
C PRO C 211 7.93 -21.39 -4.15
N ILE C 212 6.70 -20.98 -3.93
CA ILE C 212 6.42 -19.68 -3.38
C ILE C 212 5.81 -19.78 -2.02
N HIS C 213 6.40 -19.11 -1.05
CA HIS C 213 5.81 -19.10 0.28
C HIS C 213 4.83 -17.94 0.38
N TYR C 214 3.69 -18.13 1.04
CA TYR C 214 2.79 -17.00 1.31
C TYR C 214 2.95 -16.58 2.75
N CYS C 215 2.98 -15.25 3.01
CA CYS C 215 3.18 -14.68 4.34
C CYS C 215 2.07 -13.73 4.73
N ALA C 216 1.62 -13.86 5.97
CA ALA C 216 0.60 -12.99 6.51
C ALA C 216 1.23 -11.67 6.95
N PRO C 217 0.50 -10.56 6.88
CA PRO C 217 0.90 -9.25 7.35
C PRO C 217 0.88 -9.17 8.86
N ALA C 218 1.56 -8.18 9.41
CA ALA C 218 1.53 -8.03 10.85
C ALA C 218 0.11 -7.85 11.30
N GLY C 219 -0.24 -8.49 12.42
CA GLY C 219 -1.58 -8.42 12.97
C GLY C 219 -2.39 -9.65 12.62
N PHE C 220 -1.87 -10.46 11.70
CA PHE C 220 -2.48 -11.69 11.22
C PHE C 220 -1.54 -12.86 11.39
N ALA C 221 -2.12 -14.05 11.45
CA ALA C 221 -1.31 -15.23 11.56
C ALA C 221 -1.94 -16.37 10.82
N ILE C 222 -1.15 -17.36 10.46
CA ILE C 222 -1.69 -18.49 9.76
C ILE C 222 -1.65 -19.69 10.68
N LEU C 223 -2.79 -20.32 10.86
CA LEU C 223 -2.79 -21.48 11.71
C LEU C 223 -2.67 -22.66 10.79
N LYS C 224 -1.82 -23.60 11.15
CA LYS C 224 -1.59 -24.78 10.36
C LYS C 224 -2.11 -26.00 11.10
N CYS C 225 -2.71 -26.97 10.37
CA CYS C 225 -3.22 -28.22 10.91
C CYS C 225 -2.14 -29.31 10.83
N LYS C 226 -1.79 -29.86 11.99
CA LYS C 226 -0.80 -30.91 12.16
C LYS C 226 -1.43 -32.24 12.46
N ASP C 227 -2.73 -32.34 12.28
CA ASP C 227 -3.44 -33.57 12.55
C ASP C 227 -3.28 -34.48 11.36
N LYS C 228 -2.59 -35.58 11.54
CA LYS C 228 -2.34 -36.49 10.45
C LYS C 228 -3.65 -37.14 10.07
N LYS C 229 -3.81 -37.48 8.80
CA LYS C 229 -5.05 -38.09 8.31
C LYS C 229 -6.24 -37.16 8.47
N PHE C 230 -6.01 -35.86 8.26
CA PHE C 230 -7.05 -34.85 8.34
C PHE C 230 -7.68 -34.65 6.98
N ASN C 231 -9.03 -34.72 6.90
CA ASN C 231 -9.79 -34.64 5.65
C ASN C 231 -10.09 -33.21 5.16
N GLY C 232 -9.70 -32.15 5.90
CA GLY C 232 -9.88 -30.75 5.53
C GLY C 232 -11.15 -30.04 6.00
N THR C 233 -12.14 -30.75 6.56
CA THR C 233 -13.36 -30.04 6.98
C THR C 233 -13.75 -30.10 8.45
N GLY C 234 -13.18 -31.01 9.19
CA GLY C 234 -13.56 -31.14 10.58
C GLY C 234 -12.68 -30.30 11.49
N PRO C 235 -12.83 -30.45 12.80
CA PRO C 235 -12.01 -29.85 13.82
C PRO C 235 -10.66 -30.49 13.65
N CYS C 236 -9.57 -29.78 13.95
CA CYS C 236 -8.20 -30.23 13.91
C CYS C 236 -7.61 -30.13 15.33
N PRO C 237 -7.51 -31.25 16.06
CA PRO C 237 -7.00 -31.38 17.42
C PRO C 237 -5.56 -30.98 17.63
N SER C 238 -4.77 -30.90 16.58
CA SER C 238 -3.38 -30.53 16.74
C SER C 238 -2.99 -29.49 15.74
N VAL C 239 -2.76 -28.27 16.22
CA VAL C 239 -2.45 -27.13 15.37
C VAL C 239 -1.20 -26.39 15.83
N SER C 240 -0.66 -25.57 14.94
CA SER C 240 0.49 -24.71 15.22
C SER C 240 0.37 -23.38 14.51
N THR C 241 1.14 -22.40 14.93
CA THR C 241 1.10 -21.09 14.29
C THR C 241 2.36 -20.80 13.53
N VAL C 242 2.19 -20.34 12.29
CA VAL C 242 3.30 -19.96 11.46
C VAL C 242 3.03 -18.59 10.91
N GLN C 243 4.06 -17.90 10.45
CA GLN C 243 3.79 -16.63 9.79
C GLN C 243 3.68 -16.78 8.26
N CYS C 244 4.43 -17.75 7.68
CA CYS C 244 4.52 -18.05 6.26
C CYS C 244 4.23 -19.53 6.06
N THR C 245 3.63 -19.86 4.93
CA THR C 245 3.32 -21.24 4.56
C THR C 245 4.57 -21.86 4.04
N HIS C 246 4.56 -23.16 3.83
CA HIS C 246 5.69 -23.82 3.20
C HIS C 246 5.72 -23.33 1.77
N GLY C 247 6.83 -23.47 1.08
CA GLY C 247 6.79 -23.00 -0.29
C GLY C 247 5.97 -23.94 -1.13
N ILE C 248 5.09 -23.41 -1.94
CA ILE C 248 4.27 -24.22 -2.82
C ILE C 248 4.61 -24.00 -4.26
N LYS C 249 4.95 -25.07 -4.96
CA LYS C 249 5.24 -24.92 -6.36
C LYS C 249 3.93 -24.81 -7.11
N PRO C 250 3.70 -23.77 -7.92
CA PRO C 250 2.48 -23.56 -8.67
C PRO C 250 2.46 -24.43 -9.91
N VAL C 251 2.38 -25.72 -9.68
CA VAL C 251 2.42 -26.68 -10.76
C VAL C 251 1.07 -26.72 -11.42
N VAL C 252 1.06 -26.64 -12.73
CA VAL C 252 -0.18 -26.66 -13.46
C VAL C 252 -0.41 -27.97 -14.17
N SER C 253 -1.51 -28.62 -13.85
CA SER C 253 -1.87 -29.87 -14.49
C SER C 253 -3.33 -30.16 -14.33
N THR C 254 -3.80 -31.13 -15.08
CA THR C 254 -5.17 -31.59 -14.87
C THR C 254 -5.15 -33.07 -14.58
N GLN C 255 -6.24 -33.63 -14.04
CA GLN C 255 -6.37 -35.07 -13.74
C GLN C 255 -5.41 -35.66 -12.69
N LEU C 256 -4.12 -35.60 -12.95
CA LEU C 256 -3.13 -36.12 -12.02
C LEU C 256 -2.32 -34.93 -11.53
N LEU C 257 -2.26 -34.79 -10.23
CA LEU C 257 -1.54 -33.72 -9.62
C LEU C 257 -0.10 -34.12 -9.55
N LEU C 258 0.78 -33.22 -9.92
CA LEU C 258 2.19 -33.54 -9.89
C LEU C 258 2.94 -32.69 -8.88
N ASN C 259 4.02 -33.27 -8.31
CA ASN C 259 5.03 -32.66 -7.45
C ASN C 259 4.46 -31.94 -6.20
N GLY C 260 3.41 -32.49 -5.56
CA GLY C 260 2.81 -31.94 -4.34
C GLY C 260 3.30 -32.69 -3.12
N SER C 261 2.64 -32.46 -2.01
CA SER C 261 3.00 -33.14 -0.79
C SER C 261 2.30 -34.48 -0.71
N LEU C 262 2.84 -35.38 0.07
CA LEU C 262 2.24 -36.68 0.30
C LEU C 262 1.58 -36.77 1.64
N ALA C 263 0.60 -37.65 1.72
CA ALA C 263 -0.10 -37.94 2.95
C ALA C 263 0.90 -38.58 3.88
N GLU C 264 0.78 -38.35 5.17
CA GLU C 264 1.76 -38.87 6.10
C GLU C 264 1.78 -40.37 6.24
N GLU C 265 0.61 -40.98 6.26
CA GLU C 265 0.54 -42.42 6.48
C GLU C 265 -0.34 -43.18 5.50
N GLU C 266 -1.51 -42.64 5.21
CA GLU C 266 -2.54 -43.32 4.42
C GLU C 266 -3.08 -42.41 3.35
N VAL C 267 -3.66 -43.00 2.32
CA VAL C 267 -4.28 -42.19 1.28
C VAL C 267 -5.47 -41.44 1.87
N ILE C 268 -5.55 -40.15 1.62
CA ILE C 268 -6.62 -39.35 2.19
C ILE C 268 -7.57 -38.88 1.11
N ILE C 269 -8.84 -39.18 1.27
CA ILE C 269 -9.80 -38.77 0.27
C ILE C 269 -10.60 -37.61 0.76
N ARG C 270 -10.50 -36.48 0.08
CA ARG C 270 -11.15 -35.27 0.52
C ARG C 270 -12.16 -34.76 -0.47
N SER C 271 -13.32 -34.37 0.02
CA SER C 271 -14.33 -33.79 -0.86
C SER C 271 -15.20 -32.84 -0.07
N GLU C 272 -15.79 -31.86 -0.75
CA GLU C 272 -16.71 -30.95 -0.07
C GLU C 272 -17.95 -31.68 0.47
N ASN C 273 -18.51 -32.58 -0.37
CA ASN C 273 -19.66 -33.43 -0.12
C ASN C 273 -19.51 -34.70 -0.96
N ILE C 274 -19.15 -35.84 -0.33
CA ILE C 274 -18.85 -37.12 -1.00
C ILE C 274 -20.07 -37.72 -1.69
N THR C 275 -21.27 -37.30 -1.30
CA THR C 275 -22.45 -37.87 -1.89
C THR C 275 -23.02 -36.96 -2.98
N ASN C 276 -22.35 -35.85 -3.24
CA ASN C 276 -22.79 -34.90 -4.24
C ASN C 276 -21.99 -35.10 -5.52
N ASN C 277 -22.62 -35.59 -6.58
CA ASN C 277 -21.90 -35.93 -7.80
C ASN C 277 -21.42 -34.72 -8.57
N ALA C 278 -21.81 -33.53 -8.12
CA ALA C 278 -21.38 -32.31 -8.73
C ALA C 278 -20.01 -31.86 -8.19
N LYS C 279 -19.50 -32.57 -7.20
CA LYS C 279 -18.25 -32.18 -6.58
C LYS C 279 -17.10 -33.10 -6.99
N ASN C 280 -15.90 -32.55 -7.01
CA ASN C 280 -14.72 -33.36 -7.32
C ASN C 280 -14.15 -33.95 -6.06
N ILE C 281 -13.46 -35.06 -6.22
CA ILE C 281 -12.78 -35.73 -5.14
C ILE C 281 -11.30 -35.57 -5.27
N LEU C 282 -10.66 -35.07 -4.23
CA LEU C 282 -9.22 -34.90 -4.27
C LEU C 282 -8.57 -36.00 -3.46
N VAL C 283 -7.79 -36.84 -4.12
CA VAL C 283 -7.18 -37.96 -3.43
C VAL C 283 -5.71 -37.74 -3.24
N GLN C 284 -5.26 -37.68 -2.00
CA GLN C 284 -3.84 -37.47 -1.73
C GLN C 284 -3.13 -38.77 -1.48
N LEU C 285 -2.09 -39.03 -2.24
CA LEU C 285 -1.41 -40.30 -2.11
C LEU C 285 -0.43 -40.26 -0.98
N ASN C 286 -0.14 -41.42 -0.40
CA ASN C 286 0.89 -41.49 0.65
C ASN C 286 2.23 -41.94 0.10
N THR C 287 2.26 -42.22 -1.19
CA THR C 287 3.45 -42.63 -1.91
C THR C 287 3.40 -41.96 -3.27
N PRO C 288 4.52 -41.58 -3.88
CA PRO C 288 4.58 -41.02 -5.20
C PRO C 288 4.47 -42.11 -6.22
N VAL C 289 3.99 -41.79 -7.40
CA VAL C 289 4.11 -42.70 -8.52
C VAL C 289 5.01 -42.04 -9.53
N GLN C 290 6.10 -42.69 -9.90
CA GLN C 290 7.00 -42.01 -10.82
C GLN C 290 6.50 -42.07 -12.23
N ILE C 291 6.53 -40.93 -12.90
CA ILE C 291 6.16 -40.85 -14.30
C ILE C 291 7.30 -40.19 -15.12
N ASN C 292 7.73 -40.87 -16.22
CA ASN C 292 8.82 -40.45 -17.12
C ASN C 292 8.23 -40.01 -18.47
N CYS C 293 8.31 -38.69 -18.80
CA CYS C 293 7.72 -38.11 -20.03
C CYS C 293 8.78 -37.65 -21.01
N THR C 294 8.48 -37.84 -22.28
CA THR C 294 9.38 -37.42 -23.32
C THR C 294 8.74 -36.96 -24.61
N ARG C 295 9.48 -36.13 -25.33
CA ARG C 295 9.15 -35.66 -26.65
C ARG C 295 10.37 -36.05 -27.48
N PRO C 296 10.43 -37.31 -27.94
CA PRO C 296 11.56 -37.99 -28.51
C PRO C 296 11.85 -37.66 -29.95
N ASN C 297 12.08 -36.39 -30.23
CA ASN C 297 12.39 -35.92 -31.58
C ASN C 297 13.43 -34.85 -31.43
N ASN C 298 14.44 -34.82 -32.31
CA ASN C 298 15.51 -33.82 -32.30
C ASN C 298 15.12 -32.65 -33.22
N ASN C 299 14.53 -31.57 -32.62
CA ASN C 299 14.05 -30.40 -33.38
C ASN C 299 15.12 -29.39 -33.66
N THR C 300 15.12 -28.94 -34.90
CA THR C 300 16.01 -27.87 -35.31
C THR C 300 15.18 -26.64 -35.39
N VAL C 301 15.55 -25.66 -34.59
CA VAL C 301 14.82 -24.41 -34.46
C VAL C 301 15.38 -23.30 -35.31
N LYS C 302 14.49 -22.62 -35.99
CA LYS C 302 14.80 -21.52 -36.86
C LYS C 302 14.21 -20.23 -36.33
N SER C 303 14.81 -19.12 -36.71
CA SER C 303 14.31 -17.82 -36.29
C SER C 303 14.42 -16.80 -37.38
N ILE C 304 13.38 -16.01 -37.53
CA ILE C 304 13.36 -14.95 -38.52
C ILE C 304 12.98 -13.62 -37.91
N ARG C 305 13.34 -12.55 -38.58
CA ARG C 305 12.89 -11.26 -38.13
C ARG C 305 11.55 -11.02 -38.72
N ILE C 306 10.64 -10.43 -37.96
CA ILE C 306 9.33 -10.14 -38.49
C ILE C 306 9.05 -8.66 -38.54
N GLY C 307 9.87 -7.89 -37.84
CA GLY C 307 9.69 -6.45 -37.84
C GLY C 307 10.82 -5.89 -37.02
N PRO C 308 10.98 -4.59 -36.93
CA PRO C 308 12.04 -3.98 -36.19
C PRO C 308 11.97 -4.43 -34.77
N GLY C 309 13.06 -4.95 -34.23
CA GLY C 309 13.09 -5.36 -32.84
C GLY C 309 12.36 -6.66 -32.53
N GLN C 310 11.80 -7.33 -33.54
CA GLN C 310 11.01 -8.53 -33.26
C GLN C 310 11.37 -9.71 -34.11
N TRP C 311 11.30 -10.90 -33.49
CA TRP C 311 11.58 -12.14 -34.18
C TRP C 311 10.68 -13.26 -33.71
N PHE C 312 10.43 -14.16 -34.63
CA PHE C 312 9.60 -15.34 -34.46
C PHE C 312 10.37 -16.63 -34.48
N TYR C 313 10.05 -17.52 -33.56
CA TYR C 313 10.73 -18.80 -33.50
C TYR C 313 9.84 -19.95 -33.93
N TYR C 314 10.38 -20.87 -34.69
CA TYR C 314 9.62 -21.99 -35.16
C TYR C 314 10.44 -23.22 -35.46
N THR C 315 9.78 -24.37 -35.52
CA THR C 315 10.52 -25.58 -35.87
C THR C 315 10.77 -25.57 -37.35
N GLY C 316 12.01 -25.79 -37.71
CA GLY C 316 12.45 -25.85 -39.08
C GLY C 316 12.23 -27.25 -39.59
N ASP C 317 12.93 -28.18 -38.97
CA ASP C 317 12.81 -29.58 -39.38
C ASP C 317 13.11 -30.52 -38.22
N ILE C 318 12.98 -31.82 -38.48
CA ILE C 318 13.23 -32.88 -37.51
C ILE C 318 14.32 -33.80 -38.00
N ILE C 319 15.29 -34.05 -37.15
CA ILE C 319 16.37 -34.93 -37.52
C ILE C 319 16.05 -36.35 -37.07
N GLY C 320 16.03 -37.27 -38.02
CA GLY C 320 15.74 -38.66 -37.72
C GLY C 320 14.25 -38.97 -37.73
N ASP C 321 13.90 -40.10 -37.12
CA ASP C 321 12.55 -40.65 -37.12
C ASP C 321 11.62 -39.69 -36.43
N ILE C 322 10.36 -39.61 -36.87
CA ILE C 322 9.40 -38.79 -36.16
C ILE C 322 8.58 -39.67 -35.25
N ARG C 323 8.70 -39.42 -33.97
CA ARG C 323 8.07 -40.25 -32.96
C ARG C 323 7.03 -39.52 -32.14
N GLN C 324 6.08 -40.28 -31.63
CA GLN C 324 5.05 -39.73 -30.79
C GLN C 324 5.53 -39.51 -29.37
N ALA C 325 5.13 -38.38 -28.80
CA ALA C 325 5.45 -38.05 -27.42
C ALA C 325 4.72 -39.03 -26.54
N HIS C 326 5.29 -39.36 -25.40
CA HIS C 326 4.64 -40.31 -24.51
C HIS C 326 5.14 -40.20 -23.07
N CYS C 327 4.38 -40.80 -22.11
CA CYS C 327 4.74 -40.91 -20.69
C CYS C 327 4.63 -42.35 -20.17
N ASN C 328 5.60 -42.76 -19.36
CA ASN C 328 5.57 -44.10 -18.78
C ASN C 328 5.39 -44.08 -17.26
N VAL C 329 4.59 -45.05 -16.75
CA VAL C 329 4.46 -45.35 -15.30
C VAL C 329 4.60 -46.86 -15.10
N SER C 330 4.99 -47.31 -13.91
CA SER C 330 5.07 -48.75 -13.65
C SER C 330 3.70 -49.39 -13.50
N LYS C 331 3.46 -50.55 -14.13
CA LYS C 331 2.14 -51.17 -13.94
C LYS C 331 1.92 -51.55 -12.51
N ALA C 332 2.95 -52.11 -11.88
CA ALA C 332 2.78 -52.54 -10.52
C ALA C 332 2.57 -51.40 -9.59
N THR C 333 3.31 -50.31 -9.79
CA THR C 333 3.15 -49.22 -8.85
C THR C 333 1.77 -48.66 -9.00
N TRP C 334 1.34 -48.45 -10.23
CA TRP C 334 0.03 -47.90 -10.46
C TRP C 334 -1.10 -48.77 -9.93
N ASN C 335 -1.05 -50.11 -10.14
CA ASN C 335 -2.08 -51.04 -9.66
C ASN C 335 -2.14 -51.07 -8.12
N GLU C 336 -0.96 -50.97 -7.42
CA GLU C 336 -0.90 -50.92 -5.96
C GLU C 336 -1.50 -49.62 -5.46
N THR C 337 -1.23 -48.53 -6.19
CA THR C 337 -1.75 -47.24 -5.84
C THR C 337 -3.25 -47.24 -5.91
N LEU C 338 -3.82 -47.80 -6.98
CA LEU C 338 -5.26 -47.81 -7.02
C LEU C 338 -5.79 -48.71 -5.95
N GLY C 339 -5.15 -49.83 -5.66
CA GLY C 339 -5.71 -50.68 -4.64
C GLY C 339 -5.85 -49.92 -3.33
N LYS C 340 -4.86 -49.10 -2.99
CA LYS C 340 -4.94 -48.30 -1.78
C LYS C 340 -6.06 -47.27 -1.84
N VAL C 341 -6.24 -46.66 -3.02
CA VAL C 341 -7.29 -45.68 -3.17
C VAL C 341 -8.64 -46.32 -2.98
N VAL C 342 -8.84 -47.47 -3.60
CA VAL C 342 -10.09 -48.15 -3.52
C VAL C 342 -10.40 -48.56 -2.10
N LYS C 343 -9.41 -49.11 -1.40
CA LYS C 343 -9.65 -49.52 -0.03
C LYS C 343 -10.17 -48.37 0.82
N GLN C 344 -9.60 -47.18 0.65
CA GLN C 344 -10.08 -46.03 1.41
C GLN C 344 -11.38 -45.50 0.87
N LEU C 345 -11.58 -45.59 -0.43
CA LEU C 345 -12.77 -45.05 -1.05
C LEU C 345 -13.98 -45.80 -0.53
N ARG C 346 -13.83 -47.10 -0.32
CA ARG C 346 -14.91 -47.95 0.16
C ARG C 346 -15.47 -47.47 1.48
N LYS C 347 -14.73 -46.70 2.28
CA LYS C 347 -15.28 -46.26 3.55
C LYS C 347 -16.57 -45.48 3.38
N HIS C 348 -16.75 -44.82 2.25
CA HIS C 348 -17.94 -44.03 2.01
C HIS C 348 -18.97 -44.74 1.14
N PHE C 349 -18.65 -45.95 0.67
CA PHE C 349 -19.53 -46.66 -0.25
C PHE C 349 -19.99 -48.04 0.21
N GLY C 350 -19.22 -48.71 1.05
CA GLY C 350 -19.55 -50.04 1.52
C GLY C 350 -18.73 -51.15 0.88
N ASN C 351 -18.79 -52.34 1.49
CA ASN C 351 -18.01 -53.47 1.00
C ASN C 351 -18.82 -54.32 0.05
N ASN C 352 -20.06 -53.90 -0.17
CA ASN C 352 -20.99 -54.57 -1.07
C ASN C 352 -21.08 -53.78 -2.36
N THR C 353 -20.20 -52.79 -2.47
CA THR C 353 -20.18 -51.88 -3.60
C THR C 353 -18.93 -52.12 -4.42
N ILE C 354 -19.12 -52.22 -5.72
CA ILE C 354 -18.03 -52.42 -6.66
C ILE C 354 -17.53 -51.08 -7.13
N ILE C 355 -16.22 -50.91 -7.14
CA ILE C 355 -15.64 -49.67 -7.60
C ILE C 355 -14.96 -49.82 -8.95
N ARG C 356 -15.43 -49.07 -9.93
CA ARG C 356 -14.90 -49.16 -11.26
C ARG C 356 -14.29 -47.84 -11.70
N PHE C 357 -13.23 -47.91 -12.47
CA PHE C 357 -12.60 -46.73 -13.03
C PHE C 357 -12.79 -46.69 -14.53
N ALA C 358 -12.97 -45.48 -15.03
CA ALA C 358 -13.20 -45.22 -16.44
C ALA C 358 -12.57 -43.89 -16.88
N GLN C 359 -12.42 -43.72 -18.17
CA GLN C 359 -11.85 -42.52 -18.78
C GLN C 359 -12.86 -41.39 -18.83
N SER C 360 -12.39 -40.15 -18.94
CA SER C 360 -13.33 -39.04 -19.04
C SER C 360 -14.25 -39.20 -20.21
N SER C 361 -15.50 -38.85 -19.98
CA SER C 361 -16.59 -38.96 -20.93
C SER C 361 -16.49 -38.04 -22.13
N GLY C 362 -15.69 -37.01 -22.04
CA GLY C 362 -15.60 -36.11 -23.18
C GLY C 362 -15.42 -34.66 -22.79
N GLY C 363 -15.38 -33.79 -23.79
CA GLY C 363 -15.14 -32.38 -23.56
C GLY C 363 -13.84 -31.98 -24.21
N ASP C 364 -13.42 -30.74 -23.95
CA ASP C 364 -12.24 -30.16 -24.55
C ASP C 364 -10.96 -30.89 -24.15
N LEU C 365 -9.98 -30.88 -25.04
CA LEU C 365 -8.70 -31.55 -24.83
C LEU C 365 -8.07 -31.15 -23.51
N GLU C 366 -8.15 -29.88 -23.16
CA GLU C 366 -7.56 -29.35 -21.95
C GLU C 366 -8.15 -29.92 -20.66
N VAL C 367 -9.30 -30.57 -20.74
CA VAL C 367 -9.96 -31.16 -19.59
C VAL C 367 -9.88 -32.70 -19.60
N THR C 368 -10.10 -33.29 -20.76
CA THR C 368 -10.18 -34.75 -20.88
C THR C 368 -8.85 -35.44 -20.97
N THR C 369 -7.83 -34.70 -21.34
CA THR C 369 -6.54 -35.27 -21.53
C THR C 369 -5.62 -34.68 -20.49
N HIS C 370 -4.73 -35.48 -19.94
CA HIS C 370 -3.84 -35.00 -18.92
C HIS C 370 -2.92 -33.98 -19.48
N SER C 371 -2.65 -32.92 -18.76
CA SER C 371 -1.78 -31.93 -19.32
C SER C 371 -0.79 -31.38 -18.35
N PHE C 372 0.36 -31.00 -18.90
CA PHE C 372 1.47 -30.40 -18.16
C PHE C 372 2.48 -29.69 -19.06
N ASN C 373 3.31 -28.84 -18.45
CA ASN C 373 4.41 -28.15 -19.13
C ASN C 373 5.74 -28.88 -18.84
N CYS C 374 6.36 -29.52 -19.86
CA CYS C 374 7.57 -30.34 -19.77
C CYS C 374 8.62 -29.87 -20.78
N GLY C 375 9.65 -29.23 -20.27
CA GLY C 375 10.74 -28.73 -21.10
C GLY C 375 10.38 -27.43 -21.78
N GLY C 376 9.19 -26.93 -21.49
CA GLY C 376 8.64 -25.74 -22.09
C GLY C 376 7.58 -26.12 -23.14
N GLU C 377 7.45 -27.41 -23.45
CA GLU C 377 6.43 -27.82 -24.40
C GLU C 377 5.18 -28.19 -23.65
N PHE C 378 4.04 -28.07 -24.29
CA PHE C 378 2.78 -28.42 -23.66
C PHE C 378 2.24 -29.73 -24.16
N PHE C 379 2.18 -30.67 -23.23
CA PHE C 379 1.76 -32.04 -23.44
C PHE C 379 0.34 -32.31 -23.09
N TYR C 380 -0.31 -33.10 -23.93
CA TYR C 380 -1.67 -33.61 -23.77
C TYR C 380 -1.68 -35.15 -23.86
N CYS C 381 -1.65 -35.84 -22.70
CA CYS C 381 -1.47 -37.28 -22.53
C CYS C 381 -2.77 -38.02 -22.21
N ASN C 382 -2.94 -39.13 -22.88
CA ASN C 382 -4.12 -39.97 -22.73
C ASN C 382 -3.98 -40.94 -21.55
N THR C 383 -4.83 -40.77 -20.50
CA THR C 383 -4.88 -41.50 -19.23
C THR C 383 -5.88 -42.64 -19.21
N SER C 384 -6.46 -42.99 -20.36
CA SER C 384 -7.42 -44.10 -20.38
C SER C 384 -6.74 -45.41 -20.01
N GLY C 385 -5.42 -45.46 -20.14
CA GLY C 385 -4.67 -46.66 -19.82
C GLY C 385 -4.47 -46.78 -18.31
N LEU C 386 -4.79 -45.74 -17.57
CA LEU C 386 -4.62 -45.77 -16.13
C LEU C 386 -5.93 -46.01 -15.42
N PHE C 387 -7.01 -45.48 -15.98
CA PHE C 387 -8.31 -45.59 -15.32
C PHE C 387 -9.28 -46.46 -16.10
N ASN C 388 -8.97 -47.76 -16.16
CA ASN C 388 -9.71 -48.79 -16.88
C ASN C 388 -9.61 -50.12 -16.11
N SER C 389 -10.43 -50.27 -15.05
CA SER C 389 -10.40 -51.45 -14.15
C SER C 389 -11.66 -51.59 -13.31
N THR C 390 -11.94 -52.81 -12.82
CA THR C 390 -13.05 -53.01 -11.87
C THR C 390 -12.54 -53.72 -10.62
N TRP C 391 -12.84 -53.15 -9.46
CA TRP C 391 -12.38 -53.68 -8.19
C TRP C 391 -13.52 -54.28 -7.35
N ILE C 392 -13.49 -55.60 -7.21
CA ILE C 392 -14.55 -56.34 -6.54
C ILE C 392 -14.02 -57.03 -5.28
N SER C 393 -14.71 -56.82 -4.12
CA SER C 393 -14.42 -57.38 -2.79
C SER C 393 -14.06 -58.88 -2.84
N SER C 405 7.16 -56.55 -12.91
CA SER C 405 8.61 -56.59 -13.02
C SER C 405 9.01 -56.07 -14.42
N ASN C 406 9.58 -54.83 -14.48
CA ASN C 406 10.03 -54.11 -15.70
C ASN C 406 8.94 -54.00 -16.76
N ASP C 407 7.73 -53.72 -16.32
CA ASP C 407 6.63 -53.65 -17.25
C ASP C 407 5.85 -52.35 -17.01
N SER C 408 5.97 -51.44 -17.96
CA SER C 408 5.38 -50.11 -17.89
C SER C 408 4.09 -49.93 -18.69
N ILE C 409 3.39 -48.86 -18.37
CA ILE C 409 2.20 -48.43 -19.07
C ILE C 409 2.56 -47.22 -19.88
N THR C 410 2.35 -47.28 -21.20
CA THR C 410 2.71 -46.14 -22.02
C THR C 410 1.48 -45.35 -22.38
N LEU C 411 1.52 -44.06 -22.08
CA LEU C 411 0.46 -43.13 -22.36
C LEU C 411 0.89 -42.31 -23.56
N PRO C 412 0.19 -42.32 -24.70
CA PRO C 412 0.55 -41.54 -25.87
C PRO C 412 0.24 -40.10 -25.52
N CYS C 413 1.01 -39.13 -26.06
CA CYS C 413 0.83 -37.68 -25.84
C CYS C 413 0.93 -36.87 -27.14
N ARG C 414 0.18 -35.78 -27.20
CA ARG C 414 0.26 -34.82 -28.29
C ARG C 414 0.85 -33.51 -27.81
N ILE C 415 1.41 -32.74 -28.72
CA ILE C 415 1.98 -31.43 -28.43
C ILE C 415 1.19 -30.32 -29.10
N LYS C 416 0.90 -29.26 -28.35
CA LYS C 416 0.14 -28.13 -28.92
C LYS C 416 0.91 -26.82 -28.68
N GLN C 417 1.09 -26.00 -29.73
CA GLN C 417 1.86 -24.75 -29.58
C GLN C 417 1.02 -23.53 -29.20
N ILE C 418 -0.29 -23.55 -29.43
CA ILE C 418 -1.12 -22.41 -29.07
C ILE C 418 -1.93 -22.73 -27.84
N ILE C 419 -1.66 -21.97 -26.81
CA ILE C 419 -2.17 -22.19 -25.49
C ILE C 419 -3.19 -21.18 -24.97
N ASN C 420 -4.29 -21.68 -24.44
CA ASN C 420 -5.34 -20.84 -23.86
C ASN C 420 -5.63 -21.24 -22.42
N MET C 421 -4.87 -20.70 -21.49
CA MET C 421 -4.99 -21.09 -20.09
C MET C 421 -6.15 -20.47 -19.37
N TRP C 422 -6.40 -21.01 -18.18
CA TRP C 422 -7.46 -20.55 -17.30
C TRP C 422 -8.75 -20.40 -18.09
N GLN C 423 -8.84 -21.18 -19.17
CA GLN C 423 -10.02 -21.24 -20.01
C GLN C 423 -10.57 -19.89 -20.44
N ARG C 424 -9.69 -18.96 -20.72
CA ARG C 424 -10.04 -17.60 -21.09
C ARG C 424 -10.02 -17.49 -22.58
N ILE C 425 -10.86 -16.63 -23.13
CA ILE C 425 -10.85 -16.43 -24.56
C ILE C 425 -10.41 -15.02 -24.89
N GLY C 426 -9.47 -14.92 -25.81
CA GLY C 426 -8.95 -13.62 -26.28
C GLY C 426 -7.48 -13.42 -26.00
N GLN C 427 -6.94 -14.18 -25.06
CA GLN C 427 -5.53 -14.10 -24.74
C GLN C 427 -4.82 -15.40 -25.06
N ALA C 428 -4.19 -15.53 -26.21
CA ALA C 428 -3.56 -16.80 -26.54
C ALA C 428 -2.07 -16.65 -26.52
N MET C 429 -1.41 -17.68 -26.06
CA MET C 429 0.04 -17.67 -26.05
C MET C 429 0.61 -18.62 -27.06
N TYR C 430 1.69 -18.22 -27.71
CA TYR C 430 2.41 -19.12 -28.58
C TYR C 430 3.64 -19.60 -27.86
N ALA C 431 3.77 -20.90 -27.75
CA ALA C 431 4.90 -21.48 -27.09
C ALA C 431 5.98 -21.74 -28.12
N PRO C 432 7.14 -21.08 -28.06
CA PRO C 432 8.19 -21.20 -29.02
C PRO C 432 8.69 -22.60 -28.85
N PRO C 433 9.30 -23.19 -29.86
CA PRO C 433 9.81 -24.52 -29.86
C PRO C 433 11.01 -24.67 -28.99
N ILE C 434 11.19 -25.85 -28.49
CA ILE C 434 12.39 -26.16 -27.73
C ILE C 434 13.32 -27.00 -28.58
N GLN C 435 14.55 -26.52 -28.73
CA GLN C 435 15.55 -27.19 -29.57
C GLN C 435 16.05 -28.47 -28.95
N GLY C 436 16.22 -29.50 -29.78
CA GLY C 436 16.74 -30.77 -29.28
C GLY C 436 15.62 -31.71 -28.84
N VAL C 437 15.93 -32.54 -27.84
CA VAL C 437 15.05 -33.62 -27.36
C VAL C 437 14.68 -33.37 -25.91
N ILE C 438 13.39 -33.52 -25.57
CA ILE C 438 12.93 -33.28 -24.20
C ILE C 438 12.61 -34.48 -23.37
N ARG C 439 13.16 -34.50 -22.17
CA ARG C 439 12.84 -35.52 -21.20
C ARG C 439 12.66 -34.87 -19.82
N CYS C 440 11.63 -35.28 -19.03
CA CYS C 440 11.37 -34.82 -17.66
C CYS C 440 10.83 -35.97 -16.82
N VAL C 441 11.15 -35.93 -15.54
CA VAL C 441 10.68 -36.93 -14.60
C VAL C 441 9.96 -36.26 -13.46
N SER C 442 8.78 -36.72 -13.16
CA SER C 442 7.99 -36.11 -12.10
C SER C 442 7.25 -37.15 -11.27
N ASN C 443 6.72 -36.72 -10.09
CA ASN C 443 5.99 -37.58 -9.16
C ASN C 443 4.50 -37.24 -9.15
N ILE C 444 3.63 -38.27 -9.28
CA ILE C 444 2.18 -38.14 -9.15
C ILE C 444 1.92 -38.23 -7.68
N THR C 445 1.30 -37.21 -7.13
CA THR C 445 1.06 -37.13 -5.70
C THR C 445 -0.40 -37.13 -5.31
N GLY C 446 -1.27 -37.17 -6.31
CA GLY C 446 -2.70 -37.15 -6.04
C GLY C 446 -3.52 -37.16 -7.31
N LEU C 447 -4.77 -37.52 -7.15
CA LEU C 447 -5.70 -37.64 -8.25
C LEU C 447 -6.90 -36.72 -8.11
N ILE C 448 -7.48 -36.30 -9.24
CA ILE C 448 -8.76 -35.62 -9.19
C ILE C 448 -9.79 -36.54 -9.82
N LEU C 449 -10.79 -36.95 -9.06
CA LEU C 449 -11.82 -37.86 -9.58
C LEU C 449 -13.23 -37.32 -9.50
N THR C 450 -14.11 -37.77 -10.39
CA THR C 450 -15.51 -37.41 -10.31
C THR C 450 -16.30 -38.70 -10.23
N ARG C 451 -17.57 -38.63 -9.83
CA ARG C 451 -18.36 -39.85 -9.73
C ARG C 451 -19.66 -39.79 -10.52
N ASP C 452 -19.92 -40.88 -11.26
CA ASP C 452 -21.11 -41.03 -12.09
C ASP C 452 -22.42 -41.11 -11.29
N GLY C 453 -23.53 -40.62 -11.89
CA GLY C 453 -24.88 -40.68 -11.34
C GLY C 453 -25.45 -42.11 -11.39
N SER C 458 -27.87 -49.52 -10.23
CA SER C 458 -28.01 -49.21 -8.82
C SER C 458 -26.84 -49.79 -8.02
N THR C 459 -25.75 -50.08 -8.72
CA THR C 459 -24.56 -50.66 -8.10
C THR C 459 -23.28 -50.34 -8.88
N THR C 460 -22.13 -50.72 -8.30
CA THR C 460 -20.83 -50.51 -8.92
C THR C 460 -20.44 -49.10 -9.31
N GLU C 461 -20.33 -48.20 -8.33
CA GLU C 461 -19.91 -46.82 -8.54
C GLU C 461 -18.73 -46.66 -9.51
N THR C 462 -18.83 -45.69 -10.40
CA THR C 462 -17.79 -45.47 -11.39
C THR C 462 -17.14 -44.11 -11.22
N PHE C 463 -15.81 -44.12 -11.23
CA PHE C 463 -15.02 -42.91 -11.06
C PHE C 463 -14.23 -42.59 -12.31
N ARG C 464 -14.14 -41.30 -12.62
CA ARG C 464 -13.41 -40.85 -13.80
C ARG C 464 -12.49 -39.70 -13.45
N PRO C 465 -11.39 -39.47 -14.17
CA PRO C 465 -10.53 -38.33 -13.99
C PRO C 465 -11.27 -37.03 -14.19
N GLY C 466 -10.97 -36.04 -13.35
CA GLY C 466 -11.58 -34.72 -13.45
C GLY C 466 -10.54 -33.59 -13.52
N GLY C 467 -11.02 -32.36 -13.46
CA GLY C 467 -10.12 -31.22 -13.54
C GLY C 467 -10.74 -30.13 -14.41
N GLY C 468 -9.92 -29.16 -14.82
CA GLY C 468 -10.39 -28.03 -15.63
C GLY C 468 -10.54 -26.76 -14.80
N ASP C 469 -10.41 -26.90 -13.49
CA ASP C 469 -10.51 -25.79 -12.57
C ASP C 469 -9.32 -25.81 -11.66
N MET C 470 -8.41 -24.90 -11.89
CA MET C 470 -7.13 -24.83 -11.22
C MET C 470 -7.20 -24.63 -9.74
N ARG C 471 -8.31 -24.14 -9.24
CA ARG C 471 -8.38 -23.92 -7.83
C ARG C 471 -8.34 -25.24 -7.08
N ASP C 472 -8.62 -26.35 -7.77
CA ASP C 472 -8.54 -27.63 -7.13
C ASP C 472 -7.11 -28.02 -6.84
N ASN C 473 -6.16 -27.57 -7.67
CA ASN C 473 -4.80 -28.00 -7.43
C ASN C 473 -4.29 -27.24 -6.23
N TRP C 474 -4.73 -26.01 -6.13
CA TRP C 474 -4.28 -25.21 -5.03
C TRP C 474 -4.94 -25.73 -3.80
N ARG C 475 -6.23 -26.09 -3.80
CA ARG C 475 -6.81 -26.57 -2.57
C ARG C 475 -6.04 -27.78 -2.09
N SER C 476 -5.52 -28.59 -3.01
CA SER C 476 -4.78 -29.77 -2.64
C SER C 476 -3.58 -29.42 -1.78
N GLU C 477 -2.84 -28.37 -2.12
CA GLU C 477 -1.74 -28.00 -1.21
C GLU C 477 -2.22 -27.16 -0.02
N LEU C 478 -3.13 -26.23 -0.26
CA LEU C 478 -3.61 -25.36 0.80
C LEU C 478 -4.81 -25.88 1.55
N TYR C 479 -4.62 -26.98 2.27
CA TYR C 479 -5.71 -27.54 3.07
C TYR C 479 -5.29 -27.54 4.51
N LYS C 480 -4.05 -27.16 4.74
CA LYS C 480 -3.49 -27.17 6.05
C LYS C 480 -3.56 -25.82 6.70
N TYR C 481 -3.83 -24.77 5.94
CA TYR C 481 -3.70 -23.45 6.51
C TYR C 481 -4.97 -22.64 6.53
N LYS C 482 -5.12 -21.83 7.56
CA LYS C 482 -6.20 -20.84 7.59
C LYS C 482 -5.68 -19.53 8.14
N VAL C 483 -6.27 -18.42 7.70
CA VAL C 483 -5.85 -17.12 8.19
C VAL C 483 -6.75 -16.58 9.28
N VAL C 484 -6.14 -16.13 10.37
CA VAL C 484 -6.92 -15.54 11.43
C VAL C 484 -6.36 -14.16 11.80
N LYS C 485 -7.24 -13.30 12.26
CA LYS C 485 -6.90 -11.97 12.71
C LYS C 485 -6.65 -12.00 14.17
N ILE C 486 -5.59 -11.36 14.61
CA ILE C 486 -5.28 -11.35 16.02
C ILE C 486 -5.99 -10.21 16.68
N GLU C 487 -6.65 -10.52 17.79
CA GLU C 487 -7.42 -9.54 18.52
C GLU C 487 -6.92 -9.40 19.95
N PRO C 488 -5.89 -8.61 20.21
CA PRO C 488 -5.17 -8.51 21.44
C PRO C 488 -5.90 -7.84 22.57
N LEU C 489 -7.01 -7.19 22.29
CA LEU C 489 -7.68 -6.45 23.35
C LEU C 489 -8.91 -7.16 23.87
N GLY C 490 -9.08 -7.20 25.19
CA GLY C 490 -10.27 -7.81 25.78
C GLY C 490 -10.40 -7.51 27.27
N VAL C 491 -11.51 -7.96 27.87
CA VAL C 491 -11.75 -7.69 29.28
C VAL C 491 -12.13 -8.95 30.03
N ALA C 492 -11.98 -8.90 31.35
CA ALA C 492 -12.39 -9.99 32.25
C ALA C 492 -12.55 -9.42 33.67
N PRO C 493 -13.38 -9.99 34.56
CA PRO C 493 -13.51 -9.58 35.95
C PRO C 493 -12.33 -9.98 36.81
N THR C 494 -11.95 -9.08 37.71
CA THR C 494 -10.91 -9.32 38.71
C THR C 494 -11.31 -8.69 40.02
N ARG C 495 -10.47 -8.87 41.03
CA ARG C 495 -10.66 -8.21 42.32
C ARG C 495 -9.99 -6.79 42.41
N CYS C 496 -9.36 -6.32 41.32
CA CYS C 496 -8.61 -5.07 41.18
C CYS C 496 -9.48 -3.94 40.62
N LYS C 497 -9.48 -2.80 41.30
CA LYS C 497 -10.23 -1.64 40.81
C LYS C 497 -9.36 -0.40 40.91
N ARG C 498 -9.63 0.61 40.05
CA ARG C 498 -9.03 1.97 39.99
C ARG C 498 -9.03 2.43 38.54
N SER D 1 10.03 -18.20 26.64
CA SER D 1 8.58 -18.14 26.63
C SER D 1 8.10 -19.24 25.65
N LEU D 2 6.78 -19.30 25.39
CA LEU D 2 6.13 -20.24 24.49
C LEU D 2 6.07 -19.69 23.07
N GLY D 3 6.48 -18.43 22.90
CA GLY D 3 6.44 -17.79 21.60
C GLY D 3 5.07 -17.18 21.34
N PHE D 4 4.93 -16.52 20.19
CA PHE D 4 3.69 -15.86 19.83
C PHE D 4 2.51 -16.80 19.80
N LEU D 5 1.49 -16.46 20.59
CA LEU D 5 0.26 -17.22 20.76
C LEU D 5 0.49 -18.61 21.29
N GLY D 6 1.65 -18.90 21.85
CA GLY D 6 1.93 -20.22 22.37
C GLY D 6 1.13 -20.49 23.62
N ALA D 7 0.63 -19.44 24.22
CA ALA D 7 -0.15 -19.53 25.42
C ALA D 7 -1.58 -19.85 25.10
N ALA D 8 -1.97 -19.84 23.84
CA ALA D 8 -3.36 -20.13 23.56
C ALA D 8 -3.62 -21.52 24.05
N GLY D 9 -4.77 -21.72 24.67
CA GLY D 9 -5.12 -23.04 25.17
C GLY D 9 -4.80 -23.14 26.67
N SER D 10 -4.00 -22.20 27.17
CA SER D 10 -3.63 -22.15 28.57
C SER D 10 -4.71 -21.41 29.30
N THR D 11 -4.85 -21.63 30.58
CA THR D 11 -5.92 -20.93 31.22
C THR D 11 -5.62 -19.46 31.29
N MET D 12 -6.65 -18.67 31.50
CA MET D 12 -6.51 -17.22 31.50
C MET D 12 -5.53 -16.66 32.50
N GLY D 13 -5.47 -17.24 33.68
CA GLY D 13 -4.59 -16.73 34.70
C GLY D 13 -3.13 -17.07 34.47
N ALA D 14 -2.87 -17.93 33.49
CA ALA D 14 -1.51 -18.29 33.16
C ALA D 14 -1.10 -17.62 31.88
N ALA D 15 -2.03 -17.53 30.94
CA ALA D 15 -1.77 -16.92 29.64
C ALA D 15 -1.41 -15.47 29.79
N SER D 16 -2.02 -14.81 30.78
CA SER D 16 -1.83 -13.40 31.04
C SER D 16 -0.42 -13.07 31.51
N MET D 17 0.37 -14.07 31.86
CA MET D 17 1.73 -13.83 32.29
C MET D 17 2.60 -13.43 31.11
N THR D 18 2.19 -13.75 29.88
CA THR D 18 3.00 -13.46 28.72
C THR D 18 2.25 -12.64 27.68
N LEU D 19 1.79 -11.45 28.06
CA LEU D 19 1.04 -10.57 27.17
C LEU D 19 1.97 -9.80 26.25
N THR D 20 3.19 -9.54 26.70
CA THR D 20 4.16 -8.76 25.92
C THR D 20 4.41 -9.41 24.60
N VAL D 21 4.48 -10.72 24.64
CA VAL D 21 4.77 -11.53 23.51
C VAL D 21 3.82 -11.28 22.33
N GLN D 22 2.54 -11.05 22.58
CA GLN D 22 1.64 -10.84 21.47
C GLN D 22 1.48 -9.37 21.14
N ALA D 23 2.14 -8.50 21.88
CA ALA D 23 2.00 -7.08 21.64
C ALA D 23 3.02 -6.67 20.60
N ARG D 24 4.19 -7.29 20.67
CA ARG D 24 5.31 -6.94 19.81
C ARG D 24 5.11 -7.41 18.39
N ASN D 25 4.16 -8.28 18.20
CA ASN D 25 3.91 -8.85 16.90
C ASN D 25 2.73 -8.20 16.20
N LEU D 26 2.26 -7.08 16.73
CA LEU D 26 1.15 -6.40 16.08
C LEU D 26 1.67 -5.47 14.99
N LEU D 27 2.89 -4.97 15.16
CA LEU D 27 3.54 -4.12 14.15
C LEU D 27 4.65 -4.86 13.36
N SER D 28 4.79 -6.19 13.56
CA SER D 28 5.78 -7.09 12.97
C SER D 28 5.18 -8.51 12.99
N THR D 51 1.46 -2.00 -11.63
CA THR D 51 2.10 -2.97 -10.76
C THR D 51 1.47 -2.96 -9.37
N HIS D 52 0.50 -3.83 -9.20
CA HIS D 52 -0.22 -4.02 -7.95
C HIS D 52 0.71 -4.52 -6.84
N TRP D 53 1.66 -5.38 -7.22
CA TRP D 53 2.64 -5.96 -6.30
C TRP D 53 3.01 -4.94 -5.25
N GLY D 54 3.34 -3.74 -5.66
CA GLY D 54 3.52 -2.69 -4.67
C GLY D 54 2.32 -2.14 -3.91
N ILE D 55 1.13 -2.31 -4.45
CA ILE D 55 -0.07 -1.82 -3.83
C ILE D 55 -0.49 -2.86 -2.86
N LYS D 56 -0.42 -4.12 -3.22
CA LYS D 56 -0.79 -5.11 -2.23
C LYS D 56 0.09 -4.93 -1.00
N GLN D 57 1.38 -4.70 -1.18
CA GLN D 57 2.23 -4.52 -0.02
C GLN D 57 1.90 -3.23 0.73
N LEU D 58 1.62 -2.12 0.03
CA LEU D 58 1.27 -0.93 0.78
C LEU D 58 -0.01 -1.09 1.53
N GLN D 59 -1.00 -1.76 0.96
CA GLN D 59 -2.25 -1.93 1.66
C GLN D 59 -2.04 -2.78 2.89
N ALA D 60 -1.21 -3.81 2.79
CA ALA D 60 -0.99 -4.66 3.94
C ALA D 60 -0.31 -3.90 5.08
N ARG D 61 0.62 -3.01 4.72
CA ARG D 61 1.35 -2.24 5.71
C ARG D 61 0.48 -1.17 6.35
N VAL D 62 -0.34 -0.53 5.53
CA VAL D 62 -1.24 0.49 6.02
C VAL D 62 -2.26 -0.13 6.93
N LEU D 63 -2.79 -1.28 6.55
CA LEU D 63 -3.80 -1.93 7.33
C LEU D 63 -3.28 -2.31 8.69
N ALA D 64 -2.05 -2.83 8.77
CA ALA D 64 -1.53 -3.19 10.07
C ALA D 64 -1.47 -1.97 10.97
N VAL D 65 -1.08 -0.83 10.41
CA VAL D 65 -1.01 0.37 11.19
C VAL D 65 -2.38 0.83 11.65
N GLU D 66 -3.37 0.81 10.78
CA GLU D 66 -4.69 1.25 11.17
C GLU D 66 -5.26 0.41 12.29
N HIS D 67 -5.04 -0.89 12.26
CA HIS D 67 -5.59 -1.69 13.33
C HIS D 67 -4.89 -1.41 14.63
N TYR D 68 -3.57 -1.26 14.59
CA TYR D 68 -2.83 -0.99 15.78
C TYR D 68 -3.34 0.29 16.42
N LEU D 69 -3.47 1.33 15.62
CA LEU D 69 -3.89 2.59 16.15
C LEU D 69 -5.30 2.57 16.69
N ARG D 70 -6.22 1.83 16.08
CA ARG D 70 -7.56 1.82 16.64
C ARG D 70 -7.59 1.19 18.01
N ASP D 71 -6.81 0.14 18.24
CA ASP D 71 -6.81 -0.45 19.57
C ASP D 71 -6.14 0.49 20.54
N GLN D 72 -5.10 1.17 20.10
CA GLN D 72 -4.44 2.09 21.01
C GLN D 72 -5.36 3.24 21.36
N GLN D 73 -6.18 3.69 20.42
CA GLN D 73 -7.08 4.77 20.76
C GLN D 73 -8.09 4.31 21.78
N LEU D 74 -8.60 3.09 21.65
CA LEU D 74 -9.59 2.69 22.64
C LEU D 74 -8.99 2.70 24.00
N LEU D 75 -7.76 2.25 24.13
CA LEU D 75 -7.18 2.28 25.44
C LEU D 75 -7.03 3.72 25.91
N GLY D 76 -6.60 4.63 25.03
CA GLY D 76 -6.42 6.00 25.44
C GLY D 76 -7.71 6.64 25.91
N ILE D 77 -8.82 6.35 25.25
CA ILE D 77 -10.11 6.90 25.64
C ILE D 77 -10.54 6.36 26.98
N TRP D 78 -10.34 5.07 27.18
CA TRP D 78 -10.70 4.40 28.42
C TRP D 78 -9.82 4.84 29.58
N GLY D 79 -8.69 5.46 29.26
CA GLY D 79 -7.78 5.97 30.28
C GLY D 79 -6.48 5.19 30.53
N CYS D 80 -6.16 4.22 29.66
CA CYS D 80 -4.98 3.37 29.76
C CYS D 80 -4.02 3.76 28.64
N SER D 81 -2.80 4.10 28.98
CA SER D 81 -1.87 4.54 27.96
C SER D 81 -0.78 3.66 27.39
N GLY D 82 0.03 3.05 28.23
CA GLY D 82 1.13 2.22 27.75
C GLY D 82 0.95 0.91 28.49
N LYS D 83 -0.07 0.80 29.32
CA LYS D 83 -0.23 -0.38 30.12
C LYS D 83 -0.77 -1.58 29.38
N LEU D 84 -0.24 -2.76 29.70
CA LEU D 84 -0.78 -3.99 29.15
C LEU D 84 -1.94 -4.45 30.02
N ILE D 85 -1.88 -4.13 31.31
CA ILE D 85 -2.95 -4.47 32.24
C ILE D 85 -3.37 -3.22 32.97
N CYS D 86 -4.67 -2.86 32.96
CA CYS D 86 -5.17 -1.69 33.69
C CYS D 86 -6.52 -2.00 34.33
N CYS D 87 -6.70 -1.46 35.52
CA CYS D 87 -7.91 -1.70 36.27
C CYS D 87 -8.78 -0.47 36.19
N THR D 88 -10.07 -0.66 36.00
CA THR D 88 -10.93 0.50 35.94
C THR D 88 -11.93 0.56 37.07
N ASN D 89 -12.83 1.54 37.02
CA ASN D 89 -13.85 1.77 38.03
C ASN D 89 -15.24 1.31 37.64
N VAL D 90 -15.31 0.49 36.61
CA VAL D 90 -16.56 -0.06 36.15
C VAL D 90 -16.73 -1.41 36.81
N PRO D 91 -17.81 -1.67 37.57
CA PRO D 91 -18.09 -2.90 38.26
C PRO D 91 -18.48 -3.93 37.26
N TRP D 92 -18.25 -5.18 37.60
CA TRP D 92 -18.66 -6.28 36.76
C TRP D 92 -20.13 -6.63 37.05
N ASN D 93 -20.94 -6.83 36.00
CA ASN D 93 -22.34 -7.22 36.07
C ASN D 93 -22.45 -8.75 35.89
N SER D 94 -23.17 -9.43 36.82
CA SER D 94 -23.40 -10.89 36.79
C SER D 94 -24.26 -11.28 35.61
N SER D 95 -24.95 -10.31 35.02
CA SER D 95 -25.77 -10.54 33.86
C SER D 95 -24.90 -10.75 32.63
N TRP D 96 -23.65 -10.29 32.66
CA TRP D 96 -22.76 -10.46 31.53
C TRP D 96 -22.18 -11.84 31.64
N SER D 97 -21.77 -12.15 32.86
CA SER D 97 -21.20 -13.45 33.18
C SER D 97 -21.27 -13.77 34.65
N ASN D 98 -21.86 -14.92 34.96
CA ASN D 98 -22.00 -15.37 36.32
C ASN D 98 -21.20 -16.64 36.54
N ARG D 99 -20.01 -16.46 37.08
CA ARG D 99 -19.00 -17.49 37.28
C ARG D 99 -18.40 -17.29 38.67
N ASN D 100 -17.67 -18.29 39.20
CA ASN D 100 -17.03 -18.26 40.53
C ASN D 100 -15.72 -17.44 40.59
N LEU D 101 -15.33 -16.75 39.50
CA LEU D 101 -14.10 -15.96 39.29
C LEU D 101 -12.93 -16.91 39.12
N SER D 102 -12.71 -17.82 40.08
CA SER D 102 -11.66 -18.84 39.98
C SER D 102 -12.01 -19.74 38.83
N GLU D 103 -13.27 -19.86 38.58
CA GLU D 103 -13.75 -20.63 37.47
C GLU D 103 -13.18 -20.10 36.16
N ILE D 104 -13.09 -18.77 36.04
CA ILE D 104 -12.64 -18.13 34.84
C ILE D 104 -11.15 -18.14 34.77
N TRP D 105 -10.50 -17.73 35.84
CA TRP D 105 -9.07 -17.61 35.77
C TRP D 105 -8.32 -18.93 35.80
N ASP D 106 -8.86 -19.93 36.48
CA ASP D 106 -8.18 -21.21 36.57
C ASP D 106 -8.68 -22.32 35.66
N ASN D 107 -9.94 -22.32 35.20
CA ASN D 107 -10.39 -23.46 34.42
C ASN D 107 -11.01 -23.08 33.09
N MET D 108 -10.53 -22.00 32.48
CA MET D 108 -11.04 -21.56 31.19
C MET D 108 -9.93 -20.88 30.41
N THR D 109 -9.95 -20.93 29.08
CA THR D 109 -8.94 -20.18 28.32
C THR D 109 -9.53 -18.90 27.75
N TRP D 110 -8.69 -18.07 27.14
CA TRP D 110 -9.14 -16.78 26.62
C TRP D 110 -10.01 -16.89 25.41
N LEU D 111 -9.82 -17.92 24.61
CA LEU D 111 -10.63 -18.09 23.42
C LEU D 111 -12.07 -18.36 23.81
N GLN D 112 -12.23 -19.16 24.88
CA GLN D 112 -13.53 -19.54 25.36
C GLN D 112 -14.23 -18.38 26.01
N TRP D 113 -13.47 -17.62 26.78
CA TRP D 113 -14.01 -16.46 27.45
C TRP D 113 -14.47 -15.44 26.43
N ASP D 114 -13.66 -15.21 25.41
CA ASP D 114 -14.04 -14.22 24.43
C ASP D 114 -15.36 -14.61 23.80
N LYS D 115 -15.57 -15.90 23.53
CA LYS D 115 -16.86 -16.25 22.98
C LYS D 115 -17.97 -16.02 24.00
N GLU D 116 -17.73 -16.40 25.25
CA GLU D 116 -18.75 -16.32 26.29
C GLU D 116 -19.33 -14.94 26.47
N ILE D 117 -18.51 -13.92 26.43
CA ILE D 117 -19.02 -12.58 26.65
C ILE D 117 -19.00 -11.72 25.42
N SER D 118 -18.96 -12.30 24.23
CA SER D 118 -18.90 -11.42 23.05
C SER D 118 -20.13 -10.49 22.90
N ASN D 119 -21.26 -10.90 23.40
CA ASN D 119 -22.42 -10.05 23.29
C ASN D 119 -22.32 -8.73 24.02
N TYR D 120 -21.65 -8.72 25.15
CA TYR D 120 -21.59 -7.59 26.06
C TYR D 120 -20.42 -6.70 25.72
N THR D 121 -19.74 -6.96 24.60
CA THR D 121 -18.55 -6.19 24.29
C THR D 121 -18.81 -4.72 24.17
N GLN D 122 -19.87 -4.35 23.50
CA GLN D 122 -20.10 -2.93 23.31
C GLN D 122 -20.66 -2.29 24.54
N ILE D 123 -21.35 -3.06 25.37
CA ILE D 123 -21.89 -2.48 26.57
C ILE D 123 -20.74 -2.11 27.47
N ILE D 124 -19.80 -3.03 27.61
CA ILE D 124 -18.69 -2.79 28.48
C ILE D 124 -17.87 -1.65 27.95
N TYR D 125 -17.62 -1.62 26.65
CA TYR D 125 -16.81 -0.55 26.14
C TYR D 125 -17.47 0.79 26.35
N GLY D 126 -18.78 0.88 26.17
CA GLY D 126 -19.45 2.15 26.39
C GLY D 126 -19.30 2.61 27.84
N LEU D 127 -19.40 1.68 28.78
CA LEU D 127 -19.24 2.03 30.17
C LEU D 127 -17.84 2.49 30.46
N LEU D 128 -16.84 1.89 29.81
CA LEU D 128 -15.48 2.29 30.05
C LEU D 128 -15.25 3.73 29.59
N GLU D 129 -15.84 4.11 28.45
CA GLU D 129 -15.66 5.47 27.98
C GLU D 129 -16.33 6.46 28.90
N GLU D 130 -17.51 6.10 29.40
CA GLU D 130 -18.24 7.01 30.26
C GLU D 130 -17.53 7.22 31.56
N SER D 131 -16.99 6.15 32.13
CA SER D 131 -16.32 6.30 33.38
C SER D 131 -15.12 7.19 33.25
N GLN D 132 -14.32 7.01 32.21
CA GLN D 132 -13.15 7.86 32.12
C GLN D 132 -13.51 9.29 31.88
N ASN D 133 -14.53 9.56 31.09
CA ASN D 133 -14.84 10.95 30.86
C ASN D 133 -15.20 11.63 32.17
N GLN D 134 -15.94 10.92 33.03
CA GLN D 134 -16.31 11.50 34.30
C GLN D 134 -15.09 11.73 35.17
N GLN D 135 -14.15 10.79 35.12
CA GLN D 135 -12.96 10.93 35.93
C GLN D 135 -12.13 12.11 35.50
N GLU D 136 -12.02 12.36 34.20
CA GLU D 136 -11.21 13.48 33.79
C GLU D 136 -11.81 14.78 34.24
N LYS D 137 -13.13 14.90 34.18
CA LYS D 137 -13.70 16.14 34.64
C LYS D 137 -13.48 16.30 36.13
N ASN D 138 -13.61 15.22 36.89
CA ASN D 138 -13.45 15.35 38.31
C ASN D 138 -12.02 15.77 38.66
N GLU D 139 -11.04 15.24 37.93
CA GLU D 139 -9.67 15.61 38.22
C GLU D 139 -9.46 17.09 37.97
N GLN D 140 -10.02 17.60 36.88
CA GLN D 140 -9.85 18.99 36.55
C GLN D 140 -10.40 19.88 37.65
N ASP D 141 -11.54 19.54 38.20
CA ASP D 141 -12.09 20.41 39.23
C ASP D 141 -11.23 20.36 40.49
N LEU D 142 -10.73 19.20 40.85
CA LEU D 142 -9.93 19.11 42.05
C LEU D 142 -8.63 19.87 41.92
N LEU D 143 -8.02 19.84 40.75
CA LEU D 143 -6.77 20.55 40.53
C LEU D 143 -6.97 22.04 40.59
N ALA D 144 -8.15 22.52 40.18
CA ALA D 144 -8.45 23.94 40.25
C ALA D 144 -8.54 24.42 41.70
N LEU D 145 -8.97 23.54 42.62
CA LEU D 145 -9.07 23.95 44.01
C LEU D 145 -7.67 24.20 44.60
N ASP D 146 -7.51 25.29 45.39
CA ASP D 146 -6.28 25.72 46.07
C ASP D 146 -6.61 26.98 46.87
N ASN E 30 26.08 1.51 41.77
CA ASN E 30 24.82 2.10 42.20
C ASN E 30 24.17 3.02 41.12
N LEU E 31 24.34 2.67 39.83
CA LEU E 31 23.80 3.38 38.66
C LEU E 31 22.65 2.63 38.08
N TRP E 32 21.76 3.36 37.44
CA TRP E 32 20.55 2.83 36.84
C TRP E 32 20.39 3.20 35.38
N VAL E 33 19.68 2.37 34.63
CA VAL E 33 19.42 2.65 33.24
C VAL E 33 18.39 3.75 33.07
N THR E 34 18.68 4.71 32.22
CA THR E 34 17.72 5.74 31.87
C THR E 34 17.58 5.80 30.38
N VAL E 35 16.34 5.83 29.96
CA VAL E 35 15.98 5.83 28.57
C VAL E 35 15.77 7.25 28.08
N TYR E 36 16.39 7.59 26.96
CA TYR E 36 16.23 8.91 26.40
C TYR E 36 15.67 8.82 24.99
N TYR E 37 14.72 9.70 24.66
CA TYR E 37 14.17 9.71 23.33
C TYR E 37 14.30 11.08 22.70
N GLY E 38 14.86 11.13 21.49
CA GLY E 38 15.13 12.37 20.80
C GLY E 38 16.63 12.60 20.80
N VAL E 39 17.39 11.53 20.97
CA VAL E 39 18.82 11.56 21.01
C VAL E 39 19.41 11.83 19.63
N PRO E 40 20.30 12.82 19.44
CA PRO E 40 20.87 13.22 18.16
C PRO E 40 21.95 12.31 17.60
N VAL E 41 21.57 11.09 17.26
CA VAL E 41 22.47 10.12 16.66
C VAL E 41 21.91 9.51 15.39
N TRP E 42 22.78 8.91 14.61
CA TRP E 42 22.39 8.30 13.36
C TRP E 42 23.25 7.15 12.92
N LYS E 43 22.71 6.40 11.95
CA LYS E 43 23.39 5.30 11.29
C LYS E 43 23.35 5.46 9.78
N ASP E 44 24.34 4.95 9.09
CA ASP E 44 24.34 5.03 7.64
C ASP E 44 23.12 4.28 7.13
N ALA E 45 22.43 4.79 6.11
CA ALA E 45 21.26 4.05 5.65
C ALA E 45 20.92 4.23 4.19
N GLU E 46 20.20 3.25 3.66
CA GLU E 46 19.73 3.31 2.28
C GLU E 46 18.22 3.37 2.22
N THR E 47 17.71 4.50 1.79
CA THR E 47 16.28 4.67 1.70
C THR E 47 15.98 5.28 0.39
N THR E 48 14.71 5.46 0.09
CA THR E 48 14.30 6.08 -1.16
C THR E 48 14.10 7.55 -0.97
N LEU E 49 14.74 8.33 -1.82
CA LEU E 49 14.63 9.76 -1.76
C LEU E 49 13.61 10.20 -2.77
N PHE E 50 13.08 11.38 -2.61
CA PHE E 50 12.15 11.88 -3.58
C PHE E 50 12.63 13.19 -4.18
N CYS E 51 12.12 13.56 -5.37
CA CYS E 51 12.49 14.79 -6.06
C CYS E 51 11.61 15.95 -5.61
N ALA E 52 12.18 17.15 -5.65
CA ALA E 52 11.44 18.32 -5.26
C ALA E 52 11.49 19.49 -6.24
N SER E 53 11.57 19.24 -7.53
CA SER E 53 11.54 20.34 -8.47
C SER E 53 12.55 21.45 -8.09
N ASP E 54 12.21 22.74 -8.40
CA ASP E 54 12.94 23.97 -8.15
C ASP E 54 11.93 25.13 -8.25
N HIS E 63 6.54 21.23 -19.99
CA HIS E 63 7.26 21.19 -21.25
C HIS E 63 8.69 20.73 -21.08
N ASN E 64 8.94 20.01 -19.99
CA ASN E 64 10.29 19.45 -19.75
C ASN E 64 10.23 17.97 -20.08
N VAL E 65 11.35 17.39 -20.50
CA VAL E 65 11.35 15.96 -20.74
C VAL E 65 11.05 15.17 -19.50
N TRP E 66 11.70 15.47 -18.43
CA TRP E 66 11.40 14.74 -17.23
C TRP E 66 10.17 15.35 -16.63
N ALA E 67 9.41 14.55 -15.93
CA ALA E 67 8.20 15.01 -15.32
C ALA E 67 8.46 15.83 -14.09
N THR E 68 8.70 17.11 -14.28
CA THR E 68 8.97 18.00 -13.16
C THR E 68 7.69 18.17 -12.37
N HIS E 69 6.56 17.92 -13.03
CA HIS E 69 5.26 18.00 -12.41
C HIS E 69 5.00 16.83 -11.46
N CYS E 70 5.84 15.80 -11.53
CA CYS E 70 5.74 14.65 -10.62
C CYS E 70 6.41 14.92 -9.24
N CYS E 71 7.15 16.04 -9.10
CA CYS E 71 7.93 16.43 -7.94
C CYS E 71 7.16 17.45 -7.10
N VAL E 72 7.53 17.54 -5.83
CA VAL E 72 6.91 18.51 -4.94
C VAL E 72 7.72 19.79 -4.97
N PRO E 73 7.16 20.99 -5.01
CA PRO E 73 7.90 22.23 -4.96
C PRO E 73 8.78 22.29 -3.72
N THR E 74 9.91 22.98 -3.85
CA THR E 74 10.90 23.09 -2.79
C THR E 74 10.49 24.01 -1.69
N ASP E 75 11.23 23.93 -0.61
CA ASP E 75 11.12 24.78 0.56
C ASP E 75 11.57 26.19 0.18
N PRO E 76 10.72 27.24 0.29
CA PRO E 76 11.04 28.63 0.01
C PRO E 76 12.18 29.17 0.89
N ASN E 77 12.41 28.52 2.02
CA ASN E 77 13.45 28.95 2.94
C ASN E 77 14.12 27.73 3.58
N PRO E 78 14.95 26.99 2.83
CA PRO E 78 15.55 25.74 3.25
C PRO E 78 16.56 26.04 4.33
N GLN E 79 16.72 25.12 5.25
CA GLN E 79 17.68 25.31 6.32
C GLN E 79 18.88 24.43 6.17
N GLU E 80 19.97 24.86 6.78
CA GLU E 80 21.18 24.09 6.87
C GLU E 80 21.76 24.22 8.25
N ILE E 81 22.03 23.10 8.90
CA ILE E 81 22.57 23.14 10.25
C ILE E 81 23.99 22.69 10.33
N HIS E 82 24.88 23.55 10.77
CA HIS E 82 26.29 23.18 10.84
C HIS E 82 26.52 22.36 12.09
N LEU E 83 27.17 21.20 11.97
CA LEU E 83 27.37 20.39 13.15
C LEU E 83 28.79 20.61 13.66
N GLU E 84 28.91 21.34 14.74
CA GLU E 84 30.25 21.61 15.22
C GLU E 84 30.76 20.36 15.93
N ASN E 85 32.08 20.10 15.85
CA ASN E 85 32.81 18.97 16.47
C ASN E 85 32.29 17.58 16.01
N VAL E 86 31.88 17.44 14.73
CA VAL E 86 31.41 16.19 14.13
C VAL E 86 32.22 15.86 12.89
N THR E 87 32.83 14.69 12.86
CA THR E 87 33.58 14.27 11.69
C THR E 87 32.98 12.98 11.18
N GLU E 88 32.60 12.95 9.92
CA GLU E 88 31.94 11.76 9.37
C GLU E 88 32.69 11.22 8.18
N GLU E 89 32.55 9.92 7.96
CA GLU E 89 33.19 9.31 6.80
C GLU E 89 32.27 9.26 5.60
N PHE E 90 32.73 9.79 4.48
CA PHE E 90 31.95 9.81 3.25
C PHE E 90 32.61 8.94 2.23
N ASN E 91 31.83 8.34 1.34
CA ASN E 91 32.42 7.56 0.28
C ASN E 91 31.59 7.68 -0.97
N MET E 92 32.03 8.56 -1.87
CA MET E 92 31.30 8.89 -3.09
C MET E 92 31.17 7.72 -4.05
N TRP E 93 31.97 6.69 -3.87
CA TRP E 93 31.95 5.58 -4.80
C TRP E 93 30.97 4.51 -4.38
N LYS E 94 30.41 4.64 -3.18
CA LYS E 94 29.50 3.63 -2.63
C LYS E 94 28.18 4.29 -2.27
N ASN E 95 27.99 5.48 -2.80
CA ASN E 95 26.86 6.34 -2.54
C ASN E 95 25.62 5.88 -3.30
N ASN E 96 24.54 5.56 -2.59
CA ASN E 96 23.34 5.04 -3.24
C ASN E 96 22.43 6.14 -3.77
N MET E 97 22.80 7.40 -3.56
CA MET E 97 22.00 8.51 -4.04
C MET E 97 22.21 8.60 -5.53
N VAL E 98 23.40 8.20 -5.98
CA VAL E 98 23.79 8.24 -7.36
C VAL E 98 23.01 7.20 -8.11
N GLU E 99 22.88 6.03 -7.53
CA GLU E 99 22.16 4.99 -8.20
C GLU E 99 20.71 5.39 -8.35
N GLN E 100 20.11 6.00 -7.32
CA GLN E 100 18.74 6.40 -7.52
C GLN E 100 18.63 7.49 -8.54
N MET E 101 19.56 8.45 -8.56
CA MET E 101 19.41 9.50 -9.54
C MET E 101 19.44 8.92 -10.93
N HIS E 102 20.31 7.94 -11.16
CA HIS E 102 20.40 7.31 -12.46
C HIS E 102 19.08 6.65 -12.81
N GLU E 103 18.55 5.85 -11.90
CA GLU E 103 17.29 5.17 -12.18
C GLU E 103 16.15 6.14 -12.43
N ASP E 104 16.07 7.22 -11.66
CA ASP E 104 14.97 8.15 -11.82
C ASP E 104 15.02 8.84 -13.14
N ILE E 105 16.21 9.22 -13.58
CA ILE E 105 16.33 9.91 -14.84
C ILE E 105 15.94 9.05 -15.99
N ILE E 106 16.37 7.80 -16.00
CA ILE E 106 15.98 6.97 -17.10
C ILE E 106 14.48 6.79 -17.11
N SER E 107 13.87 6.53 -15.96
CA SER E 107 12.44 6.34 -15.96
C SER E 107 11.68 7.58 -16.40
N LEU E 108 12.12 8.76 -15.98
CA LEU E 108 11.45 9.99 -16.37
C LEU E 108 11.55 10.22 -17.86
N TRP E 109 12.70 9.92 -18.39
CA TRP E 109 12.94 10.06 -19.80
C TRP E 109 11.97 9.19 -20.52
N ASP E 110 11.91 7.92 -20.16
CA ASP E 110 11.02 7.01 -20.87
C ASP E 110 9.57 7.45 -20.78
N GLN E 111 9.16 8.02 -19.64
CA GLN E 111 7.78 8.46 -19.52
C GLN E 111 7.46 9.52 -20.54
N SER E 112 8.42 10.37 -20.86
CA SER E 112 8.17 11.48 -21.77
C SER E 112 7.91 11.04 -23.19
N LEU E 113 8.27 9.81 -23.55
CA LEU E 113 8.06 9.37 -24.92
C LEU E 113 6.79 8.55 -25.05
N LYS E 114 6.13 8.27 -23.94
CA LYS E 114 4.99 7.40 -24.01
C LYS E 114 3.86 7.92 -24.88
N PRO E 115 3.48 9.21 -24.85
CA PRO E 115 2.43 9.74 -25.67
C PRO E 115 2.85 10.23 -27.07
N CYS E 116 4.11 9.97 -27.53
CA CYS E 116 4.64 10.55 -28.75
C CYS E 116 4.45 9.60 -29.92
N VAL E 117 4.51 10.16 -31.12
CA VAL E 117 4.30 9.42 -32.35
C VAL E 117 5.36 8.38 -32.63
N LYS E 118 4.91 7.16 -32.95
CA LYS E 118 5.83 6.10 -33.30
C LYS E 118 6.17 6.26 -34.76
N LEU E 119 7.40 6.01 -35.13
CA LEU E 119 7.81 6.16 -36.51
C LEU E 119 8.03 4.88 -37.26
N THR E 120 7.44 3.79 -36.79
CA THR E 120 7.59 2.51 -37.46
C THR E 120 7.46 2.59 -38.99
N PRO E 121 6.49 3.31 -39.59
CA PRO E 121 6.29 3.39 -41.02
C PRO E 121 7.49 3.92 -41.80
N LEU E 122 8.48 4.54 -41.15
CA LEU E 122 9.66 5.03 -41.86
C LEU E 122 10.67 3.94 -42.25
N CYS E 123 10.53 2.70 -41.71
CA CYS E 123 11.45 1.61 -41.98
C CYS E 123 11.17 0.99 -43.34
N VAL E 124 11.54 1.73 -44.37
CA VAL E 124 11.39 1.37 -45.76
C VAL E 124 12.67 1.58 -46.49
N THR E 125 12.76 1.06 -47.70
CA THR E 125 13.94 1.33 -48.47
C THR E 125 13.91 2.78 -48.88
N LEU E 126 15.01 3.46 -48.66
CA LEU E 126 15.14 4.84 -49.05
C LEU E 126 15.98 4.87 -50.30
N GLN E 127 15.67 5.76 -51.21
CA GLN E 127 16.51 5.95 -52.39
C GLN E 127 17.31 7.21 -52.12
N CYS E 128 18.67 7.15 -52.03
CA CYS E 128 19.48 8.31 -51.63
C CYS E 128 20.58 8.64 -52.62
N THR E 129 20.82 9.94 -52.76
CA THR E 129 21.88 10.51 -53.59
C THR E 129 22.34 11.69 -52.78
N ASN E 130 23.60 11.71 -52.38
CA ASN E 130 24.08 12.79 -51.51
C ASN E 130 23.97 14.23 -52.03
N VAL E 131 23.64 15.12 -51.11
CA VAL E 131 23.48 16.53 -51.36
C VAL E 131 24.87 17.04 -51.67
N THR E 132 25.00 17.83 -52.73
CA THR E 132 26.28 18.40 -53.13
C THR E 132 26.04 19.74 -53.75
N ASN E 133 25.10 20.50 -53.20
CA ASN E 133 24.82 21.82 -53.78
C ASN E 133 25.77 22.96 -53.41
N ASN E 134 26.19 23.07 -52.13
CA ASN E 134 27.10 24.10 -51.62
C ASN E 134 27.93 23.53 -50.46
N ILE E 135 29.07 22.87 -50.76
CA ILE E 135 29.91 22.20 -49.73
C ILE E 135 31.34 22.71 -49.80
N THR E 136 32.06 22.56 -48.69
CA THR E 136 33.43 23.01 -48.49
C THR E 136 34.45 21.90 -48.41
N ASP E 137 34.00 20.70 -48.73
CA ASP E 137 34.76 19.45 -48.60
C ASP E 137 34.96 19.01 -47.16
N ASP E 138 34.34 19.72 -46.19
CA ASP E 138 34.39 19.26 -44.81
C ASP E 138 33.18 18.37 -44.60
N MET E 139 32.13 18.70 -45.33
CA MET E 139 30.82 18.07 -45.29
C MET E 139 30.55 17.17 -46.47
N ARG E 140 31.58 16.87 -47.23
CA ARG E 140 31.35 16.04 -48.37
C ARG E 140 31.04 14.65 -47.89
N GLY E 141 29.85 14.18 -48.22
CA GLY E 141 29.42 12.86 -47.82
C GLY E 141 28.82 12.83 -46.43
N GLU E 142 28.59 13.99 -45.84
CA GLU E 142 28.00 14.03 -44.49
C GLU E 142 26.50 14.30 -44.49
N LEU E 143 25.91 14.45 -45.66
CA LEU E 143 24.48 14.70 -45.76
C LEU E 143 23.94 13.89 -46.90
N LYS E 144 22.70 13.45 -46.83
CA LYS E 144 22.13 12.66 -47.92
C LYS E 144 20.69 13.05 -48.23
N ASN E 145 20.38 13.18 -49.51
CA ASN E 145 19.05 13.52 -49.99
C ASN E 145 18.30 12.23 -50.33
N CYS E 146 17.34 11.84 -49.47
CA CYS E 146 16.64 10.57 -49.56
C CYS E 146 15.16 10.76 -49.86
N SER E 147 14.60 9.80 -50.57
CA SER E 147 13.17 9.81 -50.81
C SER E 147 12.56 8.45 -50.56
N PHE E 148 11.30 8.49 -50.17
CA PHE E 148 10.57 7.29 -49.84
C PHE E 148 9.05 7.41 -49.97
N ASN E 149 8.35 6.26 -50.03
CA ASN E 149 6.88 6.16 -50.07
C ASN E 149 6.34 5.98 -48.64
N MET E 150 5.80 7.06 -48.05
CA MET E 150 5.32 7.16 -46.67
C MET E 150 3.81 7.00 -46.62
N THR E 151 3.28 6.58 -45.49
CA THR E 151 1.85 6.44 -45.34
C THR E 151 1.18 7.80 -45.17
N THR E 152 -0.14 7.82 -45.30
CA THR E 152 -1.01 8.99 -45.18
C THR E 152 -2.13 8.74 -44.19
N GLU E 153 -3.04 9.72 -43.97
CA GLU E 153 -4.12 9.50 -43.01
C GLU E 153 -5.00 8.34 -43.43
N LEU E 154 -5.31 8.28 -44.72
CA LEU E 154 -6.13 7.20 -45.20
C LEU E 154 -5.22 6.04 -45.51
N ARG E 155 -5.69 4.84 -45.26
CA ARG E 155 -4.92 3.63 -45.53
C ARG E 155 -4.73 3.34 -47.00
N ASP E 156 -5.55 3.98 -47.80
CA ASP E 156 -5.54 3.79 -49.23
C ASP E 156 -4.49 4.59 -49.95
N LYS E 157 -3.89 5.57 -49.27
CA LYS E 157 -3.00 6.46 -49.97
C LYS E 157 -1.57 6.40 -49.49
N LYS E 158 -0.67 6.81 -50.37
CA LYS E 158 0.74 6.90 -50.09
C LYS E 158 1.20 8.25 -50.58
N GLN E 159 2.30 8.74 -50.02
CA GLN E 159 2.85 10.01 -50.49
C GLN E 159 4.34 9.90 -50.66
N LYS E 160 4.90 10.61 -51.63
CA LYS E 160 6.34 10.59 -51.78
C LYS E 160 6.92 11.74 -51.00
N VAL E 161 7.89 11.41 -50.18
CA VAL E 161 8.51 12.36 -49.28
C VAL E 161 9.98 12.47 -49.54
N TYR E 162 10.47 13.69 -49.53
CA TYR E 162 11.89 13.95 -49.69
C TYR E 162 12.38 14.53 -48.38
N SER E 163 13.52 14.07 -47.90
CA SER E 163 14.07 14.58 -46.66
C SER E 163 15.57 14.46 -46.60
N LEU E 164 16.20 15.24 -45.73
CA LEU E 164 17.63 15.12 -45.61
C LEU E 164 18.05 14.40 -44.35
N PHE E 165 19.07 13.58 -44.47
CA PHE E 165 19.63 12.84 -43.35
C PHE E 165 21.12 13.08 -43.21
N TYR E 166 21.64 12.87 -42.02
CA TYR E 166 23.05 13.12 -41.72
C TYR E 166 24.01 11.95 -41.83
N ARG E 167 23.65 10.92 -42.58
CA ARG E 167 24.52 9.76 -42.82
C ARG E 167 24.68 8.82 -41.64
N LEU E 168 24.97 9.33 -40.47
CA LEU E 168 25.17 8.46 -39.33
C LEU E 168 23.92 7.64 -39.06
N ASP E 169 22.75 8.18 -39.41
CA ASP E 169 21.47 7.54 -39.19
C ASP E 169 21.02 6.64 -40.33
N VAL E 170 21.75 6.62 -41.44
CA VAL E 170 21.35 5.89 -42.63
C VAL E 170 22.41 4.89 -43.06
N VAL E 171 22.01 3.64 -43.19
CA VAL E 171 22.96 2.60 -43.53
C VAL E 171 22.61 1.91 -44.82
N GLN E 172 23.61 1.65 -45.63
CA GLN E 172 23.36 1.00 -46.90
C GLN E 172 22.83 -0.38 -46.70
N ILE E 173 21.84 -0.76 -47.51
CA ILE E 173 21.26 -2.09 -47.41
C ILE E 173 22.08 -3.18 -48.12
N ASN E 174 22.47 -2.95 -49.40
CA ASN E 174 23.22 -3.89 -50.23
C ASN E 174 24.67 -3.43 -50.34
N LYS E 186 22.59 2.61 -54.05
CA LYS E 186 21.73 3.75 -53.72
C LYS E 186 20.56 3.42 -52.73
N GLU E 187 20.38 2.13 -52.35
CA GLU E 187 19.32 1.66 -51.42
C GLU E 187 19.82 1.61 -49.99
N TYR E 188 19.16 2.41 -49.16
CA TYR E 188 19.49 2.62 -47.76
C TYR E 188 18.33 2.44 -46.82
N ARG E 189 18.61 2.20 -45.56
CA ARG E 189 17.59 2.12 -44.53
C ARG E 189 18.01 2.89 -43.32
N LEU E 190 17.09 3.16 -42.42
CA LEU E 190 17.53 3.81 -41.20
C LEU E 190 18.30 2.77 -40.42
N ILE E 191 19.31 3.23 -39.71
CA ILE E 191 20.14 2.34 -38.90
C ILE E 191 19.40 1.60 -37.81
N ASN E 192 18.37 2.18 -37.22
CA ASN E 192 17.64 1.50 -36.15
C ASN E 192 16.32 0.84 -36.53
N CYS E 193 16.30 0.06 -37.65
CA CYS E 193 15.13 -0.72 -38.12
C CYS E 193 15.34 -2.22 -37.98
N ASN E 194 16.41 -2.65 -37.34
CA ASN E 194 16.61 -4.07 -37.10
C ASN E 194 16.71 -4.38 -35.59
N THR E 195 17.58 -3.65 -34.86
CA THR E 195 17.86 -3.79 -33.43
C THR E 195 16.87 -3.07 -32.55
N SER E 196 16.07 -2.24 -33.14
CA SER E 196 15.18 -1.42 -32.39
C SER E 196 13.99 -0.98 -33.17
N ALA E 197 13.25 -0.08 -32.57
CA ALA E 197 12.09 0.56 -33.13
C ALA E 197 12.19 2.00 -32.68
N ILE E 198 11.73 2.91 -33.52
CA ILE E 198 11.95 4.33 -33.26
C ILE E 198 10.72 5.13 -32.91
N THR E 199 10.81 5.89 -31.83
CA THR E 199 9.74 6.79 -31.38
C THR E 199 10.18 8.23 -31.57
N GLN E 200 9.33 9.07 -32.16
CA GLN E 200 9.69 10.47 -32.35
C GLN E 200 9.54 11.20 -31.05
N ALA E 201 10.51 11.98 -30.67
CA ALA E 201 10.35 12.77 -29.47
C ALA E 201 9.31 13.83 -29.78
N CYS E 202 8.45 14.22 -28.80
CA CYS E 202 7.46 15.27 -28.96
C CYS E 202 8.20 16.62 -29.10
N PRO E 203 7.96 17.39 -30.17
CA PRO E 203 8.67 18.61 -30.53
C PRO E 203 8.48 19.76 -29.56
N LYS E 204 7.45 19.66 -28.75
CA LYS E 204 7.12 20.69 -27.78
C LYS E 204 7.79 20.48 -26.44
N VAL E 205 8.49 19.36 -26.26
CA VAL E 205 9.07 19.05 -24.97
C VAL E 205 10.59 19.25 -24.97
N SER E 206 11.04 20.11 -24.07
CA SER E 206 12.43 20.54 -23.93
C SER E 206 13.36 19.63 -23.15
N PHE E 207 14.55 19.49 -23.67
CA PHE E 207 15.59 18.67 -23.05
C PHE E 207 16.51 19.50 -22.19
N GLU E 208 16.23 20.78 -22.06
CA GLU E 208 17.10 21.63 -21.27
C GLU E 208 17.12 21.11 -19.84
N PRO E 209 18.27 20.84 -19.24
CA PRO E 209 18.40 20.39 -17.88
C PRO E 209 17.77 21.38 -16.93
N ILE E 210 16.91 20.88 -16.05
CA ILE E 210 16.26 21.67 -15.04
C ILE E 210 16.78 21.14 -13.74
N PRO E 211 17.31 21.94 -12.84
CA PRO E 211 17.86 21.43 -11.62
C PRO E 211 16.81 20.75 -10.78
N ILE E 212 17.13 19.57 -10.32
CA ILE E 212 16.24 18.82 -9.45
C ILE E 212 16.82 18.63 -8.08
N HIS E 213 16.08 19.04 -7.07
CA HIS E 213 16.56 18.84 -5.71
C HIS E 213 16.16 17.45 -5.23
N TYR E 214 17.02 16.76 -4.47
CA TYR E 214 16.61 15.50 -3.84
C TYR E 214 16.38 15.74 -2.37
N CYS E 215 15.30 15.18 -1.80
CA CYS E 215 14.90 15.37 -0.41
C CYS E 215 14.68 14.03 0.30
N ALA E 216 15.13 13.98 1.55
CA ALA E 216 14.95 12.81 2.37
C ALA E 216 13.58 12.80 3.05
N PRO E 217 12.99 11.64 3.30
CA PRO E 217 11.76 11.43 4.02
C PRO E 217 11.97 11.67 5.49
N ALA E 218 10.90 11.95 6.23
CA ALA E 218 11.07 12.14 7.65
C ALA E 218 11.67 10.89 8.25
N GLY E 219 12.58 11.08 9.19
CA GLY E 219 13.26 9.98 9.85
C GLY E 219 14.66 9.81 9.29
N PHE E 220 14.93 10.47 8.18
CA PHE E 220 16.20 10.45 7.51
C PHE E 220 16.70 11.86 7.29
N ALA E 221 18.00 12.01 7.13
CA ALA E 221 18.58 13.31 6.89
C ALA E 221 19.77 13.18 5.98
N ILE E 222 20.13 14.28 5.33
CA ILE E 222 21.28 14.24 4.45
C ILE E 222 22.43 15.03 5.04
N LEU E 223 23.57 14.39 5.16
CA LEU E 223 24.72 15.06 5.70
C LEU E 223 25.53 15.58 4.54
N LYS E 224 25.80 16.86 4.55
CA LYS E 224 26.53 17.53 3.51
C LYS E 224 27.96 17.85 3.98
N CYS E 225 28.98 17.46 3.19
CA CYS E 225 30.39 17.71 3.48
C CYS E 225 30.78 19.08 2.97
N LYS E 226 31.29 19.92 3.86
CA LYS E 226 31.70 21.26 3.49
C LYS E 226 33.14 21.41 3.82
N ASP E 227 33.99 20.79 3.03
CA ASP E 227 35.39 20.76 3.33
C ASP E 227 36.12 20.99 2.06
N LYS E 228 36.88 22.05 2.03
CA LYS E 228 37.57 22.43 0.83
C LYS E 228 38.62 21.38 0.56
N LYS E 229 38.87 21.12 -0.71
CA LYS E 229 39.87 20.14 -1.11
C LYS E 229 39.54 18.73 -0.61
N PHE E 230 38.26 18.39 -0.63
CA PHE E 230 37.80 17.07 -0.22
C PHE E 230 37.74 16.15 -1.43
N ASN E 231 38.42 14.98 -1.36
CA ASN E 231 38.56 14.03 -2.48
C ASN E 231 37.43 12.98 -2.58
N GLY E 232 36.41 13.02 -1.71
CA GLY E 232 35.24 12.13 -1.73
C GLY E 232 35.32 10.83 -0.92
N THR E 233 36.49 10.43 -0.38
CA THR E 233 36.50 9.16 0.37
C THR E 233 36.98 9.19 1.81
N GLY E 234 37.57 10.28 2.26
CA GLY E 234 38.07 10.29 3.61
C GLY E 234 37.06 10.90 4.59
N PRO E 235 37.45 11.06 5.86
CA PRO E 235 36.68 11.69 6.90
C PRO E 235 36.51 13.13 6.46
N CYS E 236 35.39 13.77 6.79
CA CYS E 236 35.06 15.15 6.49
C CYS E 236 34.89 15.90 7.81
N PRO E 237 35.88 16.72 8.22
CA PRO E 237 35.95 17.49 9.46
C PRO E 237 34.85 18.53 9.65
N SER E 238 34.18 18.93 8.58
CA SER E 238 33.12 19.92 8.71
C SER E 238 31.92 19.52 7.90
N VAL E 239 30.85 19.19 8.59
CA VAL E 239 29.64 18.73 7.94
C VAL E 239 28.43 19.51 8.43
N SER E 240 27.37 19.46 7.67
CA SER E 240 26.13 20.10 8.05
C SER E 240 24.97 19.23 7.65
N THR E 241 23.82 19.47 8.22
CA THR E 241 22.66 18.68 7.89
C THR E 241 21.64 19.47 7.12
N VAL E 242 21.17 18.88 6.05
CA VAL E 242 20.15 19.48 5.24
C VAL E 242 19.06 18.45 5.04
N GLN E 243 17.88 18.90 4.67
CA GLN E 243 16.85 17.92 4.34
C GLN E 243 16.85 17.60 2.83
N CYS E 244 17.25 18.60 1.98
CA CYS E 244 17.28 18.55 0.53
C CYS E 244 18.67 18.97 0.04
N THR E 245 19.09 18.40 -1.07
CA THR E 245 20.33 18.72 -1.75
C THR E 245 20.07 19.97 -2.53
N HIS E 246 21.09 20.57 -3.09
CA HIS E 246 20.89 21.71 -3.94
C HIS E 246 20.31 21.17 -5.22
N GLY E 247 19.77 22.01 -6.08
CA GLY E 247 19.26 21.38 -7.29
C GLY E 247 20.40 20.96 -8.16
N ILE E 248 20.32 19.77 -8.74
CA ILE E 248 21.34 19.30 -9.66
C ILE E 248 20.80 19.18 -11.06
N LYS E 249 21.43 19.86 -12.01
CA LYS E 249 20.99 19.77 -13.38
C LYS E 249 21.41 18.46 -13.99
N PRO E 250 20.52 17.66 -14.57
CA PRO E 250 20.80 16.39 -15.19
C PRO E 250 21.40 16.58 -16.56
N VAL E 251 22.60 17.11 -16.60
CA VAL E 251 23.26 17.36 -17.87
C VAL E 251 23.85 16.05 -18.34
N VAL E 252 23.59 15.69 -19.58
CA VAL E 252 24.11 14.44 -20.11
C VAL E 252 25.27 14.68 -21.05
N SER E 253 26.41 14.06 -20.77
CA SER E 253 27.59 14.23 -21.61
C SER E 253 28.64 13.13 -21.46
N THR E 254 29.57 13.11 -22.40
CA THR E 254 30.76 12.25 -22.34
C THR E 254 32.00 13.09 -22.47
N GLN E 255 33.19 12.54 -22.15
CA GLN E 255 34.50 13.21 -22.28
C GLN E 255 34.70 14.33 -21.25
N LEU E 256 33.85 15.34 -21.34
CA LEU E 256 33.87 16.49 -20.48
C LEU E 256 32.55 16.64 -19.76
N LEU E 257 32.61 17.12 -18.54
CA LEU E 257 31.45 17.39 -17.74
C LEU E 257 31.09 18.84 -17.92
N LEU E 258 29.86 19.10 -18.29
CA LEU E 258 29.42 20.46 -18.51
C LEU E 258 28.47 20.95 -17.43
N ASN E 259 28.49 22.26 -17.16
CA ASN E 259 27.58 23.04 -16.30
C ASN E 259 27.42 22.47 -14.87
N GLY E 260 28.51 21.99 -14.24
CA GLY E 260 28.51 21.46 -12.87
C GLY E 260 29.08 22.46 -11.89
N SER E 261 29.44 21.95 -10.72
CA SER E 261 30.00 22.77 -9.67
C SER E 261 31.50 22.90 -9.82
N LEU E 262 32.07 23.97 -9.33
CA LEU E 262 33.51 24.16 -9.35
C LEU E 262 34.14 23.93 -7.99
N ALA E 263 35.39 23.52 -8.01
CA ALA E 263 36.21 23.29 -6.82
C ALA E 263 36.47 24.64 -6.17
N GLU E 264 36.58 24.69 -4.85
CA GLU E 264 36.77 25.98 -4.20
C GLU E 264 38.11 26.67 -4.42
N GLU E 265 39.20 25.91 -4.39
CA GLU E 265 40.53 26.52 -4.49
C GLU E 265 41.47 25.96 -5.55
N GLU E 266 41.41 24.66 -5.79
CA GLU E 266 42.36 24.01 -6.67
C GLU E 266 41.69 22.89 -7.38
N VAL E 267 42.27 22.42 -8.46
CA VAL E 267 41.69 21.30 -9.16
C VAL E 267 41.72 20.07 -8.25
N ILE E 268 40.59 19.38 -8.14
CA ILE E 268 40.54 18.21 -7.27
C ILE E 268 40.41 16.95 -8.08
N ILE E 269 41.33 16.02 -7.86
CA ILE E 269 41.27 14.79 -8.60
C ILE E 269 40.75 13.68 -7.72
N ARG E 270 39.64 13.07 -8.15
CA ARG E 270 39.00 12.03 -7.37
C ARG E 270 38.93 10.72 -8.14
N SER E 271 39.22 9.63 -7.49
CA SER E 271 39.13 8.33 -8.13
C SER E 271 38.83 7.28 -7.08
N GLU E 272 38.21 6.18 -7.49
CA GLU E 272 37.97 5.10 -6.53
C GLU E 272 39.29 4.49 -6.04
N ASN E 273 40.22 4.25 -6.98
CA ASN E 273 41.55 3.69 -6.81
C ASN E 273 42.45 4.26 -7.91
N ILE E 274 43.33 5.21 -7.55
CA ILE E 274 44.18 5.97 -8.48
C ILE E 274 45.20 5.10 -9.21
N THR E 275 45.50 3.91 -8.71
CA THR E 275 46.50 3.09 -9.37
C THR E 275 45.86 1.99 -10.21
N ASN E 276 44.54 1.92 -10.19
CA ASN E 276 43.83 0.87 -10.90
C ASN E 276 43.38 1.40 -12.25
N ASN E 277 43.93 0.88 -13.32
CA ASN E 277 43.63 1.42 -14.66
C ASN E 277 42.22 1.08 -15.12
N ALA E 278 41.53 0.26 -14.36
CA ALA E 278 40.16 -0.09 -14.67
C ALA E 278 39.19 0.98 -14.18
N LYS E 279 39.70 1.97 -13.44
CA LYS E 279 38.85 3.01 -12.88
C LYS E 279 39.01 4.33 -13.59
N ASN E 280 37.94 5.11 -13.61
CA ASN E 280 37.98 6.45 -14.22
C ASN E 280 38.39 7.48 -13.19
N ILE E 281 38.95 8.57 -13.67
CA ILE E 281 39.34 9.68 -12.85
C ILE E 281 38.45 10.88 -13.08
N LEU E 282 37.85 11.40 -12.04
CA LEU E 282 37.00 12.57 -12.18
C LEU E 282 37.75 13.79 -11.71
N VAL E 283 37.95 14.73 -12.61
CA VAL E 283 38.71 15.91 -12.26
C VAL E 283 37.82 17.12 -12.21
N GLN E 284 37.74 17.74 -11.05
CA GLN E 284 36.90 18.91 -10.91
C GLN E 284 37.72 20.17 -11.04
N LEU E 285 37.31 21.06 -11.92
CA LEU E 285 38.09 22.26 -12.14
C LEU E 285 37.71 23.33 -11.14
N ASN E 286 38.63 24.24 -10.84
CA ASN E 286 38.28 25.35 -9.96
C ASN E 286 37.91 26.60 -10.75
N THR E 287 37.98 26.48 -12.06
CA THR E 287 37.62 27.54 -12.99
C THR E 287 36.91 26.87 -14.15
N PRO E 288 35.93 27.50 -14.78
CA PRO E 288 35.26 27.00 -15.94
C PRO E 288 36.09 27.23 -17.17
N VAL E 289 35.87 26.43 -18.19
CA VAL E 289 36.43 26.75 -19.50
C VAL E 289 35.25 26.98 -20.41
N GLN E 290 35.21 28.13 -21.06
CA GLN E 290 34.06 28.40 -21.90
C GLN E 290 34.18 27.70 -23.24
N ILE E 291 33.12 27.02 -23.64
CA ILE E 291 33.04 26.35 -24.93
C ILE E 291 31.79 26.85 -25.71
N ASN E 292 32.01 27.31 -26.97
CA ASN E 292 30.98 27.86 -27.88
C ASN E 292 30.68 26.89 -29.02
N CYS E 293 29.48 26.26 -29.04
CA CYS E 293 29.12 25.22 -30.01
C CYS E 293 28.03 25.68 -30.97
N THR E 294 28.14 25.24 -32.20
CA THR E 294 27.16 25.62 -33.21
C THR E 294 26.92 24.65 -34.34
N ARG E 295 25.72 24.77 -34.90
CA ARG E 295 25.29 24.13 -36.12
C ARG E 295 24.87 25.27 -37.05
N PRO E 296 25.82 25.84 -37.80
CA PRO E 296 25.69 27.05 -38.58
C PRO E 296 25.03 26.84 -39.92
N ASN E 297 23.85 26.26 -39.92
CA ASN E 297 23.11 25.94 -41.14
C ASN E 297 21.66 26.27 -40.94
N ASN E 298 21.07 27.14 -41.78
CA ASN E 298 19.68 27.59 -41.63
C ASN E 298 18.74 26.54 -42.26
N ASN E 299 18.21 25.62 -41.42
CA ASN E 299 17.35 24.52 -41.89
C ASN E 299 15.92 24.96 -42.09
N THR E 300 15.34 24.44 -43.14
CA THR E 300 13.92 24.61 -43.38
C THR E 300 13.31 23.29 -43.03
N VAL E 301 12.40 23.33 -42.07
CA VAL E 301 11.77 22.14 -41.56
C VAL E 301 10.38 21.99 -42.10
N LYS E 302 10.09 20.80 -42.56
CA LYS E 302 8.82 20.46 -43.14
C LYS E 302 8.18 19.35 -42.36
N SER E 303 6.88 19.21 -42.48
CA SER E 303 6.25 18.09 -41.83
C SER E 303 5.14 17.53 -42.67
N ILE E 304 4.89 16.26 -42.46
CA ILE E 304 3.82 15.56 -43.14
C ILE E 304 2.96 14.81 -42.19
N ARG E 305 1.77 14.50 -42.61
CA ARG E 305 0.94 13.64 -41.79
C ARG E 305 1.28 12.24 -42.18
N ILE E 306 1.32 11.35 -41.21
CA ILE E 306 1.60 9.95 -41.51
C ILE E 306 0.47 9.04 -41.08
N GLY E 307 -0.47 9.58 -40.31
CA GLY E 307 -1.60 8.80 -39.85
C GLY E 307 -2.62 9.68 -39.17
N PRO E 308 -3.69 9.12 -38.65
CA PRO E 308 -4.80 9.81 -38.04
C PRO E 308 -4.46 10.44 -36.72
N GLY E 309 -3.86 11.64 -36.82
CA GLY E 309 -3.39 12.40 -35.67
C GLY E 309 -1.88 12.31 -35.47
N GLN E 310 -1.17 11.72 -36.41
CA GLN E 310 0.26 11.58 -36.29
C GLN E 310 0.99 12.34 -37.36
N TRP E 311 2.07 12.99 -36.97
CA TRP E 311 2.88 13.74 -37.92
C TRP E 311 4.35 13.54 -37.67
N PHE E 312 5.08 13.55 -38.77
CA PHE E 312 6.53 13.41 -38.82
C PHE E 312 7.23 14.68 -39.23
N TYR E 313 8.29 15.01 -38.52
CA TYR E 313 9.07 16.21 -38.84
C TYR E 313 10.42 15.89 -39.43
N TYR E 314 10.81 16.63 -40.45
CA TYR E 314 12.09 16.39 -41.08
C TYR E 314 12.71 17.61 -41.72
N THR E 315 14.03 17.55 -41.97
CA THR E 315 14.66 18.67 -42.64
C THR E 315 14.33 18.58 -44.10
N GLY E 316 13.81 19.67 -44.62
CA GLY E 316 13.41 19.78 -46.00
C GLY E 316 14.60 20.17 -46.85
N ASP E 317 15.16 21.32 -46.52
CA ASP E 317 16.30 21.83 -47.26
C ASP E 317 17.17 22.73 -46.39
N ILE E 318 18.27 23.21 -46.96
CA ILE E 318 19.20 24.09 -46.27
C ILE E 318 19.34 25.40 -47.03
N ILE E 319 19.15 26.49 -46.31
CA ILE E 319 19.28 27.81 -46.86
C ILE E 319 20.71 28.24 -46.73
N GLY E 320 21.31 28.62 -47.84
CA GLY E 320 22.70 29.01 -47.83
C GLY E 320 23.59 27.80 -47.98
N ASP E 321 24.85 27.96 -47.62
CA ASP E 321 25.85 26.93 -47.78
C ASP E 321 25.81 25.91 -46.65
N ILE E 322 26.38 24.74 -46.90
CA ILE E 322 26.45 23.68 -45.92
C ILE E 322 27.79 23.66 -45.23
N ARG E 323 27.78 23.84 -43.93
CA ARG E 323 29.00 23.95 -43.16
C ARG E 323 29.02 22.96 -42.00
N GLN E 324 30.19 22.55 -41.56
CA GLN E 324 30.23 21.61 -40.45
C GLN E 324 29.94 22.23 -39.11
N ALA E 325 29.34 21.43 -38.24
CA ALA E 325 29.11 21.82 -36.88
C ALA E 325 30.44 21.83 -36.21
N HIS E 326 30.62 22.70 -35.24
CA HIS E 326 31.89 22.77 -34.54
C HIS E 326 31.76 23.44 -33.17
N CYS E 327 32.81 23.28 -32.31
CA CYS E 327 32.92 23.94 -31.01
C CYS E 327 34.26 24.65 -30.88
N ASN E 328 34.22 25.84 -30.29
CA ASN E 328 35.39 26.67 -30.05
C ASN E 328 35.77 26.73 -28.56
N VAL E 329 37.05 26.38 -28.26
CA VAL E 329 37.67 26.41 -26.92
C VAL E 329 38.90 27.32 -27.00
N SER E 330 39.05 28.33 -26.14
CA SER E 330 40.23 29.20 -26.28
C SER E 330 41.51 28.43 -25.97
N LYS E 331 42.59 28.64 -26.74
CA LYS E 331 43.81 27.91 -26.44
C LYS E 331 44.44 28.25 -25.12
N ALA E 332 44.47 29.53 -24.78
CA ALA E 332 45.16 29.90 -23.55
C ALA E 332 44.48 29.34 -22.33
N THR E 333 43.15 29.39 -22.33
CA THR E 333 42.42 28.90 -21.19
C THR E 333 42.58 27.42 -21.10
N TRP E 334 42.45 26.73 -22.22
CA TRP E 334 42.58 25.30 -22.18
C TRP E 334 43.97 24.84 -21.73
N ASN E 335 45.07 25.48 -22.23
CA ASN E 335 46.44 25.12 -21.86
C ASN E 335 46.70 25.38 -20.37
N GLU E 336 46.14 26.49 -19.78
CA GLU E 336 46.25 26.79 -18.35
C GLU E 336 45.56 25.72 -17.54
N THR E 337 44.40 25.29 -18.03
CA THR E 337 43.63 24.27 -17.37
C THR E 337 44.40 22.98 -17.33
N LEU E 338 45.01 22.58 -18.46
CA LEU E 338 45.76 21.35 -18.40
C LEU E 338 46.96 21.50 -17.50
N GLY E 339 47.61 22.65 -17.49
CA GLY E 339 48.77 22.76 -16.62
C GLY E 339 48.37 22.49 -15.17
N LYS E 340 47.22 23.02 -14.73
CA LYS E 340 46.77 22.76 -13.36
C LYS E 340 46.48 21.30 -13.13
N VAL E 341 45.88 20.65 -14.12
CA VAL E 341 45.56 19.24 -14.00
C VAL E 341 46.84 18.43 -13.86
N VAL E 342 47.85 18.76 -14.65
CA VAL E 342 49.11 18.06 -14.62
C VAL E 342 49.78 18.21 -13.27
N LYS E 343 49.79 19.41 -12.70
CA LYS E 343 50.43 19.53 -11.39
C LYS E 343 49.76 18.64 -10.37
N GLN E 344 48.45 18.58 -10.41
CA GLN E 344 47.73 17.76 -9.44
C GLN E 344 47.93 16.28 -9.71
N LEU E 345 48.10 15.89 -10.98
CA LEU E 345 48.38 14.49 -11.28
C LEU E 345 49.77 14.10 -10.79
N ARG E 346 50.75 15.00 -10.90
CA ARG E 346 52.10 14.68 -10.44
C ARG E 346 52.09 14.32 -8.97
N LYS E 347 51.22 14.94 -8.19
CA LYS E 347 51.15 14.61 -6.77
C LYS E 347 50.82 13.12 -6.50
N HIS E 348 50.23 12.41 -7.47
CA HIS E 348 49.92 11.01 -7.32
C HIS E 348 50.88 10.10 -8.08
N PHE E 349 51.50 10.62 -9.13
CA PHE E 349 52.36 9.78 -9.97
C PHE E 349 53.87 10.04 -9.89
N GLY E 350 54.28 11.13 -9.26
CA GLY E 350 55.67 11.51 -9.12
C GLY E 350 55.92 12.90 -9.69
N ASN E 351 56.89 13.61 -9.11
CA ASN E 351 57.19 14.96 -9.56
C ASN E 351 58.32 15.01 -10.56
N ASN E 352 58.76 13.85 -10.98
CA ASN E 352 59.84 13.67 -11.93
C ASN E 352 59.39 12.85 -13.12
N THR E 353 58.14 12.99 -13.50
CA THR E 353 57.57 12.20 -14.57
C THR E 353 57.06 13.04 -15.73
N ILE E 354 56.60 12.33 -16.73
CA ILE E 354 56.02 12.95 -17.90
C ILE E 354 54.57 12.58 -18.03
N ILE E 355 53.72 13.58 -18.20
CA ILE E 355 52.31 13.35 -18.38
C ILE E 355 51.88 13.67 -19.79
N ARG E 356 51.30 12.70 -20.45
CA ARG E 356 50.92 12.86 -21.83
C ARG E 356 49.46 12.66 -22.06
N PHE E 357 48.88 13.56 -22.82
CA PHE E 357 47.49 13.45 -23.17
C PHE E 357 47.34 12.94 -24.58
N ALA E 358 46.35 12.06 -24.77
CA ALA E 358 46.03 11.45 -26.05
C ALA E 358 44.53 11.32 -26.22
N GLN E 359 44.09 11.15 -27.46
CA GLN E 359 42.67 11.00 -27.74
C GLN E 359 42.24 9.57 -27.47
N SER E 360 40.94 9.28 -27.65
CA SER E 360 40.43 7.95 -27.38
C SER E 360 41.01 6.90 -28.29
N SER E 361 41.22 5.72 -27.73
CA SER E 361 41.78 4.57 -28.43
C SER E 361 40.86 3.94 -29.45
N GLY E 362 39.57 4.22 -29.37
CA GLY E 362 38.63 3.62 -30.30
C GLY E 362 37.33 3.22 -29.62
N GLY E 363 36.42 2.64 -30.39
CA GLY E 363 35.11 2.28 -29.87
C GLY E 363 34.01 3.09 -30.54
N ASP E 364 32.81 2.95 -30.03
CA ASP E 364 31.62 3.59 -30.60
C ASP E 364 31.69 5.11 -30.51
N LEU E 365 31.03 5.79 -31.42
CA LEU E 365 31.05 7.24 -31.43
C LEU E 365 30.64 7.83 -30.08
N GLU E 366 29.69 7.20 -29.41
CA GLU E 366 29.18 7.66 -28.14
C GLU E 366 30.22 7.68 -27.02
N VAL E 367 31.30 6.93 -27.17
CA VAL E 367 32.35 6.88 -26.16
C VAL E 367 33.70 7.41 -26.65
N THR E 368 33.84 7.67 -27.95
CA THR E 368 35.09 8.22 -28.45
C THR E 368 35.01 9.73 -28.65
N THR E 369 33.81 10.27 -28.71
CA THR E 369 33.62 11.70 -28.90
C THR E 369 32.81 12.29 -27.77
N HIS E 370 32.76 13.62 -27.74
CA HIS E 370 32.07 14.41 -26.75
C HIS E 370 30.65 14.64 -27.15
N SER E 371 29.77 13.91 -26.49
CA SER E 371 28.39 13.97 -26.78
C SER E 371 27.69 14.95 -25.89
N PHE E 372 26.83 15.77 -26.47
CA PHE E 372 26.00 16.69 -25.70
C PHE E 372 24.75 17.16 -26.46
N ASN E 373 23.78 17.63 -25.70
CA ASN E 373 22.52 18.18 -26.21
C ASN E 373 22.59 19.73 -26.25
N CYS E 374 22.57 20.33 -27.46
CA CYS E 374 22.71 21.76 -27.73
C CYS E 374 21.48 22.32 -28.42
N GLY E 375 20.57 22.91 -27.65
CA GLY E 375 19.35 23.46 -28.24
C GLY E 375 18.31 22.40 -28.57
N GLY E 376 18.59 21.17 -28.17
CA GLY E 376 17.75 20.04 -28.48
C GLY E 376 18.42 19.22 -29.59
N GLU E 377 19.50 19.75 -30.15
CA GLU E 377 20.23 19.04 -31.19
C GLU E 377 21.26 18.11 -30.57
N PHE E 378 21.60 17.03 -31.26
CA PHE E 378 22.61 16.12 -30.72
C PHE E 378 23.95 16.13 -31.43
N PHE E 379 24.95 16.59 -30.68
CA PHE E 379 26.32 16.78 -31.13
C PHE E 379 27.27 15.71 -30.67
N TYR E 380 28.18 15.34 -31.57
CA TYR E 380 29.29 14.40 -31.34
C TYR E 380 30.62 15.03 -31.77
N CYS E 381 31.31 15.72 -30.83
CA CYS E 381 32.48 16.56 -31.10
C CYS E 381 33.79 15.84 -30.85
N ASN E 382 34.73 16.09 -31.72
CA ASN E 382 36.05 15.48 -31.66
C ASN E 382 36.99 16.27 -30.74
N THR E 383 37.46 15.62 -29.65
CA THR E 383 38.30 16.17 -28.58
C THR E 383 39.79 15.93 -28.80
N SER E 384 40.17 15.44 -29.98
CA SER E 384 41.58 15.19 -30.23
C SER E 384 42.40 16.46 -30.18
N GLY E 385 41.77 17.60 -30.44
CA GLY E 385 42.46 18.88 -30.38
C GLY E 385 42.64 19.36 -28.96
N LEU E 386 41.99 18.72 -28.00
CA LEU E 386 42.11 19.13 -26.62
C LEU E 386 43.10 18.26 -25.87
N PHE E 387 43.20 17.00 -26.25
CA PHE E 387 44.06 16.08 -25.54
C PHE E 387 45.16 15.49 -26.41
N ASN E 388 46.11 16.35 -26.82
CA ASN E 388 47.24 16.02 -27.69
C ASN E 388 48.45 16.86 -27.25
N SER E 389 49.13 16.46 -26.15
CA SER E 389 50.24 17.21 -25.54
C SER E 389 51.09 16.44 -24.55
N THR E 390 52.40 16.67 -24.59
CA THR E 390 53.27 16.01 -23.61
C THR E 390 53.88 17.04 -22.68
N TRP E 391 53.63 16.86 -21.39
CA TRP E 391 54.07 17.74 -20.33
C TRP E 391 55.25 17.14 -19.56
N ILE E 392 56.38 17.79 -19.61
CA ILE E 392 57.58 17.22 -19.00
C ILE E 392 58.06 18.04 -17.79
N SER E 393 58.25 17.38 -16.61
CA SER E 393 58.77 18.04 -15.40
C SER E 393 60.20 18.58 -15.63
N SER E 405 45.29 35.86 -27.43
CA SER E 405 44.80 36.94 -28.29
C SER E 405 43.78 36.36 -29.32
N ASN E 406 42.67 35.78 -28.80
CA ASN E 406 41.55 35.14 -29.52
C ASN E 406 41.98 33.98 -30.41
N ASP E 407 42.98 33.23 -29.98
CA ASP E 407 43.46 32.10 -30.75
C ASP E 407 42.73 30.88 -30.21
N SER E 408 41.79 30.35 -30.99
CA SER E 408 40.95 29.23 -30.56
C SER E 408 41.32 27.87 -31.12
N ILE E 409 40.78 26.85 -30.48
CA ILE E 409 40.88 25.47 -30.88
C ILE E 409 39.55 25.12 -31.48
N THR E 410 39.54 24.61 -32.71
CA THR E 410 38.25 24.26 -33.28
C THR E 410 38.09 22.77 -33.31
N LEU E 411 37.01 22.31 -32.72
CA LEU E 411 36.67 20.92 -32.65
C LEU E 411 35.59 20.67 -33.69
N PRO E 412 35.77 19.82 -34.69
CA PRO E 412 34.75 19.54 -35.67
C PRO E 412 33.73 18.71 -34.93
N CYS E 413 32.44 18.80 -35.30
CA CYS E 413 31.34 18.04 -34.69
C CYS E 413 30.41 17.44 -35.73
N ARG E 414 29.86 16.28 -35.41
CA ARG E 414 28.83 15.70 -36.24
C ARG E 414 27.50 15.77 -35.57
N ILE E 415 26.45 15.69 -36.37
CA ILE E 415 25.07 15.72 -35.91
C ILE E 415 24.41 14.39 -36.17
N LYS E 416 23.69 13.88 -35.18
CA LYS E 416 23.02 12.59 -35.34
C LYS E 416 21.56 12.69 -34.86
N GLN E 417 20.59 12.19 -35.63
CA GLN E 417 19.20 12.26 -35.20
C GLN E 417 18.62 11.04 -34.51
N ILE E 418 19.16 9.83 -34.73
CA ILE E 418 18.54 8.69 -34.05
C ILE E 418 19.43 8.31 -32.90
N ILE E 419 18.93 8.52 -31.70
CA ILE E 419 19.73 8.39 -30.51
C ILE E 419 19.37 7.22 -29.61
N ASN E 420 20.37 6.40 -29.28
CA ASN E 420 20.18 5.29 -28.34
C ASN E 420 20.81 5.68 -27.00
N MET E 421 19.95 6.21 -26.13
CA MET E 421 20.36 6.72 -24.85
C MET E 421 20.61 5.67 -23.81
N TRP E 422 21.42 6.04 -22.82
CA TRP E 422 21.72 5.20 -21.66
C TRP E 422 22.22 3.81 -21.98
N GLN E 423 23.04 3.68 -23.02
CA GLN E 423 23.60 2.41 -23.45
C GLN E 423 22.61 1.24 -23.45
N ARG E 424 21.44 1.47 -24.03
CA ARG E 424 20.40 0.48 -24.09
C ARG E 424 20.17 0.02 -25.50
N ILE E 425 19.55 -1.13 -25.62
CA ILE E 425 19.21 -1.69 -26.91
C ILE E 425 17.72 -1.92 -27.00
N GLY E 426 17.10 -1.48 -28.08
CA GLY E 426 15.67 -1.67 -28.31
C GLY E 426 14.82 -0.43 -28.13
N GLN E 427 15.39 0.63 -27.56
CA GLN E 427 14.66 1.88 -27.38
C GLN E 427 15.31 3.03 -28.13
N ALA E 428 14.89 3.33 -29.35
CA ALA E 428 15.59 4.39 -30.07
C ALA E 428 14.71 5.62 -30.17
N MET E 429 15.31 6.79 -30.00
CA MET E 429 14.58 8.03 -30.12
C MET E 429 14.93 8.81 -31.36
N TYR E 430 13.94 9.36 -32.02
CA TYR E 430 14.24 10.24 -33.13
C TYR E 430 14.12 11.67 -32.67
N ALA E 431 15.18 12.42 -32.86
CA ALA E 431 15.19 13.81 -32.48
C ALA E 431 14.69 14.66 -33.65
N PRO E 432 13.57 15.36 -33.54
CA PRO E 432 13.01 16.17 -34.58
C PRO E 432 14.05 17.21 -34.89
N PRO E 433 14.11 17.72 -36.11
CA PRO E 433 15.00 18.74 -36.56
C PRO E 433 14.60 20.05 -35.97
N ILE E 434 15.54 20.94 -35.88
CA ILE E 434 15.26 22.29 -35.41
C ILE E 434 15.47 23.32 -36.50
N GLN E 435 14.40 24.08 -36.75
CA GLN E 435 14.40 25.10 -37.78
C GLN E 435 15.31 26.24 -37.40
N GLY E 436 16.02 26.78 -38.38
CA GLY E 436 16.92 27.88 -38.08
C GLY E 436 18.32 27.40 -37.78
N VAL E 437 19.03 28.17 -36.98
CA VAL E 437 20.45 28.00 -36.68
C VAL E 437 20.66 27.86 -35.19
N ILE E 438 21.51 26.92 -34.79
CA ILE E 438 21.73 26.70 -33.36
C ILE E 438 23.07 27.13 -32.85
N ARG E 439 23.03 27.88 -31.77
CA ARG E 439 24.22 28.31 -31.07
C ARG E 439 23.97 28.12 -29.56
N CYS E 440 24.94 27.55 -28.81
CA CYS E 440 24.87 27.39 -27.36
C CYS E 440 26.24 27.62 -26.76
N VAL E 441 26.26 28.17 -25.58
CA VAL E 441 27.50 28.39 -24.86
C VAL E 441 27.40 27.72 -23.51
N SER E 442 28.40 26.93 -23.18
CA SER E 442 28.40 26.20 -21.92
C SER E 442 29.76 26.22 -21.24
N ASN E 443 29.80 25.82 -19.94
CA ASN E 443 31.01 25.78 -19.13
C ASN E 443 31.50 24.34 -18.93
N ILE E 444 32.80 24.09 -19.16
CA ILE E 444 33.45 22.81 -18.86
C ILE E 444 33.85 22.97 -17.41
N THR E 445 33.33 22.12 -16.55
CA THR E 445 33.57 22.25 -15.13
C THR E 445 34.36 21.08 -14.58
N GLY E 446 34.66 20.15 -15.44
CA GLY E 446 35.40 18.97 -15.07
C GLY E 446 35.64 18.04 -16.24
N LEU E 447 36.62 17.19 -16.08
CA LEU E 447 37.07 16.21 -17.06
C LEU E 447 36.89 14.77 -16.61
N ILE E 448 36.68 13.85 -17.55
CA ILE E 448 36.72 12.43 -17.20
C ILE E 448 37.95 11.85 -17.87
N LEU E 449 38.90 11.33 -17.10
CA LEU E 449 40.12 10.76 -17.69
C LEU E 449 40.33 9.29 -17.36
N THR E 450 41.01 8.59 -18.24
CA THR E 450 41.40 7.22 -17.98
C THR E 450 42.91 7.19 -18.04
N ARG E 451 43.53 6.15 -17.52
CA ARG E 451 44.98 6.06 -17.56
C ARG E 451 45.39 4.76 -18.23
N ASP E 452 46.48 4.82 -18.99
CA ASP E 452 46.98 3.65 -19.70
C ASP E 452 47.88 2.76 -18.82
N GLY E 453 48.39 1.65 -19.38
CA GLY E 453 49.27 0.68 -18.74
C GLY E 453 50.68 1.25 -18.54
N SER E 458 57.24 2.36 -18.13
CA SER E 458 58.11 3.41 -18.62
C SER E 458 58.07 4.59 -17.63
N THR E 459 58.41 5.81 -18.11
CA THR E 459 58.47 7.07 -17.35
C THR E 459 57.37 8.06 -17.73
N THR E 460 56.54 7.67 -18.69
CA THR E 460 55.46 8.52 -19.15
C THR E 460 54.11 7.91 -18.87
N GLU E 461 53.29 8.70 -18.21
CA GLU E 461 51.93 8.35 -17.88
C GLU E 461 51.03 8.92 -18.97
N THR E 462 50.21 8.10 -19.60
CA THR E 462 49.36 8.60 -20.66
C THR E 462 47.90 8.56 -20.23
N PHE E 463 47.23 9.69 -20.43
CA PHE E 463 45.83 9.85 -20.09
C PHE E 463 44.97 10.14 -21.30
N ARG E 464 43.78 9.61 -21.27
CA ARG E 464 42.82 9.79 -22.36
C ARG E 464 41.48 10.20 -21.80
N PRO E 465 40.66 10.93 -22.52
CA PRO E 465 39.34 11.25 -22.05
C PRO E 465 38.51 9.98 -22.02
N GLY E 466 37.77 9.76 -20.94
CA GLY E 466 36.98 8.54 -20.83
C GLY E 466 35.62 8.98 -20.40
N GLY E 467 34.60 8.36 -20.96
CA GLY E 467 33.27 8.80 -20.63
C GLY E 467 32.22 7.73 -20.72
N GLY E 468 31.05 8.07 -20.22
CA GLY E 468 29.93 7.17 -20.24
C GLY E 468 29.59 6.73 -18.83
N ASP E 469 28.85 5.61 -18.81
CA ASP E 469 28.32 4.87 -17.65
C ASP E 469 27.18 5.51 -16.86
N MET E 470 26.94 6.77 -17.20
CA MET E 470 25.92 7.65 -16.64
C MET E 470 25.62 7.54 -15.15
N ARG E 471 26.69 7.38 -14.41
CA ARG E 471 26.73 7.23 -12.97
C ARG E 471 27.95 8.02 -12.50
N ASP E 472 28.98 8.04 -13.34
CA ASP E 472 30.18 8.78 -13.01
C ASP E 472 29.95 10.24 -13.22
N ASN E 473 29.08 10.60 -14.14
CA ASN E 473 28.86 12.02 -14.28
C ASN E 473 28.12 12.53 -13.05
N TRP E 474 27.14 11.77 -12.57
CA TRP E 474 26.39 12.23 -11.41
C TRP E 474 27.25 12.30 -10.21
N ARG E 475 28.16 11.36 -10.03
CA ARG E 475 29.01 11.31 -8.85
C ARG E 475 29.74 12.63 -8.66
N SER E 476 29.87 13.44 -9.71
CA SER E 476 30.62 14.68 -9.59
C SER E 476 29.84 15.74 -8.86
N GLU E 477 28.52 15.54 -8.69
CA GLU E 477 27.72 16.51 -7.96
C GLU E 477 27.31 15.87 -6.65
N LEU E 478 26.92 14.61 -6.70
CA LEU E 478 26.52 13.88 -5.51
C LEU E 478 27.70 13.23 -4.83
N TYR E 479 28.65 14.02 -4.39
CA TYR E 479 29.78 13.47 -3.67
C TYR E 479 29.84 14.06 -2.28
N LYS E 480 29.11 15.12 -2.07
CA LYS E 480 29.12 15.80 -0.80
C LYS E 480 28.04 15.30 0.08
N TYR E 481 27.16 14.48 -0.45
CA TYR E 481 26.01 14.08 0.33
C TYR E 481 25.99 12.64 0.76
N LYS E 482 25.55 12.42 1.98
CA LYS E 482 25.36 11.08 2.50
C LYS E 482 24.01 10.97 3.18
N VAL E 483 23.33 9.85 3.04
CA VAL E 483 22.04 9.69 3.71
C VAL E 483 22.16 8.88 4.97
N VAL E 484 21.63 9.42 6.07
CA VAL E 484 21.68 8.70 7.32
C VAL E 484 20.30 8.58 7.94
N LYS E 485 20.09 7.52 8.71
CA LYS E 485 18.86 7.27 9.43
C LYS E 485 18.97 7.79 10.81
N ILE E 486 17.95 8.45 11.26
CA ILE E 486 17.96 9.01 12.59
C ILE E 486 17.50 7.95 13.55
N GLU E 487 18.27 7.77 14.63
CA GLU E 487 17.97 6.77 15.65
C GLU E 487 17.77 7.42 17.00
N PRO E 488 16.58 7.97 17.31
CA PRO E 488 16.29 8.79 18.45
C PRO E 488 16.25 8.08 19.78
N LEU E 489 16.22 6.76 19.80
CA LEU E 489 16.11 6.06 21.08
C LEU E 489 17.43 5.49 21.55
N GLY E 490 17.73 5.66 22.82
CA GLY E 490 18.93 5.04 23.37
C GLY E 490 18.96 5.10 24.89
N VAL E 491 19.98 4.48 25.47
CA VAL E 491 20.08 4.43 26.92
C VAL E 491 21.45 4.86 27.40
N ALA E 492 21.53 5.23 28.68
CA ALA E 492 22.78 5.58 29.34
C ALA E 492 22.59 5.40 30.85
N PRO E 493 23.64 5.15 31.65
CA PRO E 493 23.58 5.08 33.09
C PRO E 493 23.42 6.43 33.74
N THR E 494 22.68 6.48 34.83
CA THR E 494 22.55 7.70 35.60
C THR E 494 22.18 7.44 37.06
N ARG E 495 21.83 8.53 37.74
CA ARG E 495 21.53 8.56 39.17
C ARG E 495 20.06 8.27 39.62
N CYS E 496 19.05 8.45 38.75
CA CYS E 496 17.63 8.30 39.06
C CYS E 496 17.14 6.86 38.88
N LYS E 497 16.10 6.49 39.61
CA LYS E 497 15.48 5.19 39.41
C LYS E 497 13.99 5.27 39.65
N ARG E 498 13.22 4.48 38.86
CA ARG E 498 11.74 4.19 38.79
C ARG E 498 11.27 3.83 37.39
N SER F 1 18.03 27.14 20.51
CA SER F 1 18.51 27.97 19.41
C SER F 1 19.19 27.16 18.26
N LEU F 2 19.27 25.83 18.39
CA LEU F 2 19.86 24.89 17.41
C LEU F 2 18.79 24.27 16.56
N GLY F 3 19.17 23.86 15.36
CA GLY F 3 18.23 23.16 14.52
C GLY F 3 18.40 21.68 14.72
N PHE F 4 17.82 20.92 13.81
CA PHE F 4 17.82 19.48 13.92
C PHE F 4 19.23 18.94 13.90
N LEU F 5 19.56 18.13 14.92
CA LEU F 5 20.87 17.52 15.12
C LEU F 5 21.97 18.53 15.37
N GLY F 6 21.64 19.76 15.69
CA GLY F 6 22.68 20.75 15.92
C GLY F 6 23.51 20.45 17.16
N ALA F 7 22.97 19.61 18.02
CA ALA F 7 23.64 19.22 19.24
C ALA F 7 24.58 18.06 19.00
N ALA F 8 24.56 17.47 17.83
CA ALA F 8 25.43 16.34 17.64
C ALA F 8 26.83 16.82 17.81
N GLY F 9 27.65 16.07 18.50
CA GLY F 9 29.04 16.44 18.71
C GLY F 9 29.23 17.11 20.07
N SER F 10 28.13 17.57 20.69
CA SER F 10 28.21 18.20 21.99
C SER F 10 28.24 17.07 22.98
N THR F 11 28.48 17.35 24.24
CA THR F 11 28.54 16.25 25.16
C THR F 11 27.16 15.69 25.39
N MET F 12 27.10 14.47 25.93
CA MET F 12 25.82 13.85 26.19
C MET F 12 25.00 14.69 27.13
N GLY F 13 25.64 15.29 28.11
CA GLY F 13 24.93 16.13 29.04
C GLY F 13 24.28 17.28 28.31
N ALA F 14 25.06 18.02 27.53
CA ALA F 14 24.52 19.16 26.81
C ALA F 14 23.43 18.80 25.81
N ALA F 15 23.60 17.67 25.15
CA ALA F 15 22.69 17.20 24.13
C ALA F 15 21.36 16.74 24.70
N SER F 16 21.33 16.36 25.97
CA SER F 16 20.09 15.91 26.58
C SER F 16 19.06 17.02 26.63
N MET F 17 19.45 18.27 26.45
CA MET F 17 18.49 19.35 26.52
C MET F 17 17.85 19.71 25.18
N THR F 18 18.17 18.98 24.12
CA THR F 18 17.59 19.26 22.82
C THR F 18 16.76 18.09 22.34
N LEU F 19 16.37 17.21 23.23
CA LEU F 19 15.65 16.02 22.80
C LEU F 19 14.38 16.40 22.04
N THR F 20 13.72 17.47 22.47
CA THR F 20 12.51 17.95 21.84
C THR F 20 12.76 18.33 20.39
N VAL F 21 13.93 18.92 20.11
CA VAL F 21 14.27 19.39 18.78
C VAL F 21 14.34 18.24 17.82
N GLN F 22 14.88 17.13 18.25
CA GLN F 22 14.90 16.03 17.31
C GLN F 22 13.56 15.32 17.27
N ALA F 23 12.91 15.16 18.42
CA ALA F 23 11.67 14.41 18.44
C ALA F 23 10.58 15.04 17.58
N ARG F 24 10.51 16.37 17.56
CA ARG F 24 9.43 17.03 16.83
C ARG F 24 9.65 17.03 15.33
N ASN F 25 10.82 16.59 14.88
CA ASN F 25 11.09 16.53 13.46
C ASN F 25 10.96 15.11 12.91
N LEU F 26 10.45 14.21 13.73
CA LEU F 26 10.18 12.86 13.28
C LEU F 26 8.79 13.00 12.71
N LEU F 27 8.39 12.16 11.76
CA LEU F 27 7.06 12.23 11.09
C LEU F 27 6.94 13.42 10.10
N SER F 28 7.24 14.66 10.58
CA SER F 28 7.22 15.96 9.89
C SER F 28 7.47 15.86 8.37
N THR F 51 3.17 5.10 -13.87
CA THR F 51 3.63 6.14 -12.97
C THR F 51 3.94 5.51 -11.58
N HIS F 52 5.25 5.32 -11.29
CA HIS F 52 5.81 4.76 -10.06
C HIS F 52 5.96 5.79 -8.94
N TRP F 53 5.73 7.04 -9.29
CA TRP F 53 5.92 8.14 -8.37
C TRP F 53 4.93 8.11 -7.22
N GLY F 54 3.72 7.62 -7.47
CA GLY F 54 2.72 7.52 -6.42
C GLY F 54 3.18 6.53 -5.38
N ILE F 55 3.87 5.49 -5.83
CA ILE F 55 4.33 4.47 -4.93
C ILE F 55 5.48 5.05 -4.14
N LYS F 56 6.41 5.74 -4.78
CA LYS F 56 7.50 6.26 -3.96
C LYS F 56 7.00 7.17 -2.86
N GLN F 57 5.98 8.00 -3.13
CA GLN F 57 5.52 8.86 -2.05
C GLN F 57 4.81 8.07 -0.97
N LEU F 58 4.02 7.07 -1.34
CA LEU F 58 3.38 6.31 -0.29
C LEU F 58 4.38 5.51 0.50
N GLN F 59 5.40 4.97 -0.12
CA GLN F 59 6.37 4.20 0.63
C GLN F 59 7.12 5.10 1.59
N ALA F 60 7.46 6.31 1.15
CA ALA F 60 8.16 7.22 2.03
C ALA F 60 7.32 7.59 3.24
N ARG F 61 6.03 7.82 3.04
CA ARG F 61 5.17 8.20 4.14
C ARG F 61 4.93 7.04 5.08
N VAL F 62 4.71 5.86 4.52
CA VAL F 62 4.43 4.69 5.31
C VAL F 62 5.61 4.31 6.12
N LEU F 63 6.79 4.35 5.54
CA LEU F 63 7.96 3.97 6.28
C LEU F 63 8.19 4.90 7.45
N ALA F 64 8.02 6.21 7.26
CA ALA F 64 8.25 7.13 8.36
C ALA F 64 7.31 6.83 9.51
N VAL F 65 6.06 6.49 9.19
CA VAL F 65 5.10 6.16 10.21
C VAL F 65 5.45 4.87 10.92
N GLU F 66 5.84 3.85 10.18
CA GLU F 66 6.15 2.59 10.82
C GLU F 66 7.31 2.73 11.78
N HIS F 67 8.31 3.50 11.43
CA HIS F 67 9.42 3.62 12.35
C HIS F 67 9.01 4.37 13.59
N TYR F 68 8.21 5.42 13.43
CA TYR F 68 7.75 6.16 14.57
C TYR F 68 6.99 5.25 15.53
N LEU F 69 6.07 4.47 14.98
CA LEU F 69 5.26 3.63 15.82
C LEU F 69 6.05 2.55 16.51
N ARG F 70 7.06 1.98 15.86
CA ARG F 70 7.81 0.96 16.56
C ARG F 70 8.56 1.55 17.75
N ASP F 71 9.07 2.77 17.62
CA ASP F 71 9.74 3.34 18.79
C ASP F 71 8.74 3.61 19.89
N GLN F 72 7.55 4.06 19.52
CA GLN F 72 6.59 4.33 20.55
C GLN F 72 6.10 3.05 21.22
N GLN F 73 5.97 1.97 20.46
CA GLN F 73 5.51 0.75 21.07
C GLN F 73 6.51 0.28 22.07
N LEU F 74 7.78 0.42 21.75
CA LEU F 74 8.78 -0.05 22.64
C LEU F 74 8.79 0.78 23.92
N LEU F 75 8.64 2.09 23.80
CA LEU F 75 8.59 2.90 25.01
C LEU F 75 7.39 2.50 25.81
N GLY F 76 6.30 2.17 25.14
CA GLY F 76 5.09 1.77 25.81
C GLY F 76 5.32 0.54 26.65
N ILE F 77 5.95 -0.47 26.08
CA ILE F 77 6.19 -1.70 26.80
C ILE F 77 7.02 -1.44 28.04
N TRP F 78 8.01 -0.58 27.92
CA TRP F 78 8.88 -0.25 29.02
C TRP F 78 8.25 0.70 30.05
N GLY F 79 7.06 1.22 29.79
CA GLY F 79 6.41 2.19 30.68
C GLY F 79 6.88 3.66 30.56
N CYS F 80 7.46 4.05 29.40
CA CYS F 80 8.04 5.36 29.10
C CYS F 80 7.26 6.07 27.99
N SER F 81 6.00 5.71 27.79
CA SER F 81 5.27 6.26 26.65
C SER F 81 5.07 7.77 26.61
N GLY F 82 5.03 8.42 27.74
CA GLY F 82 4.81 9.85 27.72
C GLY F 82 6.04 10.69 27.99
N LYS F 83 7.23 10.10 28.00
CA LYS F 83 8.38 10.90 28.42
C LYS F 83 9.55 10.92 27.45
N LEU F 84 10.32 12.00 27.45
CA LEU F 84 11.53 12.05 26.67
C LEU F 84 12.67 11.54 27.54
N ILE F 85 12.58 11.79 28.85
CA ILE F 85 13.58 11.26 29.79
C ILE F 85 12.85 10.33 30.75
N CYS F 86 13.13 9.01 30.72
CA CYS F 86 12.43 8.00 31.53
C CYS F 86 13.37 7.18 32.40
N CYS F 87 13.17 7.30 33.70
CA CYS F 87 14.01 6.61 34.67
C CYS F 87 13.37 5.25 34.95
N THR F 88 14.14 4.16 34.83
CA THR F 88 13.57 2.83 35.04
C THR F 88 14.15 2.12 36.25
N ASN F 89 13.78 0.84 36.43
CA ASN F 89 14.18 -0.01 37.56
C ASN F 89 15.22 -1.07 37.23
N VAL F 90 15.94 -0.90 36.14
CA VAL F 90 16.99 -1.84 35.77
C VAL F 90 18.31 -1.23 36.16
N PRO F 91 19.13 -1.87 37.01
CA PRO F 91 20.41 -1.40 37.46
C PRO F 91 21.37 -1.50 36.32
N TRP F 92 22.39 -0.67 36.32
CA TRP F 92 23.40 -0.71 35.29
C TRP F 92 24.48 -1.74 35.65
N ASN F 93 24.85 -2.59 34.67
CA ASN F 93 25.89 -3.60 34.76
C ASN F 93 27.21 -3.05 34.19
N SER F 94 28.30 -3.15 34.99
CA SER F 94 29.63 -2.66 34.64
C SER F 94 30.23 -3.41 33.45
N SER F 95 29.65 -4.56 33.13
CA SER F 95 30.09 -5.34 31.99
C SER F 95 29.66 -4.66 30.68
N TRP F 96 28.67 -3.77 30.74
CA TRP F 96 28.21 -3.08 29.55
C TRP F 96 29.14 -1.92 29.33
N SER F 97 29.42 -1.21 30.42
CA SER F 97 30.35 -0.08 30.41
C SER F 97 30.77 0.19 31.84
N ASN F 98 32.06 0.41 32.07
CA ASN F 98 32.58 0.65 33.42
C ASN F 98 33.13 2.05 33.66
N ARG F 99 32.66 3.02 32.90
CA ARG F 99 33.10 4.40 33.04
C ARG F 99 32.45 5.09 34.22
N ASN F 100 33.05 6.17 34.61
CA ASN F 100 32.51 7.04 35.61
C ASN F 100 31.43 7.83 35.06
N LEU F 101 30.51 8.35 35.87
CA LEU F 101 29.53 9.17 35.17
C LEU F 101 30.11 10.42 34.54
N SER F 102 31.14 11.06 35.09
CA SER F 102 31.74 12.20 34.37
C SER F 102 32.33 11.83 33.01
N GLU F 103 33.07 10.75 33.01
CA GLU F 103 33.66 10.30 31.80
C GLU F 103 32.63 10.07 30.77
N ILE F 104 31.34 9.93 31.11
CA ILE F 104 30.33 9.62 30.11
C ILE F 104 29.61 10.87 29.72
N TRP F 105 29.10 11.58 30.69
CA TRP F 105 28.26 12.73 30.44
C TRP F 105 28.99 14.01 30.03
N ASP F 106 30.21 14.21 30.52
CA ASP F 106 30.96 15.42 30.20
C ASP F 106 32.01 15.25 29.11
N ASN F 107 32.51 14.02 28.91
CA ASN F 107 33.60 13.79 27.96
C ASN F 107 33.28 12.92 26.74
N MET F 108 32.01 12.69 26.47
CA MET F 108 31.59 11.89 25.32
C MET F 108 30.38 12.49 24.69
N THR F 109 30.20 12.22 23.40
CA THR F 109 28.97 12.61 22.73
C THR F 109 28.12 11.37 22.54
N TRP F 110 26.88 11.55 22.08
CA TRP F 110 25.99 10.40 21.94
C TRP F 110 26.38 9.46 20.82
N LEU F 111 27.02 9.97 19.79
CA LEU F 111 27.41 9.10 18.70
C LEU F 111 28.45 8.10 19.18
N GLN F 112 29.35 8.57 20.03
CA GLN F 112 30.42 7.74 20.56
C GLN F 112 29.89 6.73 21.53
N TRP F 113 28.96 7.18 22.37
CA TRP F 113 28.37 6.32 23.35
C TRP F 113 27.63 5.20 22.68
N ASP F 114 26.84 5.52 21.66
CA ASP F 114 26.07 4.50 21.01
C ASP F 114 26.99 3.45 20.43
N LYS F 115 28.13 3.84 19.89
CA LYS F 115 29.02 2.82 19.38
C LYS F 115 29.60 1.97 20.52
N GLU F 116 30.00 2.61 21.61
CA GLU F 116 30.61 1.88 22.73
C GLU F 116 29.75 0.79 23.29
N ILE F 117 28.46 1.03 23.38
CA ILE F 117 27.59 0.02 23.97
C ILE F 117 26.67 -0.64 22.97
N SER F 118 27.01 -0.63 21.68
CA SER F 118 26.12 -1.23 20.68
C SER F 118 25.88 -2.75 20.83
N ASN F 119 26.79 -3.47 21.54
CA ASN F 119 26.72 -4.92 21.77
C ASN F 119 25.83 -5.33 22.95
N TYR F 120 25.27 -4.36 23.73
CA TYR F 120 24.46 -4.65 24.90
C TYR F 120 23.05 -4.17 24.71
N THR F 121 22.77 -3.61 23.55
CA THR F 121 21.48 -3.02 23.31
C THR F 121 20.34 -3.99 23.52
N GLN F 122 20.47 -5.23 23.07
CA GLN F 122 19.35 -6.13 23.19
C GLN F 122 19.26 -6.79 24.55
N ILE F 123 20.29 -6.62 25.37
CA ILE F 123 20.27 -7.18 26.69
C ILE F 123 19.51 -6.19 27.51
N ILE F 124 19.86 -4.93 27.33
CA ILE F 124 19.22 -3.91 28.10
C ILE F 124 17.76 -3.87 27.74
N TYR F 125 17.44 -3.94 26.46
CA TYR F 125 16.05 -3.87 26.10
C TYR F 125 15.27 -5.04 26.67
N GLY F 126 15.82 -6.25 26.65
CA GLY F 126 15.07 -7.36 27.22
C GLY F 126 14.84 -7.16 28.71
N LEU F 127 15.83 -6.63 29.42
CA LEU F 127 15.68 -6.43 30.85
C LEU F 127 14.61 -5.41 31.13
N LEU F 128 14.53 -4.38 30.30
CA LEU F 128 13.53 -3.36 30.50
C LEU F 128 12.14 -3.93 30.33
N GLU F 129 11.95 -4.83 29.35
CA GLU F 129 10.61 -5.40 29.18
C GLU F 129 10.24 -6.22 30.40
N GLU F 130 11.18 -6.98 30.93
CA GLU F 130 10.90 -7.84 32.07
C GLU F 130 10.58 -7.03 33.31
N SER F 131 11.32 -5.95 33.52
CA SER F 131 11.10 -5.12 34.68
C SER F 131 9.73 -4.51 34.66
N GLN F 132 9.31 -3.98 33.52
CA GLN F 132 8.00 -3.37 33.51
C GLN F 132 6.91 -4.40 33.67
N ASN F 133 7.08 -5.60 33.12
CA ASN F 133 6.01 -6.58 33.30
C ASN F 133 5.86 -6.92 34.76
N GLN F 134 6.98 -7.03 35.49
CA GLN F 134 6.92 -7.33 36.91
C GLN F 134 6.25 -6.19 37.65
N GLN F 135 6.53 -4.96 37.23
CA GLN F 135 5.95 -3.80 37.87
C GLN F 135 4.44 -3.77 37.68
N GLU F 136 3.96 -4.11 36.49
CA GLU F 136 2.53 -4.08 36.31
C GLU F 136 1.83 -5.12 37.15
N LYS F 137 2.41 -6.30 37.26
CA LYS F 137 1.77 -7.31 38.06
C LYS F 137 1.72 -6.89 39.51
N ASN F 138 2.79 -6.31 40.01
CA ASN F 138 2.79 -5.95 41.42
C ASN F 138 1.70 -4.93 41.71
N GLU F 139 1.52 -3.97 40.80
CA GLU F 139 0.51 -2.95 41.03
C GLU F 139 -0.89 -3.51 41.02
N GLN F 140 -1.17 -4.43 40.09
CA GLN F 140 -2.51 -4.97 39.99
C GLN F 140 -2.86 -5.71 41.27
N ASP F 141 -1.90 -6.44 41.81
CA ASP F 141 -2.19 -7.17 43.02
C ASP F 141 -2.37 -6.27 44.22
N LEU F 142 -1.61 -5.17 44.32
CA LEU F 142 -1.81 -4.30 45.47
C LEU F 142 -3.18 -3.66 45.46
N LEU F 143 -3.66 -3.28 44.30
CA LEU F 143 -4.99 -2.67 44.26
C LEU F 143 -6.04 -3.67 44.67
N ALA F 144 -5.89 -4.92 44.22
CA ALA F 144 -6.83 -5.97 44.60
C ALA F 144 -6.79 -6.26 46.10
N LEU F 145 -5.61 -6.15 46.68
CA LEU F 145 -5.43 -6.45 48.10
C LEU F 145 -6.26 -5.56 49.04
N ASP F 146 -6.27 -4.22 48.81
CA ASP F 146 -7.00 -3.24 49.62
C ASP F 146 -6.83 -1.84 48.99
N UNK G 1 10.54 -23.39 53.43
CA UNK G 1 11.95 -23.51 53.06
C UNK G 1 12.85 -22.37 53.61
N UNK G 2 12.26 -21.37 54.31
CA UNK G 2 12.96 -20.20 54.88
C UNK G 2 13.79 -20.53 56.12
N UNK G 3 14.99 -19.96 56.16
CA UNK G 3 15.89 -20.05 57.30
C UNK G 3 15.51 -19.03 58.36
N UNK G 4 14.35 -19.24 58.96
CA UNK G 4 13.77 -18.30 59.92
C UNK G 4 14.39 -18.46 61.31
N UNK G 5 15.66 -18.11 61.41
CA UNK G 5 16.40 -18.16 62.66
C UNK G 5 16.33 -16.83 63.38
N UNK G 6 15.52 -16.76 64.44
CA UNK G 6 15.30 -15.53 65.18
C UNK G 6 16.53 -15.15 66.01
N UNK G 7 16.75 -13.85 66.18
CA UNK G 7 17.86 -13.32 67.01
C UNK G 7 17.52 -13.29 68.49
N UNK G 8 18.55 -13.36 69.32
CA UNK G 8 18.39 -13.20 70.76
C UNK G 8 17.91 -11.79 71.06
N UNK G 9 17.13 -11.64 72.12
CA UNK G 9 16.61 -10.33 72.49
C UNK G 9 16.45 -10.19 73.99
N UNK G 10 16.42 -8.94 74.44
CA UNK G 10 16.25 -8.53 75.83
C UNK G 10 14.81 -8.41 76.30
N UNK G 11 13.84 -8.59 75.41
CA UNK G 11 12.43 -8.36 75.74
C UNK G 11 12.25 -6.95 76.25
N UNK G 12 12.95 -6.03 75.60
CA UNK G 12 12.97 -4.62 75.92
C UNK G 12 13.49 -3.83 74.73
N UNK G 13 13.32 -2.51 74.78
CA UNK G 13 13.89 -1.61 73.76
C UNK G 13 13.50 -1.98 72.34
N UNK G 14 12.21 -2.13 72.12
CA UNK G 14 11.61 -2.49 70.84
C UNK G 14 12.14 -3.79 70.28
N UNK G 15 12.25 -4.78 71.16
CA UNK G 15 12.70 -6.14 70.92
C UNK G 15 14.10 -6.20 70.38
N UNK G 16 14.98 -5.37 70.91
CA UNK G 16 16.37 -5.35 70.48
C UNK G 16 16.46 -5.26 68.97
N UNK G 17 17.06 -6.27 68.32
CA UNK G 17 17.22 -6.25 66.88
C UNK G 17 17.23 -7.66 66.36
N UNK G 18 16.83 -7.84 65.11
CA UNK G 18 16.85 -9.14 64.48
C UNK G 18 16.94 -9.01 62.99
N UNK G 19 17.42 -10.07 62.35
CA UNK G 19 17.48 -10.17 60.91
C UNK G 19 17.55 -11.62 60.49
N UNK G 20 16.50 -12.41 60.73
CA UNK G 20 16.60 -13.82 60.41
C UNK G 20 16.96 -13.94 58.96
N UNK G 21 17.87 -14.84 58.61
CA UNK G 21 18.23 -14.90 57.21
C UNK G 21 17.04 -15.17 56.35
N UNK G 22 16.16 -16.06 56.78
CA UNK G 22 14.94 -16.37 56.06
C UNK G 22 15.24 -16.75 54.61
N UNK G 23 16.46 -17.21 54.37
CA UNK G 23 16.92 -17.59 53.06
C UNK G 23 16.10 -18.74 52.65
N UNK G 24 15.79 -18.86 51.38
CA UNK G 24 14.95 -19.97 50.97
C UNK G 24 15.28 -20.50 49.60
N UNK G 25 14.85 -21.74 49.41
CA UNK G 25 15.01 -22.49 48.19
C UNK G 25 14.40 -21.81 46.98
N UNK G 26 13.40 -20.97 47.28
CA UNK G 26 12.66 -20.18 46.30
C UNK G 26 13.47 -19.01 45.68
N UNK G 27 14.71 -18.81 46.14
CA UNK G 27 15.59 -17.75 45.62
C UNK G 27 14.89 -16.39 45.63
N UNK G 28 14.30 -16.07 46.78
CA UNK G 28 13.51 -14.86 47.03
C UNK G 28 12.29 -14.85 46.11
N UNK G 29 12.15 -13.79 45.33
CA UNK G 29 11.30 -13.75 44.13
C UNK G 29 9.80 -13.67 44.37
N UNK G 30 9.34 -13.91 45.61
CA UNK G 30 7.91 -13.70 45.80
C UNK G 30 7.61 -13.00 47.10
N UNK G 31 6.42 -12.44 47.17
CA UNK G 31 5.92 -11.77 48.36
C UNK G 31 5.73 -12.78 49.47
N UNK G 32 5.75 -12.29 50.71
CA UNK G 32 5.66 -13.07 51.94
C UNK G 32 5.09 -12.23 53.08
N UNK G 33 4.77 -12.85 54.22
CA UNK G 33 4.28 -12.09 55.37
C UNK G 33 4.71 -12.69 56.71
N UNK G 34 4.84 -11.81 57.70
CA UNK G 34 5.19 -12.16 59.08
C UNK G 34 4.00 -12.51 59.95
N UNK G 35 4.24 -13.16 61.11
CA UNK G 35 3.18 -13.57 62.10
C UNK G 35 3.70 -14.06 63.46
N UNK G 36 3.48 -13.27 64.52
CA UNK G 36 3.93 -13.69 65.83
C UNK G 36 3.12 -13.38 67.11
N UNK G 37 3.43 -12.24 67.75
CA UNK G 37 2.90 -11.90 69.09
C UNK G 37 1.62 -11.09 69.41
N UNK G 38 0.54 -11.83 69.64
CA UNK G 38 -0.77 -11.33 70.12
C UNK G 38 -1.52 -12.56 70.63
N UNK G 39 -2.44 -12.39 71.59
CA UNK G 39 -3.21 -13.49 72.22
C UNK G 39 -2.38 -14.57 72.94
N UNK G 40 -2.40 -15.82 72.47
CA UNK G 40 -1.61 -16.86 73.14
C UNK G 40 -0.70 -17.20 71.97
N UNK G 41 -0.06 -18.36 72.01
CA UNK G 41 0.79 -18.77 70.89
C UNK G 41 0.27 -18.97 69.47
N UNK G 42 1.23 -19.13 68.55
CA UNK G 42 1.02 -19.40 67.11
C UNK G 42 0.48 -18.31 66.17
N UNK G 43 -0.69 -17.75 66.45
CA UNK G 43 -1.27 -16.76 65.53
C UNK G 43 -1.52 -15.33 66.02
N UNK G 44 -1.04 -14.37 65.23
CA UNK G 44 -1.18 -12.95 65.51
C UNK G 44 -0.99 -12.17 64.21
N UNK G 45 -1.42 -10.90 64.19
CA UNK G 45 -1.29 -10.08 62.99
C UNK G 45 0.01 -9.25 62.93
N UNK G 46 0.84 -9.56 61.94
CA UNK G 46 2.08 -8.84 61.73
C UNK G 46 2.11 -8.36 60.27
N UNK G 47 2.95 -7.37 59.98
CA UNK G 47 3.05 -6.82 58.64
C UNK G 47 3.53 -7.81 57.58
N UNK G 48 2.96 -7.64 56.40
CA UNK G 48 3.27 -8.34 55.17
C UNK G 48 4.46 -7.71 54.49
N UNK G 49 4.94 -8.33 53.41
CA UNK G 49 5.98 -7.73 52.61
C UNK G 49 5.83 -8.11 51.13
N UNK G 50 5.78 -7.12 50.23
CA UNK G 50 5.70 -7.39 48.81
C UNK G 50 6.94 -8.14 48.41
N UNK G 51 8.04 -7.77 49.06
CA UNK G 51 9.32 -8.39 48.87
C UNK G 51 9.55 -8.64 47.40
N UNK G 52 9.99 -9.83 47.06
CA UNK G 52 10.19 -10.15 45.66
C UNK G 52 11.09 -9.08 45.04
N UNK G 53 10.65 -8.48 43.94
CA UNK G 53 11.41 -7.44 43.25
C UNK G 53 11.15 -6.06 43.87
N UNK G 54 10.26 -6.05 44.85
CA UNK G 54 9.75 -4.89 45.55
C UNK G 54 10.25 -4.78 47.01
N UNK G 55 9.99 -3.61 47.57
CA UNK G 55 10.24 -3.30 48.97
C UNK G 55 9.13 -3.95 49.78
N UNK G 56 9.26 -4.09 51.11
CA UNK G 56 8.12 -4.71 51.77
C UNK G 56 6.86 -3.91 51.47
N UNK G 57 6.94 -2.58 51.50
CA UNK G 57 5.80 -1.76 51.14
C UNK G 57 4.52 -2.24 51.83
N UNK G 58 4.58 -2.50 53.13
CA UNK G 58 3.42 -3.04 53.80
C UNK G 58 3.39 -2.82 55.30
N UNK G 59 2.18 -2.93 55.83
CA UNK G 59 1.90 -2.85 57.26
C UNK G 59 0.59 -3.57 57.51
N UNK G 60 0.36 -3.95 58.75
CA UNK G 60 -0.89 -4.55 59.18
C UNK G 60 -1.28 -3.86 60.46
N UNK G 61 -1.48 -2.54 60.37
CA UNK G 61 -1.62 -1.66 61.53
C UNK G 61 -0.39 -1.79 62.42
N UNK G 62 0.76 -1.86 61.76
CA UNK G 62 2.06 -2.00 62.40
C UNK G 62 2.61 -0.67 62.90
N UNK G 63 3.43 -0.74 63.94
CA UNK G 63 4.14 0.40 64.48
C UNK G 63 5.43 -0.11 65.07
N UNK G 64 6.49 0.71 65.08
CA UNK G 64 7.76 0.28 65.68
C UNK G 64 8.11 -1.09 65.13
N UNK G 65 8.17 -1.18 63.82
CA UNK G 65 8.37 -2.43 63.12
C UNK G 65 9.24 -2.20 61.92
N UNK G 66 9.81 -3.28 61.40
CA UNK G 66 10.70 -3.21 60.24
C UNK G 66 10.57 -4.47 59.45
N UNK G 67 10.94 -4.40 58.18
CA UNK G 67 10.93 -5.58 57.34
C UNK G 67 11.98 -5.42 56.25
N UNK G 68 12.47 -6.55 55.76
CA UNK G 68 13.45 -6.57 54.68
C UNK G 68 13.37 -7.89 53.95
N UNK G 69 13.89 -7.89 52.71
CA UNK G 69 14.00 -9.10 51.91
C UNK G 69 15.19 -8.97 50.99
N UNK G 70 16.41 -9.14 51.51
CA UNK G 70 17.57 -8.90 50.65
C UNK G 70 17.40 -9.69 49.37
N UNK G 71 17.67 -9.09 48.22
CA UNK G 71 17.39 -9.85 47.01
C UNK G 71 18.13 -11.17 46.90
N UNK G 72 19.38 -11.21 47.33
CA UNK G 72 20.18 -12.43 47.20
C UNK G 72 19.98 -13.45 48.33
N UNK G 73 19.69 -12.96 49.52
CA UNK G 73 19.60 -13.82 50.69
C UNK G 73 18.21 -13.93 51.32
N UNK G 74 17.31 -13.04 50.95
CA UNK G 74 15.98 -12.85 51.53
C UNK G 74 16.07 -12.46 53.01
N UNK G 75 17.21 -11.90 53.41
CA UNK G 75 17.42 -11.51 54.80
C UNK G 75 16.36 -10.56 55.25
N UNK G 76 15.82 -10.87 56.43
CA UNK G 76 14.77 -10.19 57.14
C UNK G 76 15.25 -9.07 58.01
N UNK G 77 14.30 -8.32 58.52
CA UNK G 77 14.54 -7.26 59.48
C UNK G 77 13.37 -7.26 60.41
N UNK G 78 13.56 -6.81 61.65
CA UNK G 78 12.47 -6.73 62.60
C UNK G 78 12.72 -5.74 63.74
N UNK G 79 11.62 -5.30 64.34
CA UNK G 79 11.52 -4.43 65.52
C UNK G 79 10.11 -4.63 66.09
N UNK G 80 9.87 -4.25 67.35
CA UNK G 80 8.48 -4.34 67.84
C UNK G 80 8.01 -3.23 68.78
N UNK G 81 6.78 -2.78 68.59
CA UNK G 81 6.22 -1.73 69.43
C UNK G 81 5.68 -2.38 70.69
N UNK G 82 5.73 -1.66 71.81
CA UNK G 82 5.26 -2.17 73.10
C UNK G 82 5.93 -3.52 73.38
N UNK G 83 7.26 -3.53 73.28
CA UNK G 83 8.02 -4.76 73.42
C UNK G 83 7.80 -5.52 74.71
N UNK G 84 7.61 -6.82 74.52
CA UNK G 84 7.38 -7.81 75.56
C UNK G 84 7.75 -9.18 75.01
N UNK G 85 7.82 -10.20 75.86
CA UNK G 85 8.18 -11.52 75.36
C UNK G 85 7.10 -11.94 74.36
N UNK G 86 7.54 -12.48 73.23
CA UNK G 86 6.62 -12.88 72.17
C UNK G 86 6.40 -14.38 72.14
N UNK G 87 5.68 -14.86 71.13
CA UNK G 87 5.40 -16.28 71.01
C UNK G 87 5.07 -16.69 69.57
N UNK G 88 5.66 -17.79 69.12
CA UNK G 88 5.45 -18.32 67.76
C UNK G 88 5.67 -17.30 66.65
N UNK G 89 6.94 -17.00 66.39
CA UNK G 89 7.30 -16.03 65.39
C UNK G 89 7.23 -16.83 64.11
N UNK G 90 6.76 -16.25 63.03
CA UNK G 90 6.72 -17.05 61.84
C UNK G 90 6.70 -16.24 60.57
N UNK G 91 7.01 -16.89 59.46
CA UNK G 91 6.90 -16.22 58.16
C UNK G 91 6.48 -17.19 57.07
N UNK G 92 5.69 -16.70 56.12
CA UNK G 92 5.19 -17.53 55.01
C UNK G 92 5.18 -16.80 53.70
N UNK G 93 5.27 -17.54 52.61
CA UNK G 93 5.16 -16.97 51.29
C UNK G 93 3.73 -16.50 51.06
N UNK G 94 3.58 -15.56 50.18
CA UNK G 94 2.30 -15.01 49.79
C UNK G 94 1.71 -15.79 48.63
N UNK G 95 0.44 -15.54 48.37
CA UNK G 95 -0.27 -16.11 47.25
C UNK G 95 0.31 -15.66 45.94
N UNK G 96 0.14 -16.49 44.91
CA UNK G 96 0.60 -16.21 43.56
C UNK G 96 -0.02 -14.93 42.97
N UNK G 97 -1.25 -14.62 43.36
CA UNK G 97 -1.95 -13.44 42.86
C UNK G 97 -2.96 -12.98 43.86
N UNK G 98 -3.36 -11.73 43.75
CA UNK G 98 -4.43 -11.19 44.57
C UNK G 98 -5.55 -10.74 43.66
N UNK G 99 -5.18 -10.29 42.48
CA UNK G 99 -6.17 -9.79 41.52
C UNK G 99 -7.01 -10.90 40.98
N UNK G 100 -6.40 -12.04 40.80
CA UNK G 100 -7.08 -13.21 40.32
C UNK G 100 -7.78 -13.79 41.51
N UNK G 101 -8.61 -14.79 41.29
CA UNK G 101 -9.31 -15.43 42.39
C UNK G 101 -8.37 -16.11 43.38
N UNK G 102 -7.16 -16.37 42.94
CA UNK G 102 -6.19 -17.08 43.75
C UNK G 102 -5.98 -16.39 45.07
N UNK G 103 -5.83 -17.20 46.09
CA UNK G 103 -5.55 -16.76 47.44
C UNK G 103 -4.81 -17.90 48.05
N UNK G 104 -3.95 -17.65 49.02
CA UNK G 104 -3.26 -18.74 49.68
C UNK G 104 -2.67 -18.28 50.97
N UNK G 105 -2.48 -19.22 51.89
CA UNK G 105 -1.75 -18.95 53.11
C UNK G 105 -0.31 -19.47 53.04
N UNK G 106 0.02 -20.14 51.93
CA UNK G 106 1.32 -20.79 51.69
C UNK G 106 1.69 -21.66 52.89
N UNK G 107 2.91 -21.52 53.42
CA UNK G 107 3.28 -22.27 54.59
C UNK G 107 4.17 -21.43 55.49
N UNK G 108 3.86 -21.44 56.79
CA UNK G 108 4.58 -20.64 57.80
C UNK G 108 5.71 -21.34 58.52
N UNK G 109 6.93 -20.81 58.34
CA UNK G 109 8.14 -21.31 58.96
C UNK G 109 8.11 -20.89 60.42
N UNK G 110 8.60 -21.75 61.32
CA UNK G 110 8.63 -21.42 62.75
C UNK G 110 9.89 -20.73 63.20
N UNK G 111 9.75 -19.83 64.17
CA UNK G 111 10.83 -19.13 64.83
C UNK G 111 10.39 -18.62 66.21
N UNK G 112 11.30 -18.35 67.12
CA UNK G 112 10.87 -17.65 68.34
C UNK G 112 12.04 -16.95 69.03
N UNK G 113 11.76 -15.83 69.67
CA UNK G 113 12.77 -15.14 70.49
C UNK G 113 12.14 -14.08 71.41
N UNK G 114 12.69 -13.90 72.64
CA UNK G 114 12.28 -12.91 73.68
C UNK G 114 11.79 -11.58 73.08
N UNK H 1 -10.42 -9.71 62.83
CA UNK H 1 -10.59 -10.67 63.92
C UNK H 1 -11.72 -11.65 63.56
N UNK H 2 -11.57 -12.92 64.02
CA UNK H 2 -12.51 -14.03 63.83
C UNK H 2 -12.24 -15.14 64.85
N UNK H 3 -13.20 -16.02 65.07
CA UNK H 3 -12.92 -17.15 65.98
C UNK H 3 -13.72 -18.39 65.65
N UNK H 4 -13.03 -19.53 65.58
CA UNK H 4 -13.72 -20.76 65.26
C UNK H 4 -14.68 -21.22 66.36
N UNK H 5 -15.83 -21.72 65.93
CA UNK H 5 -16.81 -22.34 66.78
C UNK H 5 -16.32 -23.74 67.08
N UNK H 6 -16.84 -24.38 68.13
CA UNK H 6 -16.38 -25.72 68.46
C UNK H 6 -14.88 -25.69 68.65
N UNK H 7 -14.46 -24.87 69.62
CA UNK H 7 -13.07 -24.57 69.95
C UNK H 7 -12.26 -25.80 70.31
N UNK H 8 -12.90 -26.88 70.70
CA UNK H 8 -12.19 -28.10 71.01
C UNK H 8 -13.12 -29.29 70.86
N UNK H 9 -12.66 -30.29 70.14
CA UNK H 9 -13.41 -31.53 69.98
C UNK H 9 -12.49 -32.68 69.61
N UNK H 10 -12.87 -33.91 69.95
CA UNK H 10 -12.08 -35.05 69.50
C UNK H 10 -12.25 -35.24 68.02
N UNK H 11 -11.18 -35.67 67.35
CA UNK H 11 -11.25 -35.98 65.93
C UNK H 11 -11.79 -37.40 65.75
N UNK H 12 -13.04 -37.58 66.20
CA UNK H 12 -13.73 -38.86 66.19
C UNK H 12 -14.59 -39.10 64.97
N UNK H 13 -15.00 -38.03 64.30
CA UNK H 13 -15.89 -38.13 63.18
C UNK H 13 -15.70 -36.94 62.29
N UNK H 14 -16.12 -37.05 61.04
CA UNK H 14 -15.92 -35.91 60.17
C UNK H 14 -16.60 -34.68 60.76
N UNK H 15 -15.96 -33.53 60.65
CA UNK H 15 -16.53 -32.33 61.27
C UNK H 15 -16.16 -30.99 60.65
N UNK H 16 -17.02 -30.01 60.92
CA UNK H 16 -16.85 -28.63 60.46
C UNK H 16 -17.40 -27.68 61.50
N UNK H 17 -16.89 -26.44 61.50
CA UNK H 17 -17.44 -25.42 62.37
C UNK H 17 -17.28 -24.06 61.73
N UNK H 18 -18.28 -23.21 61.94
CA UNK H 18 -18.25 -21.84 61.44
C UNK H 18 -17.40 -20.99 62.35
N UNK H 19 -16.88 -19.89 61.84
CA UNK H 19 -16.14 -18.97 62.69
C UNK H 19 -16.88 -17.65 62.75
N UNK H 20 -16.80 -17.03 63.91
CA UNK H 20 -17.35 -15.70 64.12
C UNK H 20 -16.45 -14.74 63.42
N UNK H 21 -16.95 -13.59 63.00
CA UNK H 21 -16.04 -12.62 62.41
C UNK H 21 -16.47 -11.21 62.70
N UNK H 22 -15.48 -10.33 62.73
CA UNK H 22 -15.64 -8.89 62.94
C UNK H 22 -15.93 -8.17 61.63
N UNK H 23 -15.97 -8.92 60.55
CA UNK H 23 -16.19 -8.37 59.24
C UNK H 23 -16.93 -9.35 58.36
N UNK H 24 -17.61 -8.83 57.35
CA UNK H 24 -18.31 -9.67 56.40
C UNK H 24 -17.33 -10.22 55.39
N UNK H 25 -16.57 -11.19 55.84
CA UNK H 25 -15.48 -11.81 55.10
C UNK H 25 -15.94 -12.36 53.76
N UNK H 26 -15.05 -12.15 52.78
CA UNK H 26 -15.19 -12.53 51.39
C UNK H 26 -15.24 -14.02 51.18
N UNK H 27 -15.79 -14.44 50.04
CA UNK H 27 -15.88 -15.86 49.74
C UNK H 27 -14.51 -16.54 49.75
N UNK H 28 -13.45 -15.82 49.37
CA UNK H 28 -12.11 -16.39 49.35
C UNK H 28 -11.41 -16.31 50.69
N UNK H 29 -12.05 -15.72 51.68
CA UNK H 29 -11.44 -15.47 52.97
C UNK H 29 -11.65 -16.57 54.01
N UNK H 30 -11.28 -17.81 53.69
CA UNK H 30 -11.38 -18.88 54.67
C UNK H 30 -10.29 -19.92 54.43
N UNK H 31 -9.02 -19.50 54.49
CA UNK H 31 -7.89 -20.39 54.21
C UNK H 31 -7.48 -21.17 55.46
N UNK H 32 -7.64 -22.50 55.45
CA UNK H 32 -7.40 -23.34 56.64
C UNK H 32 -5.93 -23.68 56.92
N UNK H 33 -5.15 -22.64 57.29
CA UNK H 33 -3.73 -22.75 57.60
C UNK H 33 -3.48 -22.97 59.09
N UNK H 34 -3.10 -24.18 59.47
CA UNK H 34 -2.93 -24.51 60.88
C UNK H 34 -2.04 -25.74 61.05
N UNK H 35 -1.60 -26.02 62.28
CA UNK H 35 -0.73 -27.16 62.50
C UNK H 35 -0.92 -27.88 63.85
N UNK H 36 -0.36 -29.09 63.89
CA UNK H 36 -0.33 -29.99 65.03
C UNK H 36 0.97 -29.88 65.83
N UNK H 37 0.92 -30.37 67.09
CA UNK H 37 2.09 -30.48 67.98
C UNK H 37 2.86 -29.19 68.27
N UNK H 38 2.14 -28.10 68.53
CA UNK H 38 2.75 -26.81 68.89
C UNK H 38 3.72 -26.31 67.83
N UNK H 39 3.35 -26.50 66.59
CA UNK H 39 4.09 -26.10 65.42
C UNK H 39 3.52 -24.81 64.86
N UNK H 40 4.33 -24.13 64.04
CA UNK H 40 3.84 -22.96 63.32
C UNK H 40 2.85 -23.52 62.34
N UNK H 41 2.00 -22.69 61.77
CA UNK H 41 1.00 -23.25 60.88
C UNK H 41 1.63 -24.10 59.79
N UNK H 42 2.84 -23.78 59.33
CA UNK H 42 3.46 -24.56 58.29
C UNK H 42 2.47 -24.76 57.17
N UNK H 43 2.39 -25.96 56.61
CA UNK H 43 1.50 -26.22 55.48
C UNK H 43 0.22 -26.91 55.91
N UNK H 44 -0.85 -26.70 55.15
CA UNK H 44 -2.11 -27.35 55.46
C UNK H 44 -2.97 -27.54 54.22
N UNK H 45 -3.84 -28.54 54.30
CA UNK H 45 -4.82 -28.79 53.26
C UNK H 45 -5.87 -27.72 53.29
N UNK H 46 -6.36 -27.31 52.11
CA UNK H 46 -7.43 -26.31 51.97
C UNK H 46 -7.04 -24.98 52.58
N UNK H 47 -5.74 -24.70 52.65
CA UNK H 47 -5.26 -23.42 53.13
C UNK H 47 -5.17 -22.41 51.99
N UNK H 48 -6.32 -22.20 51.34
CA UNK H 48 -6.53 -21.28 50.23
C UNK H 48 -8.02 -21.00 50.05
N UNK H 49 -8.37 -19.83 49.55
CA UNK H 49 -9.75 -19.49 49.23
C UNK H 49 -10.67 -19.93 50.35
N UNK H 50 -11.71 -20.70 50.00
CA UNK H 50 -12.63 -21.28 50.96
C UNK H 50 -13.05 -22.64 50.43
N UNK H 51 -13.80 -22.62 49.34
CA UNK H 51 -14.24 -23.87 48.72
C UNK H 51 -13.13 -24.39 47.83
N UNK H 52 -12.03 -24.78 48.43
CA UNK H 52 -10.86 -25.22 47.71
C UNK H 52 -10.02 -26.17 48.50
N UNK H 53 -9.25 -26.98 47.80
CA UNK H 53 -8.27 -27.80 48.47
C UNK H 53 -6.91 -27.28 48.12
N UNK H 54 -5.99 -27.33 49.06
CA UNK H 54 -4.62 -26.95 48.78
C UNK H 54 -3.97 -28.11 48.09
N UNK H 55 -2.82 -27.88 47.45
CA UNK H 55 -2.11 -28.99 46.83
C UNK H 55 -1.41 -29.75 47.95
N UNK H 56 -2.22 -30.57 48.61
CA UNK H 56 -1.93 -31.30 49.82
C UNK H 56 -2.76 -32.55 49.85
N UNK H 57 -2.44 -33.49 50.72
CA UNK H 57 -3.26 -34.70 50.81
C UNK H 57 -4.52 -34.39 51.61
N UNK H 58 -5.39 -33.62 50.98
CA UNK H 58 -6.62 -33.10 51.52
C UNK H 58 -7.70 -34.16 51.59
N UNK H 59 -8.51 -34.06 52.63
CA UNK H 59 -9.68 -34.89 52.81
C UNK H 59 -10.72 -34.07 53.55
N UNK H 60 -11.11 -32.94 52.95
CA UNK H 60 -12.03 -32.03 53.62
C UNK H 60 -12.79 -31.15 52.65
N UNK H 61 -14.00 -30.76 53.04
CA UNK H 61 -14.79 -29.78 52.29
C UNK H 61 -14.95 -28.47 53.08
N UNK H 62 -14.04 -27.52 52.82
CA UNK H 62 -13.99 -26.28 53.61
C UNK H 62 -14.92 -25.21 53.07
N UNK H 63 -15.66 -25.55 52.05
CA UNK H 63 -16.57 -24.61 51.44
C UNK H 63 -17.53 -24.06 52.44
N UNK H 64 -17.74 -22.75 52.39
CA UNK H 64 -18.63 -22.10 53.31
C UNK H 64 -19.20 -20.82 52.73
N UNK H 65 -20.33 -20.39 53.28
CA UNK H 65 -20.97 -19.15 52.88
C UNK H 65 -20.16 -17.88 53.18
N UNK H 66 -20.21 -16.96 52.24
CA UNK H 66 -19.55 -15.65 52.28
C UNK H 66 -20.24 -14.67 53.21
N UNK H 67 -19.60 -13.50 53.38
CA UNK H 67 -20.04 -12.40 54.22
C UNK H 67 -20.15 -12.85 55.65
N UNK H 68 -19.18 -13.67 56.01
CA UNK H 68 -19.00 -14.26 57.33
C UNK H 68 -20.19 -15.07 57.79
N UNK H 69 -21.01 -15.55 56.86
CA UNK H 69 -22.13 -16.36 57.21
C UNK H 69 -21.69 -17.72 57.76
N UNK H 70 -20.58 -18.26 57.25
CA UNK H 70 -20.12 -19.57 57.68
C UNK H 70 -18.63 -19.78 57.42
N UNK H 71 -18.12 -20.85 58.00
CA UNK H 71 -16.76 -21.32 57.76
C UNK H 71 -16.87 -22.83 57.86
N UNK H 72 -15.92 -23.55 57.30
CA UNK H 72 -16.01 -24.99 57.37
C UNK H 72 -14.67 -25.68 57.28
N UNK H 73 -14.69 -26.94 57.67
CA UNK H 73 -13.58 -27.84 57.52
C UNK H 73 -14.14 -29.05 56.84
N UNK H 74 -15.03 -29.76 57.54
CA UNK H 74 -15.70 -30.96 57.03
C UNK H 74 -14.64 -31.93 56.65
N UNK H 75 -13.67 -32.03 57.55
CA UNK H 75 -12.55 -32.92 57.43
C UNK H 75 -13.01 -34.28 57.78
N UNK H 76 -12.40 -35.27 57.16
CA UNK H 76 -12.67 -36.68 57.40
C UNK H 76 -12.34 -37.14 58.83
N UNK H 77 -11.54 -36.35 59.54
CA UNK H 77 -11.11 -36.66 60.90
C UNK H 77 -10.37 -37.98 60.94
N UNK H 78 -9.51 -38.20 59.97
CA UNK H 78 -8.72 -39.41 59.91
C UNK H 78 -7.52 -39.25 60.81
N UNK H 79 -7.81 -39.25 62.12
CA UNK H 79 -6.92 -38.99 63.25
C UNK H 79 -5.78 -39.97 63.28
N UNK H 80 -6.04 -41.15 62.73
CA UNK H 80 -5.07 -42.21 62.65
C UNK H 80 -3.85 -41.76 61.86
N UNK H 81 -4.07 -40.90 60.85
CA UNK H 81 -2.98 -40.38 60.07
C UNK H 81 -2.54 -39.04 60.64
N UNK H 82 -3.52 -38.18 60.92
CA UNK H 82 -3.20 -36.87 61.47
C UNK H 82 -4.40 -36.18 62.13
N UNK H 83 -4.09 -35.28 63.05
CA UNK H 83 -5.05 -34.38 63.66
C UNK H 83 -4.27 -33.11 63.95
N UNK H 84 -4.92 -31.95 63.83
CA UNK H 84 -4.29 -30.65 64.05
C UNK H 84 -5.29 -29.61 64.48
N UNK H 85 -4.81 -28.53 65.05
CA UNK H 85 -5.70 -27.43 65.39
C UNK H 85 -6.12 -26.81 64.09
N UNK H 86 -7.25 -26.12 64.05
CA UNK H 86 -7.63 -25.49 62.80
C UNK H 86 -8.38 -24.19 62.92
N UNK H 87 -8.04 -23.28 62.02
CA UNK H 87 -8.63 -21.96 61.89
C UNK H 87 -8.51 -21.51 60.48
N UNK H 88 -9.34 -20.59 60.08
CA UNK H 88 -9.19 -20.07 58.73
C UNK H 88 -8.77 -18.61 58.73
N UNK H 89 -7.84 -18.29 57.82
CA UNK H 89 -7.33 -16.96 57.59
C UNK H 89 -8.12 -16.21 56.54
N UNK H 90 -8.31 -14.91 56.74
CA UNK H 90 -8.99 -14.07 55.78
C UNK H 90 -8.14 -13.80 54.55
N UNK H 91 -8.80 -13.40 53.46
CA UNK H 91 -8.17 -13.03 52.19
C UNK H 91 -8.68 -11.68 51.76
N UNK H 92 -8.81 -10.77 52.73
CA UNK H 92 -9.33 -9.44 52.46
C UNK H 92 -8.85 -8.42 53.51
N UNK H 93 -8.89 -7.15 53.10
CA UNK H 93 -8.60 -5.93 53.90
C UNK H 93 -7.20 -5.83 54.49
N UNK H 94 -6.20 -6.24 53.72
CA UNK H 94 -4.77 -6.09 54.03
C UNK H 94 -4.27 -6.88 55.24
N UNK H 95 -4.74 -6.53 56.43
CA UNK H 95 -4.27 -7.21 57.62
C UNK H 95 -4.64 -8.67 57.52
N UNK H 96 -5.80 -8.94 56.94
CA UNK H 96 -6.26 -10.30 56.70
C UNK H 96 -6.12 -11.16 57.94
N UNK H 97 -6.64 -10.67 59.06
CA UNK H 97 -6.52 -11.38 60.32
C UNK H 97 -7.15 -12.76 60.26
N UNK H 98 -6.52 -13.71 60.97
CA UNK H 98 -7.02 -15.07 61.04
C UNK H 98 -7.88 -15.33 62.24
N UNK H 99 -8.72 -16.33 62.12
CA UNK H 99 -9.55 -16.82 63.18
C UNK H 99 -8.78 -17.60 64.23
N UNK H 100 -9.32 -17.59 65.45
CA UNK H 100 -8.81 -18.45 66.52
C UNK H 100 -9.05 -19.91 66.15
N UNK H 101 -8.07 -20.78 66.42
CA UNK H 101 -8.20 -22.20 66.09
C UNK H 101 -8.85 -23.06 67.13
N UNK H 102 -9.54 -24.07 66.62
CA UNK H 102 -10.12 -25.11 67.44
C UNK H 102 -9.10 -26.22 67.62
N UNK H 103 -9.10 -26.87 68.77
CA UNK H 103 -8.22 -28.00 69.03
C UNK H 103 -8.78 -29.32 68.53
N UNK H 104 -7.89 -30.23 68.14
CA UNK H 104 -8.28 -31.58 67.74
C UNK H 104 -7.78 -32.58 68.77
N UNK H 105 -8.70 -33.10 69.57
CA UNK H 105 -8.38 -33.99 70.67
C UNK H 105 -8.29 -35.44 70.18
N UNK H 106 -7.60 -36.27 70.94
CA UNK H 106 -7.54 -37.67 70.59
C UNK H 106 -8.93 -38.28 70.73
N UNK H 107 -9.29 -39.20 69.80
CA UNK H 107 -10.54 -39.95 69.76
C UNK H 107 -10.25 -41.40 70.12
#